data_8TQB
#
_entry.id   8TQB
#
loop_
_entity.id
_entity.type
_entity.pdbx_description
1 polymer 'Metabotropic glutamate receptor 3'
2 non-polymer '(1R,4R,5S,6R)-4-azanyl-2-oxabicyclo[3.1.0]hexane-4,6-dicarboxylic acid'
3 non-polymer 'CALCIUM ION'
#
_entity_poly.entity_id   1
_entity_poly.type   'polypeptide(L)'
_entity_poly.pdbx_seq_one_letter_code
;MKMLTRLQILMLALFSKGFLLSLGDHNFMRREIKIEGDLVLGGLFPINEKGTGTEECGRINEDRGIQRLEAMLFAIDEIN
KDNYLLPGVKLGVHILDTCSRDTYALEQSLEFVRASLTKVDEAEYMCPDGSYAIQENIPLLIAGVIGGSYSSVSIQVANL
LRLFQIPQISYASTSAKLSDKSRYDYFARTVPPDFYQAKAMAEILRFFNWTYVSTVASEGDYGETGIEAFEQEARLRNIC
IATAEKVGRSNIRKSYDSVIRELLQKPNARVVVLFMRSDDSRELIAAANRVNASFTWVASDGWGAQESIVKGSEHVAYGA
ITLELASHPVRQFDRYFQSLNPYNNHRNPWFRDFWEQKFQCSLQNKRNHRQVCDKHLAIDSSNYEQESKIMFVVNAVYAM
AHALHKMQRTLCPNTTKLCDAMKILDGKKLYKEYLLKINFTAPFNPNKGADSIVKFDTFGDGMGRYNVFNLQQTGGKYSY
LKVGHWAETLSLDVDSIHWSRNSVPTSQCSDPCAPNEMKNMQPGDVCCWICIPCEPYEYLVDEFTCMDCGPGQWPTADLS
GCYNLPEDYIKWEDAWAIGPVTIACLGFLCTCIVITVFIKHNNTPLVKASGRELCYILLFGVSLSYCMTFFFIAKPSPVI
CALRRLGLGTSFAICYSALLTKTNCIARIFDGVKNGAQRPKFISPSSQVFICLGLILVQIVMVSVWLILETPGTRRYTLP
EKRETVILKCNVKDSSMLISLTYDVVLVILCTVYAFKTRKCPENFNEAKFIGFTMYTTCIIWLAFLPIFYVTSSDYRVQT
TTMCISVSLSGFVVLGCLFAPKVHIVLFQPQKNVVTHRLHLNRFSVSGTATTYSQSSASTYVPTVCNGREVLDSTTSSLA
GLVPRGSAAAKSAWSHPQFEKGGGSGGGSGGGSWSHPQFEK
;
_entity_poly.pdbx_strand_id   A,B
#
# COMPACT_ATOMS: atom_id res chain seq x y z
N ARG A 30 -7.82 -34.07 -44.34
CA ARG A 30 -7.96 -35.29 -45.12
C ARG A 30 -8.33 -36.47 -44.23
N ARG A 31 -8.06 -36.33 -42.93
CA ARG A 31 -8.39 -37.35 -41.94
C ARG A 31 -9.68 -36.96 -41.24
N GLU A 32 -10.67 -37.83 -41.29
CA GLU A 32 -12.00 -37.50 -40.78
C GLU A 32 -12.78 -38.80 -40.57
N ILE A 33 -13.94 -38.66 -39.94
CA ILE A 33 -14.90 -39.75 -39.77
C ILE A 33 -16.18 -39.33 -40.44
N LYS A 34 -16.66 -40.13 -41.40
CA LYS A 34 -17.92 -39.88 -42.08
C LYS A 34 -18.74 -41.17 -42.05
N ILE A 35 -19.97 -41.06 -41.56
CA ILE A 35 -20.89 -42.19 -41.52
C ILE A 35 -22.20 -41.77 -42.18
N GLU A 36 -22.67 -42.57 -43.12
CA GLU A 36 -23.90 -42.24 -43.84
C GLU A 36 -25.11 -42.33 -42.90
N GLY A 37 -26.03 -41.39 -43.07
CA GLY A 37 -27.23 -41.38 -42.26
C GLY A 37 -28.23 -40.37 -42.79
N ASP A 38 -29.48 -40.54 -42.36
CA ASP A 38 -30.52 -39.61 -42.77
C ASP A 38 -30.24 -38.21 -42.26
N LEU A 39 -29.76 -38.08 -41.03
CA LEU A 39 -29.33 -36.82 -40.46
C LEU A 39 -27.90 -36.98 -39.96
N VAL A 40 -27.04 -36.04 -40.33
CA VAL A 40 -25.62 -36.10 -39.99
C VAL A 40 -25.32 -35.02 -38.96
N LEU A 41 -24.59 -35.40 -37.92
CA LEU A 41 -24.18 -34.49 -36.86
C LEU A 41 -22.68 -34.26 -36.94
N GLY A 42 -22.28 -32.98 -36.96
CA GLY A 42 -20.87 -32.67 -36.95
C GLY A 42 -20.29 -32.72 -35.54
N GLY A 43 -18.99 -32.98 -35.48
CA GLY A 43 -18.32 -33.06 -34.20
C GLY A 43 -16.88 -32.61 -34.25
N LEU A 44 -16.51 -31.70 -33.35
CA LEU A 44 -15.17 -31.16 -33.27
C LEU A 44 -14.53 -31.62 -31.97
N PHE A 45 -13.40 -32.31 -32.06
CA PHE A 45 -12.71 -32.84 -30.90
C PHE A 45 -11.22 -32.53 -31.00
N PRO A 46 -10.59 -32.14 -29.89
CA PRO A 46 -9.14 -31.91 -29.91
C PRO A 46 -8.39 -33.24 -29.87
N ILE A 47 -8.53 -34.00 -30.96
CA ILE A 47 -8.03 -35.37 -30.97
C ILE A 47 -6.52 -35.39 -30.86
N ASN A 48 -5.84 -34.50 -31.57
CA ASN A 48 -4.39 -34.39 -31.53
C ASN A 48 -4.01 -33.08 -30.85
N GLU A 49 -3.08 -33.14 -29.91
CA GLU A 49 -2.64 -31.96 -29.19
C GLU A 49 -1.98 -30.97 -30.14
N LYS A 50 -2.06 -29.69 -29.79
CA LYS A 50 -1.47 -28.63 -30.61
C LYS A 50 0.03 -28.86 -30.78
N GLY A 51 0.51 -28.73 -32.01
CA GLY A 51 1.90 -28.93 -32.32
C GLY A 51 2.74 -27.71 -32.03
N THR A 52 4.01 -27.80 -32.40
CA THR A 52 4.96 -26.72 -32.20
C THR A 52 4.77 -25.65 -33.28
N GLY A 53 5.75 -24.74 -33.39
CA GLY A 53 5.66 -23.72 -34.43
C GLY A 53 5.67 -24.31 -35.82
N THR A 54 6.52 -25.32 -36.05
CA THR A 54 6.63 -25.91 -37.39
C THR A 54 5.42 -26.76 -37.72
N GLU A 55 4.97 -27.59 -36.78
CA GLU A 55 3.89 -28.53 -37.02
C GLU A 55 2.61 -28.02 -36.39
N GLU A 56 1.55 -27.91 -37.20
CA GLU A 56 0.26 -27.44 -36.70
C GLU A 56 -0.32 -28.41 -35.68
N CYS A 57 -0.20 -29.71 -35.94
CA CYS A 57 -0.83 -30.74 -35.12
C CYS A 57 0.24 -31.64 -34.53
N GLY A 58 0.28 -31.75 -33.21
CA GLY A 58 1.32 -32.50 -32.53
C GLY A 58 0.93 -33.91 -32.13
N ARG A 59 1.10 -34.24 -30.86
CA ARG A 59 0.79 -35.57 -30.37
C ARG A 59 -0.72 -35.75 -30.24
N ILE A 60 -1.14 -36.97 -29.93
CA ILE A 60 -2.55 -37.29 -29.78
C ILE A 60 -2.98 -36.99 -28.35
N ASN A 61 -4.21 -36.52 -28.20
CA ASN A 61 -4.80 -36.23 -26.89
C ASN A 61 -5.54 -37.47 -26.43
N GLU A 62 -4.87 -38.28 -25.61
CA GLU A 62 -5.41 -39.59 -25.25
C GLU A 62 -6.72 -39.47 -24.47
N ASP A 63 -6.78 -38.53 -23.54
CA ASP A 63 -7.94 -38.43 -22.65
C ASP A 63 -9.02 -37.50 -23.21
N ARG A 64 -8.66 -36.25 -23.49
CA ARG A 64 -9.64 -35.24 -23.86
C ARG A 64 -9.84 -35.13 -25.37
N GLY A 65 -9.24 -36.01 -26.16
CA GLY A 65 -9.42 -35.95 -27.59
C GLY A 65 -9.94 -37.23 -28.22
N ILE A 66 -9.69 -38.36 -27.58
CA ILE A 66 -10.06 -39.67 -28.12
C ILE A 66 -11.23 -40.27 -27.35
N GLN A 67 -11.17 -40.21 -26.01
CA GLN A 67 -12.29 -40.69 -25.21
C GLN A 67 -13.56 -39.91 -25.53
N ARG A 68 -13.43 -38.59 -25.68
CA ARG A 68 -14.57 -37.78 -26.08
C ARG A 68 -15.02 -38.14 -27.49
N LEU A 69 -14.07 -38.35 -28.41
CA LEU A 69 -14.43 -38.73 -29.77
C LEU A 69 -15.18 -40.04 -29.80
N GLU A 70 -14.70 -41.03 -29.06
CA GLU A 70 -15.42 -42.30 -28.99
C GLU A 70 -16.72 -42.17 -28.22
N ALA A 71 -16.80 -41.21 -27.30
CA ALA A 71 -18.05 -40.96 -26.59
C ALA A 71 -19.14 -40.49 -27.54
N MET A 72 -18.79 -39.59 -28.47
CA MET A 72 -19.76 -39.20 -29.49
C MET A 72 -20.14 -40.38 -30.38
N LEU A 73 -19.15 -41.16 -30.80
CA LEU A 73 -19.44 -42.34 -31.61
C LEU A 73 -20.25 -43.36 -30.82
N PHE A 74 -19.96 -43.52 -29.53
CA PHE A 74 -20.72 -44.43 -28.69
C PHE A 74 -22.18 -43.99 -28.57
N ALA A 75 -22.40 -42.69 -28.38
CA ALA A 75 -23.76 -42.18 -28.27
C ALA A 75 -24.53 -42.37 -29.56
N ILE A 76 -23.91 -42.10 -30.70
CA ILE A 76 -24.59 -42.23 -31.99
C ILE A 76 -24.94 -43.69 -32.26
N ASP A 77 -24.08 -44.62 -31.85
CA ASP A 77 -24.42 -46.03 -31.98
C ASP A 77 -25.64 -46.38 -31.13
N GLU A 78 -25.71 -45.83 -29.91
CA GLU A 78 -26.84 -46.13 -29.04
C GLU A 78 -28.11 -45.44 -29.50
N ILE A 79 -27.98 -44.21 -30.03
CA ILE A 79 -29.15 -43.48 -30.51
C ILE A 79 -29.81 -44.23 -31.66
N ASN A 80 -29.01 -44.76 -32.58
CA ASN A 80 -29.55 -45.59 -33.65
C ASN A 80 -29.98 -46.96 -33.14
N LYS A 81 -29.43 -47.43 -32.03
CA LYS A 81 -29.77 -48.75 -31.53
C LYS A 81 -31.20 -48.80 -30.98
N ASP A 82 -31.55 -47.83 -30.14
CA ASP A 82 -32.86 -47.87 -29.50
C ASP A 82 -33.95 -47.34 -30.43
N ASN A 83 -35.19 -47.68 -30.10
CA ASN A 83 -36.34 -47.36 -30.93
C ASN A 83 -37.22 -46.28 -30.33
N TYR A 84 -36.78 -45.62 -29.26
CA TYR A 84 -37.53 -44.53 -28.66
C TYR A 84 -36.97 -43.15 -28.96
N LEU A 85 -35.79 -43.07 -29.57
CA LEU A 85 -35.17 -41.81 -29.95
C LEU A 85 -34.88 -41.87 -31.44
N LEU A 86 -35.72 -41.21 -32.24
CA LEU A 86 -35.63 -41.22 -33.69
C LEU A 86 -35.53 -42.65 -34.24
N PRO A 87 -36.54 -43.48 -34.01
CA PRO A 87 -36.47 -44.87 -34.53
C PRO A 87 -36.43 -44.95 -36.04
N GLY A 88 -37.11 -44.05 -36.74
CA GLY A 88 -37.14 -44.06 -38.18
C GLY A 88 -36.06 -43.26 -38.86
N VAL A 89 -35.14 -42.68 -38.09
CA VAL A 89 -34.05 -41.87 -38.63
C VAL A 89 -32.74 -42.44 -38.13
N LYS A 90 -31.80 -42.65 -39.04
CA LYS A 90 -30.45 -43.09 -38.68
C LYS A 90 -29.54 -41.88 -38.61
N LEU A 91 -28.81 -41.75 -37.51
CA LEU A 91 -27.96 -40.60 -37.27
C LEU A 91 -26.57 -40.87 -37.82
N GLY A 92 -26.11 -40.00 -38.72
CA GLY A 92 -24.75 -40.05 -39.22
C GLY A 92 -23.88 -39.03 -38.51
N VAL A 93 -22.57 -39.15 -38.75
CA VAL A 93 -21.60 -38.28 -38.10
C VAL A 93 -20.59 -37.79 -39.13
N HIS A 94 -20.15 -36.55 -38.96
CA HIS A 94 -19.02 -35.99 -39.68
C HIS A 94 -18.11 -35.38 -38.63
N ILE A 95 -17.22 -36.20 -38.08
CA ILE A 95 -16.36 -35.80 -36.97
C ILE A 95 -14.99 -35.40 -37.51
N LEU A 96 -14.48 -34.27 -37.02
CA LEU A 96 -13.20 -33.73 -37.46
C LEU A 96 -12.30 -33.54 -36.24
N ASP A 97 -11.10 -33.03 -36.50
CA ASP A 97 -10.11 -32.77 -35.46
C ASP A 97 -9.75 -31.30 -35.47
N THR A 98 -9.69 -30.69 -34.29
CA THR A 98 -9.40 -29.27 -34.17
C THR A 98 -7.92 -29.00 -33.90
N CYS A 99 -7.13 -30.02 -33.59
CA CYS A 99 -5.72 -29.87 -33.23
C CYS A 99 -5.52 -28.90 -32.07
N SER A 100 -6.60 -28.65 -31.30
CA SER A 100 -6.60 -27.70 -30.18
C SER A 100 -6.31 -26.28 -30.62
N ARG A 101 -6.51 -25.96 -31.90
CA ARG A 101 -6.29 -24.62 -32.42
C ARG A 101 -7.56 -24.10 -33.08
N ASP A 102 -7.91 -22.85 -32.78
CA ASP A 102 -9.08 -22.24 -33.39
C ASP A 102 -8.90 -22.08 -34.89
N THR A 103 -7.71 -21.68 -35.33
CA THR A 103 -7.46 -21.51 -36.76
C THR A 103 -7.59 -22.83 -37.50
N TYR A 104 -7.06 -23.91 -36.93
CA TYR A 104 -7.22 -25.22 -37.54
C TYR A 104 -8.67 -25.69 -37.45
N ALA A 105 -9.35 -25.38 -36.34
CA ALA A 105 -10.74 -25.77 -36.19
C ALA A 105 -11.62 -25.09 -37.22
N LEU A 106 -11.36 -23.81 -37.50
CA LEU A 106 -12.12 -23.12 -38.52
C LEU A 106 -11.87 -23.72 -39.90
N GLU A 107 -10.63 -24.16 -40.16
CA GLU A 107 -10.31 -24.78 -41.43
C GLU A 107 -11.15 -26.04 -41.65
N GLN A 108 -11.21 -26.91 -40.63
CA GLN A 108 -11.98 -28.15 -40.77
C GLN A 108 -13.48 -27.87 -40.79
N SER A 109 -13.93 -26.89 -40.00
CA SER A 109 -15.36 -26.65 -39.84
C SER A 109 -16.04 -26.24 -41.15
N LEU A 110 -15.27 -25.84 -42.16
CA LEU A 110 -15.87 -25.48 -43.44
C LEU A 110 -16.51 -26.68 -44.12
N GLU A 111 -16.06 -27.89 -43.80
CA GLU A 111 -16.66 -29.08 -44.38
C GLU A 111 -18.11 -29.27 -43.94
N PHE A 112 -18.48 -28.74 -42.76
CA PHE A 112 -19.88 -28.80 -42.33
C PHE A 112 -20.74 -27.85 -43.15
N VAL A 113 -20.13 -26.85 -43.78
CA VAL A 113 -20.87 -25.77 -44.42
C VAL A 113 -20.65 -25.72 -45.93
N ARG A 114 -19.80 -26.60 -46.48
CA ARG A 114 -19.57 -26.60 -47.92
C ARG A 114 -20.86 -26.85 -48.69
N ALA A 115 -21.60 -27.88 -48.30
CA ALA A 115 -22.85 -28.20 -48.98
C ALA A 115 -23.98 -27.24 -48.61
N SER A 116 -23.79 -26.39 -47.60
CA SER A 116 -24.83 -25.48 -47.15
C SER A 116 -24.86 -24.16 -47.92
N LEU A 117 -23.95 -23.96 -48.87
CA LEU A 117 -23.97 -22.76 -49.68
C LEU A 117 -25.17 -22.77 -50.62
N THR A 118 -25.52 -21.57 -51.10
CA THR A 118 -26.68 -21.44 -51.98
C THR A 118 -26.49 -22.18 -53.30
N LYS A 119 -25.25 -22.36 -53.74
CA LYS A 119 -24.93 -23.07 -54.97
C LYS A 119 -25.65 -22.49 -56.18
N LEU A 140 -22.89 -32.49 -46.76
CA LEU A 140 -23.73 -33.54 -46.20
C LEU A 140 -24.98 -32.96 -45.54
N LEU A 141 -25.10 -31.63 -45.59
CA LEU A 141 -26.21 -30.91 -44.97
C LEU A 141 -26.30 -31.24 -43.48
N ILE A 142 -25.26 -30.84 -42.75
CA ILE A 142 -25.17 -31.17 -41.33
C ILE A 142 -26.31 -30.51 -40.57
N ALA A 143 -27.02 -31.33 -39.79
CA ALA A 143 -28.14 -30.81 -39.01
C ALA A 143 -27.66 -30.02 -37.80
N GLY A 144 -26.64 -30.53 -37.11
CA GLY A 144 -26.10 -29.84 -35.95
C GLY A 144 -24.67 -30.26 -35.71
N VAL A 145 -23.98 -29.47 -34.90
CA VAL A 145 -22.56 -29.66 -34.63
C VAL A 145 -22.38 -29.83 -33.13
N ILE A 146 -21.77 -30.93 -32.72
CA ILE A 146 -21.34 -31.09 -31.34
C ILE A 146 -20.05 -30.29 -31.17
N GLY A 147 -20.13 -29.16 -30.49
CA GLY A 147 -19.14 -28.12 -30.60
C GLY A 147 -17.80 -28.48 -30.02
N GLY A 148 -16.88 -27.53 -30.13
CA GLY A 148 -15.50 -27.77 -29.75
C GLY A 148 -15.32 -27.89 -28.26
N SER A 149 -14.15 -28.38 -27.88
CA SER A 149 -13.79 -28.58 -26.48
C SER A 149 -12.99 -27.43 -25.90
N TYR A 150 -12.70 -26.40 -26.69
CA TYR A 150 -11.96 -25.23 -26.22
C TYR A 150 -12.79 -23.99 -26.48
N SER A 151 -12.76 -23.06 -25.53
CA SER A 151 -13.57 -21.86 -25.65
C SER A 151 -13.21 -21.06 -26.90
N SER A 152 -11.91 -20.93 -27.18
CA SER A 152 -11.49 -20.26 -28.41
C SER A 152 -11.97 -21.03 -29.64
N VAL A 153 -11.93 -22.37 -29.58
CA VAL A 153 -12.40 -23.17 -30.70
C VAL A 153 -13.90 -23.04 -30.87
N SER A 154 -14.64 -23.15 -29.76
CA SER A 154 -16.10 -23.04 -29.83
C SER A 154 -16.53 -21.66 -30.28
N ILE A 155 -15.88 -20.62 -29.78
CA ILE A 155 -16.22 -19.25 -30.18
C ILE A 155 -15.95 -19.06 -31.67
N GLN A 156 -14.81 -19.56 -32.15
CA GLN A 156 -14.46 -19.39 -33.56
C GLN A 156 -15.46 -20.09 -34.46
N VAL A 157 -15.84 -21.32 -34.11
CA VAL A 157 -16.75 -22.08 -34.97
C VAL A 157 -18.18 -21.58 -34.80
N ALA A 158 -18.53 -21.01 -33.64
CA ALA A 158 -19.87 -20.48 -33.45
C ALA A 158 -20.10 -19.25 -34.32
N ASN A 159 -19.05 -18.44 -34.52
CA ASN A 159 -19.19 -17.25 -35.36
C ASN A 159 -19.51 -17.62 -36.80
N LEU A 160 -19.08 -18.79 -37.25
CA LEU A 160 -19.33 -19.23 -38.61
C LEU A 160 -20.68 -19.93 -38.75
N LEU A 161 -21.01 -20.82 -37.81
CA LEU A 161 -22.25 -21.59 -37.93
C LEU A 161 -23.48 -20.72 -37.77
N ARG A 162 -23.40 -19.65 -36.98
CA ARG A 162 -24.57 -18.80 -36.76
C ARG A 162 -25.06 -18.17 -38.05
N LEU A 163 -24.16 -17.96 -39.02
CA LEU A 163 -24.56 -17.37 -40.29
C LEU A 163 -25.49 -18.30 -41.05
N PHE A 164 -25.23 -19.60 -41.00
CA PHE A 164 -25.97 -20.60 -41.76
C PHE A 164 -27.03 -21.30 -40.94
N GLN A 165 -27.29 -20.85 -39.72
CA GLN A 165 -28.36 -21.38 -38.88
C GLN A 165 -28.16 -22.87 -38.61
N ILE A 166 -26.99 -23.22 -38.09
CA ILE A 166 -26.67 -24.57 -37.69
C ILE A 166 -26.49 -24.57 -36.17
N PRO A 167 -27.42 -25.16 -35.41
CA PRO A 167 -27.28 -25.17 -33.95
C PRO A 167 -26.05 -25.95 -33.52
N GLN A 168 -25.42 -25.48 -32.44
CA GLN A 168 -24.17 -26.05 -31.96
C GLN A 168 -24.28 -26.33 -30.48
N ILE A 169 -24.05 -27.58 -30.10
CA ILE A 169 -24.02 -28.01 -28.71
C ILE A 169 -22.56 -28.32 -28.37
N SER A 170 -22.03 -27.63 -27.36
CA SER A 170 -20.61 -27.72 -27.04
C SER A 170 -20.41 -28.16 -25.60
N TYR A 171 -20.07 -29.43 -25.42
CA TYR A 171 -19.51 -29.88 -24.16
C TYR A 171 -18.23 -29.10 -23.85
N ALA A 172 -17.93 -29.01 -22.55
CA ALA A 172 -16.58 -28.67 -22.09
C ALA A 172 -16.16 -27.24 -22.39
N SER A 173 -16.99 -26.46 -23.07
CA SER A 173 -16.66 -25.06 -23.32
C SER A 173 -17.34 -24.17 -22.30
N THR A 174 -16.55 -23.58 -21.40
CA THR A 174 -17.10 -22.89 -20.24
C THR A 174 -16.89 -21.38 -20.25
N SER A 175 -16.54 -20.79 -21.39
CA SER A 175 -16.34 -19.35 -21.43
C SER A 175 -17.64 -18.62 -21.16
N ALA A 176 -17.58 -17.59 -20.32
CA ALA A 176 -18.77 -16.80 -20.02
C ALA A 176 -19.20 -15.93 -21.18
N LYS A 177 -18.32 -15.71 -22.16
CA LYS A 177 -18.69 -14.96 -23.36
C LYS A 177 -19.75 -15.70 -24.18
N LEU A 178 -19.71 -17.02 -24.17
CA LEU A 178 -20.63 -17.81 -24.99
C LEU A 178 -22.06 -17.77 -24.47
N SER A 179 -22.29 -17.22 -23.28
CA SER A 179 -23.65 -17.04 -22.78
C SER A 179 -24.32 -15.78 -23.33
N ASP A 180 -23.60 -14.99 -24.11
CA ASP A 180 -24.18 -13.80 -24.76
C ASP A 180 -24.95 -14.27 -25.98
N LYS A 181 -26.23 -14.60 -25.78
CA LYS A 181 -27.06 -15.15 -26.83
C LYS A 181 -27.32 -14.17 -27.96
N SER A 182 -27.04 -12.88 -27.78
CA SER A 182 -27.17 -11.92 -28.86
C SER A 182 -26.06 -12.01 -29.88
N ARG A 183 -24.92 -12.58 -29.51
CA ARG A 183 -23.79 -12.77 -30.43
C ARG A 183 -23.67 -14.21 -30.93
N TYR A 184 -23.85 -15.19 -30.04
CA TYR A 184 -23.86 -16.60 -30.41
C TYR A 184 -25.29 -17.10 -30.18
N ASP A 185 -26.14 -16.92 -31.20
CA ASP A 185 -27.55 -17.20 -31.09
C ASP A 185 -27.93 -18.61 -31.51
N TYR A 186 -26.95 -19.44 -31.87
CA TYR A 186 -27.18 -20.83 -32.23
C TYR A 186 -26.24 -21.74 -31.46
N PHE A 187 -25.94 -21.36 -30.23
CA PHE A 187 -24.96 -22.05 -29.40
C PHE A 187 -25.59 -22.41 -28.07
N ALA A 188 -25.44 -23.67 -27.67
CA ALA A 188 -25.84 -24.13 -26.35
C ALA A 188 -24.79 -25.11 -25.84
N ARG A 189 -24.72 -25.25 -24.53
CA ARG A 189 -23.71 -26.11 -23.92
C ARG A 189 -24.32 -26.93 -22.80
N THR A 190 -23.80 -28.14 -22.63
CA THR A 190 -24.18 -29.00 -21.51
C THR A 190 -23.30 -28.76 -20.29
N VAL A 191 -22.52 -27.68 -20.29
CA VAL A 191 -21.64 -27.37 -19.17
C VAL A 191 -21.92 -25.94 -18.72
N PRO A 192 -21.72 -25.62 -17.44
CA PRO A 192 -22.00 -24.27 -16.97
C PRO A 192 -20.99 -23.27 -17.50
N PRO A 193 -21.30 -21.98 -17.44
CA PRO A 193 -20.30 -20.97 -17.81
C PRO A 193 -19.22 -20.82 -16.76
N ASP A 194 -18.21 -19.99 -17.03
CA ASP A 194 -17.18 -19.72 -16.04
C ASP A 194 -17.59 -18.65 -15.03
N PHE A 195 -18.73 -17.99 -15.26
CA PHE A 195 -19.23 -17.04 -14.29
C PHE A 195 -19.52 -17.72 -12.95
N TYR A 196 -19.86 -19.00 -12.98
CA TYR A 196 -20.08 -19.75 -11.74
C TYR A 196 -18.78 -20.31 -11.19
N GLN A 197 -17.86 -20.73 -12.06
CA GLN A 197 -16.58 -21.23 -11.59
C GLN A 197 -15.75 -20.15 -10.92
N ALA A 198 -15.88 -18.91 -11.37
CA ALA A 198 -15.20 -17.81 -10.71
C ALA A 198 -15.73 -17.62 -9.29
N LYS A 199 -17.03 -17.81 -9.09
CA LYS A 199 -17.60 -17.76 -7.75
C LYS A 199 -17.03 -18.87 -6.87
N ALA A 200 -16.92 -20.08 -7.42
CA ALA A 200 -16.46 -21.21 -6.62
C ALA A 200 -15.00 -21.07 -6.23
N MET A 201 -14.27 -20.16 -6.86
CA MET A 201 -12.88 -19.93 -6.48
C MET A 201 -12.78 -18.89 -5.38
N ALA A 202 -13.40 -17.73 -5.58
CA ALA A 202 -13.36 -16.69 -4.56
C ALA A 202 -13.98 -17.15 -3.26
N GLU A 203 -14.94 -18.08 -3.32
CA GLU A 203 -15.49 -18.66 -2.11
C GLU A 203 -14.46 -19.53 -1.40
N ILE A 204 -13.74 -20.36 -2.16
CA ILE A 204 -12.68 -21.17 -1.56
C ILE A 204 -11.57 -20.27 -1.03
N LEU A 205 -11.21 -19.23 -1.79
CA LEU A 205 -10.22 -18.27 -1.33
C LEU A 205 -10.74 -17.40 -0.19
N ARG A 206 -12.04 -17.49 0.13
CA ARG A 206 -12.60 -16.81 1.30
C ARG A 206 -12.80 -17.76 2.47
N PHE A 207 -13.13 -19.03 2.21
CA PHE A 207 -13.26 -20.00 3.29
C PHE A 207 -11.97 -20.11 4.08
N PHE A 208 -10.86 -20.36 3.38
CA PHE A 208 -9.54 -20.12 3.94
C PHE A 208 -9.17 -18.67 3.66
N ASN A 209 -8.76 -17.95 4.70
CA ASN A 209 -8.58 -16.51 4.55
C ASN A 209 -7.39 -16.18 3.66
N TRP A 210 -7.47 -16.57 2.39
CA TRP A 210 -6.42 -16.30 1.41
C TRP A 210 -6.74 -14.99 0.70
N THR A 211 -6.48 -13.88 1.39
CA THR A 211 -6.82 -12.58 0.84
C THR A 211 -5.74 -12.00 -0.06
N TYR A 212 -4.55 -12.59 -0.08
CA TYR A 212 -3.44 -12.12 -0.91
C TYR A 212 -2.99 -13.26 -1.81
N VAL A 213 -3.49 -13.28 -3.04
CA VAL A 213 -3.23 -14.38 -3.96
C VAL A 213 -2.69 -13.82 -5.26
N SER A 214 -2.09 -14.70 -6.06
CA SER A 214 -1.59 -14.38 -7.38
C SER A 214 -2.40 -15.17 -8.42
N THR A 215 -2.57 -14.57 -9.59
CA THR A 215 -3.39 -15.17 -10.64
C THR A 215 -2.55 -15.40 -11.89
N VAL A 216 -2.63 -16.61 -12.43
CA VAL A 216 -2.04 -16.95 -13.72
C VAL A 216 -3.17 -17.46 -14.61
N ALA A 217 -3.27 -16.90 -15.81
CA ALA A 217 -4.36 -17.23 -16.72
C ALA A 217 -3.82 -17.45 -18.12
N SER A 218 -4.35 -18.47 -18.80
CA SER A 218 -4.00 -18.70 -20.19
C SER A 218 -4.54 -17.59 -21.08
N GLU A 219 -3.82 -17.31 -22.16
CA GLU A 219 -4.30 -16.35 -23.13
C GLU A 219 -5.40 -16.96 -23.99
N GLY A 220 -6.35 -16.14 -24.40
CA GLY A 220 -7.47 -16.61 -25.18
C GLY A 220 -8.80 -16.11 -24.65
N ASP A 221 -9.79 -17.00 -24.61
CA ASP A 221 -11.10 -16.67 -24.05
C ASP A 221 -11.40 -17.39 -22.76
N TYR A 222 -10.93 -18.63 -22.61
CA TYR A 222 -11.15 -19.36 -21.38
C TYR A 222 -10.43 -18.71 -20.20
N GLY A 223 -9.18 -18.29 -20.43
CA GLY A 223 -8.39 -17.72 -19.36
C GLY A 223 -8.60 -16.23 -19.15
N GLU A 224 -8.67 -15.48 -20.24
CA GLU A 224 -8.84 -14.03 -20.13
C GLU A 224 -10.17 -13.68 -19.49
N THR A 225 -11.26 -14.27 -19.98
CA THR A 225 -12.57 -14.02 -19.41
C THR A 225 -12.77 -14.77 -18.09
N GLY A 226 -12.20 -15.96 -17.96
CA GLY A 226 -12.32 -16.70 -16.72
C GLY A 226 -11.68 -15.98 -15.54
N ILE A 227 -10.50 -15.42 -15.75
CA ILE A 227 -9.85 -14.65 -14.70
C ILE A 227 -10.44 -13.25 -14.58
N GLU A 228 -11.11 -12.76 -15.62
CA GLU A 228 -11.77 -11.47 -15.53
C GLU A 228 -12.97 -11.53 -14.59
N ALA A 229 -13.68 -12.66 -14.60
CA ALA A 229 -14.80 -12.83 -13.68
C ALA A 229 -14.32 -13.15 -12.26
N PHE A 230 -13.19 -13.84 -12.14
CA PHE A 230 -12.67 -14.18 -10.81
C PHE A 230 -12.24 -12.94 -10.05
N GLU A 231 -11.51 -12.02 -10.71
CA GLU A 231 -11.10 -10.80 -10.04
C GLU A 231 -12.30 -9.95 -9.65
N GLN A 232 -13.39 -10.05 -10.40
CA GLN A 232 -14.63 -9.41 -9.99
C GLN A 232 -15.20 -10.06 -8.74
N GLU A 233 -15.17 -11.39 -8.67
CA GLU A 233 -15.63 -12.09 -7.48
C GLU A 233 -14.64 -12.00 -6.33
N ALA A 234 -13.37 -11.72 -6.62
CA ALA A 234 -12.40 -11.52 -5.56
C ALA A 234 -12.54 -10.15 -4.89
N ARG A 235 -12.92 -9.13 -5.65
CA ARG A 235 -13.11 -7.80 -5.08
C ARG A 235 -14.26 -7.79 -4.08
N LEU A 236 -15.36 -8.49 -4.39
CA LEU A 236 -16.50 -8.51 -3.50
C LEU A 236 -16.14 -9.15 -2.17
N ARG A 237 -15.36 -10.22 -2.19
CA ARG A 237 -14.98 -10.93 -0.98
C ARG A 237 -13.69 -10.39 -0.37
N ASN A 238 -13.29 -9.16 -0.73
CA ASN A 238 -12.14 -8.49 -0.14
C ASN A 238 -10.87 -9.33 -0.28
N ILE A 239 -10.56 -9.71 -1.52
CA ILE A 239 -9.36 -10.49 -1.83
C ILE A 239 -8.49 -9.65 -2.75
N CYS A 240 -7.22 -9.53 -2.40
CA CYS A 240 -6.27 -8.71 -3.16
C CYS A 240 -5.42 -9.62 -4.05
N ILE A 241 -5.29 -9.23 -5.30
CA ILE A 241 -4.49 -9.97 -6.27
C ILE A 241 -3.05 -9.48 -6.18
N ALA A 242 -2.15 -10.38 -5.77
CA ALA A 242 -0.74 -9.99 -5.66
C ALA A 242 -0.18 -9.60 -7.02
N THR A 243 -0.35 -10.46 -8.01
CA THR A 243 0.07 -10.14 -9.37
C THR A 243 -0.72 -11.01 -10.34
N ALA A 244 -1.01 -10.45 -11.51
CA ALA A 244 -1.75 -11.14 -12.55
C ALA A 244 -0.85 -11.35 -13.76
N GLU A 245 -0.73 -12.58 -14.21
CA GLU A 245 0.13 -12.93 -15.32
C GLU A 245 -0.65 -13.73 -16.35
N LYS A 246 -0.15 -13.72 -17.59
CA LYS A 246 -0.75 -14.45 -18.69
C LYS A 246 0.33 -15.26 -19.39
N VAL A 247 -0.02 -16.48 -19.77
CA VAL A 247 0.89 -17.39 -20.45
C VAL A 247 0.24 -17.88 -21.73
N GLY A 248 1.06 -18.21 -22.73
CA GLY A 248 0.53 -18.71 -23.97
C GLY A 248 1.65 -18.86 -24.99
N ARG A 249 1.25 -19.09 -26.23
CA ARG A 249 2.19 -19.24 -27.33
C ARG A 249 2.39 -17.95 -28.13
N SER A 250 1.74 -16.86 -27.73
CA SER A 250 1.95 -15.59 -28.41
C SER A 250 3.32 -15.02 -28.04
N ASN A 251 3.78 -14.07 -28.85
CA ASN A 251 5.11 -13.49 -28.62
C ASN A 251 5.12 -12.54 -27.43
N ILE A 252 3.98 -11.92 -27.12
CA ILE A 252 3.91 -10.99 -26.01
C ILE A 252 4.08 -11.74 -24.68
N ARG A 253 3.55 -12.96 -24.59
CA ARG A 253 3.53 -13.69 -23.34
C ARG A 253 4.94 -14.02 -22.85
N LYS A 254 5.14 -13.94 -21.54
CA LYS A 254 6.41 -14.30 -20.94
C LYS A 254 6.61 -15.82 -20.98
N SER A 255 7.85 -16.24 -20.79
CA SER A 255 8.15 -17.66 -20.73
C SER A 255 7.61 -18.24 -19.43
N TYR A 256 7.50 -19.58 -19.41
CA TYR A 256 6.99 -20.24 -18.22
C TYR A 256 7.95 -20.09 -17.04
N ASP A 257 9.26 -20.10 -17.31
CA ASP A 257 10.22 -19.80 -16.25
C ASP A 257 10.09 -18.35 -15.79
N SER A 258 9.87 -17.42 -16.72
CA SER A 258 9.76 -16.01 -16.36
C SER A 258 8.55 -15.75 -15.48
N VAL A 259 7.40 -16.35 -15.82
CA VAL A 259 6.20 -16.16 -15.01
C VAL A 259 6.36 -16.85 -13.66
N ILE A 260 7.12 -17.94 -13.60
CA ILE A 260 7.40 -18.59 -12.33
C ILE A 260 8.19 -17.64 -11.42
N ARG A 261 9.14 -16.90 -12.00
CA ARG A 261 9.92 -15.95 -11.21
C ARG A 261 9.03 -14.86 -10.63
N GLU A 262 8.08 -14.36 -11.42
CA GLU A 262 7.19 -13.31 -10.94
C GLU A 262 6.32 -13.80 -9.78
N LEU A 263 5.93 -15.08 -9.81
CA LEU A 263 5.21 -15.65 -8.68
C LEU A 263 6.08 -15.68 -7.43
N LEU A 264 7.36 -16.02 -7.60
CA LEU A 264 8.29 -16.09 -6.48
C LEU A 264 8.70 -14.72 -5.98
N GLN A 265 8.56 -13.68 -6.81
CA GLN A 265 8.97 -12.35 -6.39
C GLN A 265 8.18 -11.87 -5.19
N LYS A 266 6.92 -12.26 -5.09
CA LYS A 266 6.06 -11.90 -3.95
C LYS A 266 5.85 -13.14 -3.09
N PRO A 267 6.71 -13.41 -2.12
CA PRO A 267 6.61 -14.65 -1.36
C PRO A 267 5.45 -14.68 -0.37
N ASN A 268 4.84 -13.53 -0.08
CA ASN A 268 3.70 -13.52 0.84
C ASN A 268 2.52 -14.31 0.28
N ALA A 269 2.25 -14.14 -1.02
CA ALA A 269 1.15 -14.85 -1.67
C ALA A 269 1.62 -16.24 -2.05
N ARG A 270 1.37 -17.21 -1.18
CA ARG A 270 1.84 -18.57 -1.40
C ARG A 270 0.84 -19.44 -2.13
N VAL A 271 -0.31 -18.89 -2.52
CA VAL A 271 -1.29 -19.61 -3.33
C VAL A 271 -1.52 -18.82 -4.61
N VAL A 272 -1.64 -19.54 -5.73
CA VAL A 272 -1.95 -18.94 -7.01
C VAL A 272 -3.13 -19.67 -7.63
N VAL A 273 -4.00 -18.92 -8.31
CA VAL A 273 -5.18 -19.47 -8.94
C VAL A 273 -4.91 -19.61 -10.44
N LEU A 274 -5.13 -20.81 -10.96
CA LEU A 274 -4.77 -21.15 -12.34
C LEU A 274 -6.03 -21.26 -13.18
N PHE A 275 -6.32 -20.22 -13.95
CA PHE A 275 -7.34 -20.28 -15.00
C PHE A 275 -6.66 -20.53 -16.34
N MET A 276 -6.07 -21.72 -16.46
CA MET A 276 -5.20 -22.04 -17.59
C MET A 276 -5.66 -23.31 -18.27
N ARG A 277 -5.27 -23.45 -19.53
CA ARG A 277 -5.61 -24.62 -20.33
C ARG A 277 -4.78 -25.82 -19.91
N SER A 278 -5.10 -26.97 -20.50
CA SER A 278 -4.46 -28.22 -20.11
C SER A 278 -2.96 -28.21 -20.41
N ASP A 279 -2.58 -27.70 -21.59
CA ASP A 279 -1.18 -27.71 -21.97
C ASP A 279 -0.37 -26.69 -21.16
N ASP A 280 -0.91 -25.49 -20.97
CA ASP A 280 -0.21 -24.49 -20.17
C ASP A 280 -0.03 -24.95 -18.73
N SER A 281 -1.06 -25.56 -18.15
CA SER A 281 -0.95 -26.07 -16.79
C SER A 281 0.12 -27.15 -16.70
N ARG A 282 0.23 -27.99 -17.73
CA ARG A 282 1.30 -28.98 -17.78
C ARG A 282 2.67 -28.33 -17.82
N GLU A 283 2.80 -27.26 -18.60
CA GLU A 283 4.10 -26.63 -18.80
C GLU A 283 4.48 -25.72 -17.64
N LEU A 284 3.51 -25.00 -17.06
CA LEU A 284 3.82 -24.13 -15.93
C LEU A 284 4.31 -24.93 -14.73
N ILE A 285 3.71 -26.09 -14.48
CA ILE A 285 4.18 -26.95 -13.40
C ILE A 285 5.60 -27.45 -13.69
N ALA A 286 5.91 -27.68 -14.97
CA ALA A 286 7.27 -28.04 -15.34
C ALA A 286 8.25 -26.91 -15.04
N ALA A 287 7.84 -25.66 -15.31
CA ALA A 287 8.71 -24.53 -15.04
C ALA A 287 8.95 -24.34 -13.55
N ALA A 288 8.00 -24.78 -12.71
CA ALA A 288 8.21 -24.75 -11.28
C ALA A 288 9.11 -25.87 -10.79
N ASN A 289 9.26 -26.93 -11.57
CA ASN A 289 10.19 -28.00 -11.22
C ASN A 289 11.63 -27.59 -11.49
N ARG A 290 11.86 -26.86 -12.58
CA ARG A 290 13.20 -26.40 -12.90
C ARG A 290 13.74 -25.46 -11.83
N VAL A 291 12.92 -24.50 -11.39
CA VAL A 291 13.31 -23.63 -10.29
C VAL A 291 13.18 -24.35 -8.95
N ASN A 292 12.48 -25.48 -8.91
CA ASN A 292 12.25 -26.24 -7.69
C ASN A 292 11.45 -25.42 -6.67
N ALA A 293 10.55 -24.59 -7.16
CA ALA A 293 9.67 -23.80 -6.30
C ALA A 293 8.53 -24.67 -5.78
N SER A 294 7.63 -24.04 -5.02
CA SER A 294 6.47 -24.75 -4.48
C SER A 294 5.44 -23.74 -4.04
N PHE A 295 4.22 -23.88 -4.55
CA PHE A 295 3.08 -23.06 -4.18
C PHE A 295 1.91 -23.97 -3.81
N THR A 296 0.77 -23.36 -3.51
CA THR A 296 -0.50 -24.06 -3.40
C THR A 296 -1.32 -23.71 -4.64
N TRP A 297 -1.71 -24.73 -5.40
CA TRP A 297 -2.34 -24.53 -6.69
C TRP A 297 -3.84 -24.60 -6.55
N VAL A 298 -4.53 -23.51 -6.88
CA VAL A 298 -5.98 -23.47 -6.98
C VAL A 298 -6.32 -23.41 -8.46
N ALA A 299 -6.90 -24.48 -8.98
CA ALA A 299 -7.00 -24.66 -10.43
C ALA A 299 -8.43 -24.74 -10.88
N SER A 300 -8.63 -24.55 -12.19
CA SER A 300 -9.93 -24.58 -12.84
C SER A 300 -10.12 -25.89 -13.58
N ASP A 301 -11.21 -25.97 -14.36
CA ASP A 301 -11.49 -27.17 -15.12
C ASP A 301 -10.46 -27.40 -16.23
N GLY A 302 -9.71 -26.37 -16.59
CA GLY A 302 -8.62 -26.52 -17.53
C GLY A 302 -7.59 -27.49 -17.00
N TRP A 303 -7.20 -27.31 -15.74
CA TRP A 303 -6.40 -28.32 -15.05
C TRP A 303 -7.27 -29.51 -14.68
N GLY A 304 -8.32 -29.26 -13.89
CA GLY A 304 -9.27 -30.31 -13.58
C GLY A 304 -8.64 -31.42 -12.76
N ALA A 305 -9.05 -32.65 -13.07
CA ALA A 305 -8.59 -33.82 -12.33
C ALA A 305 -7.75 -34.73 -13.22
N GLN A 306 -6.83 -34.15 -13.98
CA GLN A 306 -6.00 -34.91 -14.90
C GLN A 306 -4.69 -35.31 -14.23
N GLU A 307 -4.36 -36.60 -14.32
CA GLU A 307 -3.06 -37.05 -13.84
C GLU A 307 -1.94 -36.66 -14.81
N SER A 308 -2.27 -36.54 -16.09
CA SER A 308 -1.23 -36.32 -17.11
C SER A 308 -0.60 -34.94 -17.00
N ILE A 309 -1.30 -33.98 -16.41
CA ILE A 309 -0.73 -32.64 -16.28
C ILE A 309 0.47 -32.64 -15.35
N VAL A 310 0.39 -33.38 -14.25
CA VAL A 310 1.43 -33.37 -13.24
C VAL A 310 2.39 -34.54 -13.40
N LYS A 311 2.36 -35.22 -14.55
CA LYS A 311 3.19 -36.40 -14.77
C LYS A 311 4.66 -36.00 -14.76
N GLY A 312 5.39 -36.46 -13.73
CA GLY A 312 6.80 -36.17 -13.59
C GLY A 312 7.12 -34.98 -12.71
N SER A 313 6.17 -34.07 -12.50
CA SER A 313 6.37 -32.90 -11.65
C SER A 313 5.39 -32.90 -10.49
N GLU A 314 5.06 -34.09 -9.97
CA GLU A 314 4.13 -34.18 -8.85
C GLU A 314 4.66 -33.53 -7.59
N HIS A 315 5.98 -33.34 -7.48
CA HIS A 315 6.56 -32.78 -6.26
C HIS A 315 6.09 -31.35 -6.03
N VAL A 316 6.05 -30.54 -7.07
CA VAL A 316 5.62 -29.15 -6.91
C VAL A 316 4.10 -29.05 -6.91
N ALA A 317 3.43 -29.90 -7.68
CA ALA A 317 1.98 -29.85 -7.79
C ALA A 317 1.27 -30.54 -6.63
N TYR A 318 2.02 -31.12 -5.68
CA TYR A 318 1.40 -31.79 -4.55
C TYR A 318 0.57 -30.80 -3.73
N GLY A 319 -0.54 -31.29 -3.19
CA GLY A 319 -1.44 -30.45 -2.43
C GLY A 319 -2.13 -29.39 -3.27
N ALA A 320 -2.59 -29.75 -4.46
CA ALA A 320 -3.27 -28.82 -5.34
C ALA A 320 -4.77 -28.85 -5.10
N ILE A 321 -5.42 -27.71 -5.31
CA ILE A 321 -6.87 -27.57 -5.21
C ILE A 321 -7.38 -27.32 -6.63
N THR A 322 -8.16 -28.25 -7.16
CA THR A 322 -8.62 -28.14 -8.53
C THR A 322 -10.14 -28.19 -8.57
N LEU A 323 -10.71 -27.47 -9.53
CA LEU A 323 -12.15 -27.30 -9.68
C LEU A 323 -12.60 -27.99 -10.95
N GLU A 324 -13.06 -29.23 -10.83
CA GLU A 324 -13.62 -29.96 -11.96
C GLU A 324 -15.14 -29.90 -11.93
N LEU A 325 -15.74 -29.86 -13.11
CA LEU A 325 -17.19 -29.80 -13.23
C LEU A 325 -17.81 -31.08 -12.68
N ALA A 326 -19.00 -30.93 -12.09
CA ALA A 326 -19.66 -32.06 -11.46
C ALA A 326 -20.15 -33.04 -12.51
N SER A 327 -19.57 -34.25 -12.50
CA SER A 327 -19.90 -35.25 -13.50
C SER A 327 -19.71 -36.63 -12.90
N HIS A 328 -20.32 -37.61 -13.54
CA HIS A 328 -20.25 -39.00 -13.10
C HIS A 328 -19.79 -39.88 -14.25
N PRO A 329 -19.08 -40.96 -13.96
CA PRO A 329 -18.65 -41.86 -15.02
C PRO A 329 -19.84 -42.51 -15.73
N VAL A 330 -19.71 -42.70 -17.03
CA VAL A 330 -20.70 -43.41 -17.83
C VAL A 330 -20.27 -44.87 -17.87
N ARG A 331 -20.91 -45.69 -17.05
CA ARG A 331 -20.46 -47.08 -16.89
C ARG A 331 -20.59 -47.85 -18.20
N GLN A 332 -21.66 -47.61 -18.96
CA GLN A 332 -21.81 -48.27 -20.25
C GLN A 332 -20.72 -47.86 -21.22
N PHE A 333 -20.18 -46.64 -21.08
CA PHE A 333 -19.17 -46.16 -22.01
C PHE A 333 -17.85 -46.91 -21.85
N ASP A 334 -17.37 -47.06 -20.61
CA ASP A 334 -16.10 -47.73 -20.40
C ASP A 334 -16.14 -49.17 -20.86
N ARG A 335 -17.30 -49.82 -20.80
CA ARG A 335 -17.45 -51.13 -21.42
C ARG A 335 -17.21 -51.05 -22.91
N TYR A 336 -17.76 -50.02 -23.56
CA TYR A 336 -17.54 -49.83 -24.99
C TYR A 336 -16.08 -49.48 -25.29
N PHE A 337 -15.47 -48.62 -24.46
CA PHE A 337 -14.10 -48.19 -24.73
C PHE A 337 -13.10 -49.32 -24.55
N GLN A 338 -13.20 -50.05 -23.43
CA GLN A 338 -12.23 -51.11 -23.14
C GLN A 338 -12.31 -52.26 -24.13
N SER A 339 -13.41 -52.40 -24.85
CA SER A 339 -13.53 -53.45 -25.85
C SER A 339 -12.84 -53.10 -27.16
N LEU A 340 -12.38 -51.86 -27.32
CA LEU A 340 -11.77 -51.42 -28.57
C LEU A 340 -10.38 -52.02 -28.74
N ASN A 341 -10.08 -52.39 -29.98
CA ASN A 341 -8.76 -52.85 -30.40
C ASN A 341 -8.39 -52.18 -31.72
N PRO A 342 -7.10 -52.05 -32.01
CA PRO A 342 -6.71 -51.41 -33.28
C PRO A 342 -7.09 -52.20 -34.52
N TYR A 343 -7.74 -53.35 -34.38
CA TYR A 343 -8.14 -54.16 -35.53
C TYR A 343 -9.61 -54.02 -35.89
N ASN A 344 -10.49 -53.73 -34.93
CA ASN A 344 -11.91 -53.62 -35.20
C ASN A 344 -12.40 -52.18 -35.29
N ASN A 345 -11.71 -51.23 -34.67
CA ASN A 345 -12.11 -49.82 -34.70
C ASN A 345 -11.57 -49.16 -35.98
N HIS A 346 -11.93 -49.77 -37.12
CA HIS A 346 -11.46 -49.27 -38.40
C HIS A 346 -12.10 -47.94 -38.76
N ARG A 347 -13.30 -47.67 -38.27
CA ARG A 347 -13.97 -46.41 -38.55
C ARG A 347 -13.25 -45.22 -37.96
N ASN A 348 -12.38 -45.44 -36.98
CA ASN A 348 -11.65 -44.36 -36.33
C ASN A 348 -10.25 -44.28 -36.92
N PRO A 349 -9.93 -43.25 -37.72
CA PRO A 349 -8.57 -43.19 -38.29
C PRO A 349 -7.50 -42.88 -37.25
N TRP A 350 -7.76 -41.94 -36.34
CA TRP A 350 -6.76 -41.59 -35.34
C TRP A 350 -6.51 -42.69 -34.32
N PHE A 351 -7.35 -43.72 -34.28
CA PHE A 351 -7.22 -44.75 -33.25
C PHE A 351 -5.92 -45.52 -33.40
N ARG A 352 -5.51 -45.81 -34.63
CA ARG A 352 -4.26 -46.53 -34.85
C ARG A 352 -3.08 -45.75 -34.28
N ASP A 353 -3.02 -44.44 -34.54
CA ASP A 353 -1.99 -43.62 -33.93
C ASP A 353 -2.16 -43.54 -32.42
N PHE A 354 -3.42 -43.47 -31.95
CA PHE A 354 -3.67 -43.43 -30.51
C PHE A 354 -3.18 -44.70 -29.83
N TRP A 355 -3.34 -45.85 -30.48
CA TRP A 355 -2.88 -47.09 -29.88
C TRP A 355 -1.36 -47.10 -29.71
N GLU A 356 -0.62 -46.58 -30.70
CA GLU A 356 0.83 -46.56 -30.60
C GLU A 356 1.29 -45.63 -29.49
N GLN A 357 0.77 -44.40 -29.46
CA GLN A 357 1.22 -43.42 -28.47
C GLN A 357 0.87 -43.85 -27.06
N LYS A 358 -0.31 -44.44 -26.86
CA LYS A 358 -0.72 -44.83 -25.52
C LYS A 358 0.22 -45.86 -24.93
N PHE A 359 0.62 -46.86 -25.72
CA PHE A 359 1.43 -47.97 -25.23
C PHE A 359 2.89 -47.88 -25.65
N GLN A 360 3.29 -46.79 -26.30
CA GLN A 360 4.69 -46.55 -26.67
C GLN A 360 5.25 -47.71 -27.48
N CYS A 361 4.44 -48.26 -28.39
CA CYS A 361 4.86 -49.34 -29.26
C CYS A 361 4.56 -48.97 -30.71
N SER A 362 4.95 -49.84 -31.63
CA SER A 362 4.85 -49.58 -33.06
C SER A 362 3.88 -50.55 -33.70
N LEU A 363 2.93 -50.02 -34.47
CA LEU A 363 2.03 -50.88 -35.23
C LEU A 363 2.70 -51.36 -36.50
N GLN A 364 3.14 -50.44 -37.35
CA GLN A 364 3.81 -50.78 -38.60
C GLN A 364 5.27 -50.36 -38.61
N ASN A 365 5.56 -49.06 -38.44
CA ASN A 365 6.95 -48.61 -38.52
C ASN A 365 7.29 -47.49 -37.54
N LYS A 366 6.55 -47.36 -36.43
CA LYS A 366 6.84 -46.29 -35.47
C LYS A 366 8.22 -46.45 -34.86
N ARG A 367 8.58 -47.67 -34.48
CA ARG A 367 9.91 -47.99 -33.96
C ARG A 367 10.79 -48.64 -35.02
N ASN A 368 10.60 -48.28 -36.29
CA ASN A 368 11.26 -48.88 -37.44
C ASN A 368 10.94 -50.36 -37.60
N HIS A 369 9.95 -50.87 -36.87
CA HIS A 369 9.55 -52.27 -36.94
C HIS A 369 8.08 -52.37 -36.55
N ARG A 370 7.58 -53.61 -36.50
CA ARG A 370 6.16 -53.84 -36.24
C ARG A 370 5.95 -54.97 -35.22
N GLN A 371 6.84 -55.07 -34.23
CA GLN A 371 6.75 -56.15 -33.25
C GLN A 371 6.59 -55.67 -31.82
N VAL A 372 6.77 -54.39 -31.54
CA VAL A 372 6.69 -53.90 -30.17
C VAL A 372 5.26 -53.97 -29.65
N CYS A 373 4.28 -53.67 -30.50
CA CYS A 373 2.88 -53.68 -30.08
C CYS A 373 2.41 -55.12 -29.90
N ASP A 374 2.09 -55.49 -28.66
CA ASP A 374 1.61 -56.83 -28.38
C ASP A 374 0.22 -57.04 -28.97
N LYS A 375 0.01 -58.23 -29.55
CA LYS A 375 -1.31 -58.56 -30.09
C LYS A 375 -2.34 -58.76 -28.99
N HIS A 376 -1.92 -59.30 -27.85
CA HIS A 376 -2.82 -59.58 -26.75
C HIS A 376 -3.06 -58.36 -25.86
N LEU A 377 -2.26 -57.31 -26.03
CA LEU A 377 -2.41 -56.11 -25.21
C LEU A 377 -3.73 -55.40 -25.53
N ALA A 378 -4.38 -54.88 -24.49
CA ALA A 378 -5.66 -54.22 -24.65
C ALA A 378 -5.87 -53.23 -23.52
N ILE A 379 -6.81 -52.31 -23.73
CA ILE A 379 -7.15 -51.31 -22.73
C ILE A 379 -7.97 -51.97 -21.63
N ASP A 380 -7.58 -51.72 -20.38
CA ASP A 380 -8.30 -52.25 -19.23
C ASP A 380 -8.23 -51.24 -18.10
N SER A 381 -8.80 -51.61 -16.95
CA SER A 381 -8.86 -50.70 -15.81
C SER A 381 -7.50 -50.38 -15.24
N SER A 382 -6.47 -51.15 -15.60
CA SER A 382 -5.13 -50.90 -15.07
C SER A 382 -4.58 -49.56 -15.55
N ASN A 383 -4.82 -49.20 -16.81
CA ASN A 383 -4.22 -48.02 -17.40
C ASN A 383 -5.25 -47.03 -17.95
N TYR A 384 -6.53 -47.21 -17.63
CA TYR A 384 -7.59 -46.42 -18.23
C TYR A 384 -8.48 -45.83 -17.15
N GLU A 385 -8.73 -44.52 -17.24
CA GLU A 385 -9.65 -43.83 -16.35
C GLU A 385 -10.45 -42.84 -17.18
N GLN A 386 -11.76 -42.78 -16.94
CA GLN A 386 -12.63 -41.97 -17.77
C GLN A 386 -12.30 -40.49 -17.64
N GLU A 387 -12.37 -39.78 -18.76
CA GLU A 387 -12.30 -38.34 -18.75
C GLU A 387 -13.51 -37.78 -18.00
N SER A 388 -13.29 -36.68 -17.27
CA SER A 388 -14.35 -36.15 -16.42
C SER A 388 -15.56 -35.70 -17.24
N LYS A 389 -15.33 -35.01 -18.34
CA LYS A 389 -16.43 -34.51 -19.18
C LYS A 389 -16.84 -35.49 -20.26
N ILE A 390 -17.15 -36.73 -19.88
CA ILE A 390 -17.67 -37.71 -20.82
C ILE A 390 -19.19 -37.72 -20.83
N MET A 391 -19.81 -37.51 -19.66
CA MET A 391 -21.25 -37.35 -19.62
C MET A 391 -21.70 -36.13 -20.42
N PHE A 392 -20.92 -35.05 -20.36
CA PHE A 392 -21.31 -33.83 -21.04
C PHE A 392 -21.21 -33.96 -22.56
N VAL A 393 -20.48 -34.96 -23.04
CA VAL A 393 -20.46 -35.23 -24.48
C VAL A 393 -21.67 -36.08 -24.87
N VAL A 394 -21.97 -37.11 -24.09
CA VAL A 394 -23.11 -37.96 -24.37
C VAL A 394 -24.40 -37.16 -24.27
N ASN A 395 -24.52 -36.33 -23.23
CA ASN A 395 -25.69 -35.46 -23.12
C ASN A 395 -25.77 -34.48 -24.27
N ALA A 396 -24.62 -33.99 -24.74
CA ALA A 396 -24.63 -33.10 -25.90
C ALA A 396 -25.16 -33.79 -27.14
N VAL A 397 -24.74 -35.03 -27.38
CA VAL A 397 -25.24 -35.78 -28.53
C VAL A 397 -26.73 -36.06 -28.38
N TYR A 398 -27.16 -36.47 -27.19
CA TYR A 398 -28.56 -36.77 -26.99
C TYR A 398 -29.43 -35.53 -27.04
N ALA A 399 -28.89 -34.37 -26.64
CA ALA A 399 -29.65 -33.14 -26.75
C ALA A 399 -30.01 -32.84 -28.20
N MET A 400 -29.07 -33.07 -29.12
CA MET A 400 -29.37 -32.91 -30.53
C MET A 400 -30.41 -33.91 -31.01
N ALA A 401 -30.29 -35.16 -30.57
CA ALA A 401 -31.24 -36.19 -30.98
C ALA A 401 -32.64 -35.89 -30.46
N HIS A 402 -32.75 -35.45 -29.21
CA HIS A 402 -34.06 -35.15 -28.64
C HIS A 402 -34.69 -33.95 -29.34
N ALA A 403 -33.88 -32.95 -29.70
CA ALA A 403 -34.42 -31.80 -30.43
C ALA A 403 -34.99 -32.23 -31.78
N LEU A 404 -34.28 -33.10 -32.50
CA LEU A 404 -34.80 -33.58 -33.77
C LEU A 404 -35.98 -34.52 -33.57
N HIS A 405 -35.91 -35.38 -32.55
CA HIS A 405 -36.99 -36.33 -32.31
C HIS A 405 -38.30 -35.62 -31.99
N LYS A 406 -38.24 -34.57 -31.16
CA LYS A 406 -39.45 -33.78 -30.90
C LYS A 406 -39.91 -33.06 -32.16
N MET A 407 -38.97 -32.53 -32.94
CA MET A 407 -39.34 -31.87 -34.19
C MET A 407 -39.92 -32.86 -35.18
N GLN A 408 -39.37 -34.07 -35.24
CA GLN A 408 -39.90 -35.08 -36.15
C GLN A 408 -41.33 -35.45 -35.76
N ARG A 409 -41.59 -35.60 -34.47
CA ARG A 409 -42.94 -35.90 -34.01
C ARG A 409 -43.92 -34.76 -34.27
N THR A 410 -43.42 -33.57 -34.59
CA THR A 410 -44.28 -32.43 -34.89
C THR A 410 -44.50 -32.28 -36.40
N LEU A 411 -43.42 -32.21 -37.17
CA LEU A 411 -43.54 -31.97 -38.60
C LEU A 411 -43.95 -33.24 -39.36
N CYS A 412 -43.56 -34.41 -38.88
CA CYS A 412 -43.85 -35.68 -39.55
C CYS A 412 -44.49 -36.64 -38.57
N PRO A 413 -45.75 -36.41 -38.20
CA PRO A 413 -46.40 -37.29 -37.21
C PRO A 413 -46.94 -38.57 -37.82
N ASN A 414 -47.24 -38.54 -39.11
CA ASN A 414 -47.81 -39.72 -39.76
C ASN A 414 -46.82 -40.86 -39.85
N THR A 415 -45.57 -40.56 -40.19
CA THR A 415 -44.55 -41.57 -40.40
C THR A 415 -43.38 -41.36 -39.45
N THR A 416 -42.76 -42.47 -39.03
CA THR A 416 -41.58 -42.40 -38.19
C THR A 416 -40.34 -41.97 -38.96
N LYS A 417 -40.35 -42.11 -40.28
CA LYS A 417 -39.22 -41.70 -41.11
C LYS A 417 -39.29 -40.21 -41.41
N LEU A 418 -38.24 -39.71 -42.07
CA LEU A 418 -38.21 -38.31 -42.46
C LEU A 418 -39.28 -38.03 -43.52
N CYS A 419 -39.97 -36.91 -43.36
CA CYS A 419 -41.01 -36.50 -44.28
C CYS A 419 -40.50 -35.36 -45.16
N ASP A 420 -41.36 -34.89 -46.07
CA ASP A 420 -40.98 -33.84 -47.00
C ASP A 420 -40.68 -32.51 -46.30
N ALA A 421 -41.22 -32.31 -45.10
CA ALA A 421 -40.93 -31.08 -44.37
C ALA A 421 -39.48 -31.01 -43.93
N MET A 422 -38.81 -32.16 -43.78
CA MET A 422 -37.41 -32.21 -43.36
C MET A 422 -36.44 -32.44 -44.50
N LYS A 423 -36.92 -32.37 -45.75
CA LYS A 423 -35.99 -32.43 -46.87
C LYS A 423 -35.03 -31.24 -46.83
N ILE A 424 -35.54 -30.06 -46.48
CA ILE A 424 -34.73 -28.90 -46.15
C ILE A 424 -35.02 -28.55 -44.70
N LEU A 425 -33.96 -28.47 -43.90
CA LEU A 425 -34.09 -28.30 -42.45
C LEU A 425 -34.01 -26.83 -42.07
N ASP A 426 -34.81 -26.44 -41.09
CA ASP A 426 -34.80 -25.09 -40.55
C ASP A 426 -33.99 -25.10 -39.26
N GLY A 427 -32.83 -24.43 -39.29
CA GLY A 427 -32.00 -24.39 -38.10
C GLY A 427 -32.61 -23.59 -36.97
N LYS A 428 -33.24 -22.45 -37.29
CA LYS A 428 -33.81 -21.60 -36.25
C LYS A 428 -34.96 -22.31 -35.53
N LYS A 429 -35.80 -23.01 -36.28
CA LYS A 429 -36.87 -23.79 -35.65
C LYS A 429 -36.31 -24.90 -34.78
N LEU A 430 -35.26 -25.57 -35.25
CA LEU A 430 -34.66 -26.66 -34.47
C LEU A 430 -34.06 -26.14 -33.17
N TYR A 431 -33.41 -24.99 -33.21
CA TYR A 431 -32.74 -24.47 -32.02
C TYR A 431 -33.71 -23.78 -31.07
N LYS A 432 -34.44 -22.78 -31.58
CA LYS A 432 -35.25 -21.93 -30.70
C LYS A 432 -36.39 -22.71 -30.05
N GLU A 433 -37.08 -23.55 -30.83
CA GLU A 433 -38.30 -24.19 -30.33
C GLU A 433 -38.03 -25.50 -29.60
N TYR A 434 -37.20 -26.37 -30.16
CA TYR A 434 -37.01 -27.70 -29.61
C TYR A 434 -35.73 -27.83 -28.78
N LEU A 435 -34.60 -27.41 -29.34
CA LEU A 435 -33.32 -27.61 -28.66
C LEU A 435 -33.21 -26.74 -27.41
N LEU A 436 -33.56 -25.45 -27.53
CA LEU A 436 -33.40 -24.54 -26.39
C LEU A 436 -34.39 -24.82 -25.27
N LYS A 437 -35.40 -25.65 -25.50
CA LYS A 437 -36.37 -26.02 -24.47
C LYS A 437 -36.41 -27.53 -24.26
N ILE A 438 -35.29 -28.20 -24.51
CA ILE A 438 -35.24 -29.65 -24.35
C ILE A 438 -35.25 -29.99 -22.86
N ASN A 439 -35.73 -31.19 -22.56
CA ASN A 439 -35.81 -31.65 -21.17
C ASN A 439 -35.96 -33.16 -21.19
N PHE A 440 -34.96 -33.87 -20.67
CA PHE A 440 -35.04 -35.33 -20.61
C PHE A 440 -34.07 -35.84 -19.55
N THR A 441 -34.32 -37.07 -19.11
CA THR A 441 -33.42 -37.73 -18.18
C THR A 441 -32.12 -38.11 -18.88
N ALA A 442 -31.00 -37.81 -18.23
CA ALA A 442 -29.69 -38.08 -18.83
C ALA A 442 -29.54 -39.58 -19.08
N PRO A 443 -29.25 -39.99 -20.31
CA PRO A 443 -29.14 -41.43 -20.60
C PRO A 443 -27.88 -42.04 -19.99
N PHE A 444 -27.94 -43.34 -19.78
CA PHE A 444 -26.85 -44.14 -19.22
C PHE A 444 -26.47 -43.70 -17.80
N ASN A 445 -27.35 -42.98 -17.11
CA ASN A 445 -27.10 -42.53 -15.77
C ASN A 445 -28.28 -42.91 -14.87
N PRO A 446 -28.03 -43.51 -13.70
CA PRO A 446 -29.14 -43.88 -12.82
C PRO A 446 -29.95 -42.65 -12.41
N ASN A 447 -31.28 -42.84 -12.36
CA ASN A 447 -32.19 -41.75 -12.04
C ASN A 447 -32.19 -41.48 -10.52
N LYS A 448 -31.02 -41.12 -10.03
CA LYS A 448 -30.81 -40.86 -8.61
C LYS A 448 -30.96 -39.37 -8.25
N GLY A 449 -31.29 -38.53 -9.22
CA GLY A 449 -31.34 -37.10 -9.03
C GLY A 449 -30.00 -36.41 -9.23
N ALA A 450 -28.90 -37.09 -8.90
CA ALA A 450 -27.58 -36.55 -9.21
C ALA A 450 -27.37 -36.45 -10.70
N ASP A 451 -27.88 -37.42 -11.46
CA ASP A 451 -27.87 -37.32 -12.92
C ASP A 451 -28.64 -36.09 -13.38
N SER A 452 -29.71 -35.76 -12.68
CA SER A 452 -30.49 -34.54 -12.90
C SER A 452 -31.01 -34.54 -14.35
N ILE A 453 -31.20 -33.35 -14.92
CA ILE A 453 -31.79 -33.19 -16.23
C ILE A 453 -30.75 -32.60 -17.16
N VAL A 454 -31.01 -32.73 -18.46
CA VAL A 454 -30.14 -32.17 -19.48
C VAL A 454 -30.68 -30.82 -19.99
N LYS A 455 -31.55 -30.19 -19.19
CA LYS A 455 -32.17 -28.94 -19.60
C LYS A 455 -31.13 -27.84 -19.77
N PHE A 456 -31.37 -26.98 -20.76
CA PHE A 456 -30.65 -25.73 -20.89
C PHE A 456 -31.46 -24.61 -20.25
N ASP A 457 -30.77 -23.62 -19.72
CA ASP A 457 -31.45 -22.46 -19.17
C ASP A 457 -31.69 -21.44 -20.28
N THR A 458 -32.13 -20.24 -19.91
CA THR A 458 -32.45 -19.22 -20.92
C THR A 458 -31.24 -18.78 -21.71
N PHE A 459 -30.03 -19.05 -21.22
CA PHE A 459 -28.81 -18.71 -21.93
C PHE A 459 -28.20 -19.91 -22.66
N GLY A 460 -28.91 -21.03 -22.71
CA GLY A 460 -28.34 -22.23 -23.32
C GLY A 460 -27.13 -22.76 -22.60
N ASP A 461 -27.16 -22.77 -21.28
CA ASP A 461 -26.05 -23.24 -20.46
C ASP A 461 -26.54 -24.32 -19.51
N GLY A 462 -25.59 -24.95 -18.81
CA GLY A 462 -25.90 -25.96 -17.84
C GLY A 462 -25.92 -25.40 -16.41
N MET A 463 -26.11 -26.31 -15.46
CA MET A 463 -26.15 -25.94 -14.06
C MET A 463 -24.75 -25.80 -13.51
N GLY A 464 -24.54 -24.76 -12.70
CA GLY A 464 -23.22 -24.46 -12.17
C GLY A 464 -22.85 -25.28 -10.95
N ARG A 465 -22.55 -26.55 -11.15
CA ARG A 465 -22.12 -27.45 -10.08
C ARG A 465 -20.70 -27.90 -10.36
N TYR A 466 -19.84 -27.78 -9.35
CA TYR A 466 -18.44 -28.13 -9.47
C TYR A 466 -18.03 -29.08 -8.36
N ASN A 467 -16.98 -29.84 -8.61
CA ASN A 467 -16.31 -30.64 -7.59
C ASN A 467 -14.97 -30.01 -7.27
N VAL A 468 -14.48 -30.30 -6.07
CA VAL A 468 -13.18 -29.82 -5.62
C VAL A 468 -12.30 -31.04 -5.35
N PHE A 469 -11.13 -31.07 -5.96
CA PHE A 469 -10.21 -32.18 -5.85
C PHE A 469 -8.93 -31.73 -5.17
N ASN A 470 -8.22 -32.69 -4.59
CA ASN A 470 -6.94 -32.43 -3.94
C ASN A 470 -5.94 -33.46 -4.42
N LEU A 471 -4.74 -32.99 -4.76
CA LEU A 471 -3.67 -33.87 -5.23
C LEU A 471 -2.93 -34.43 -4.01
N GLN A 472 -3.02 -35.73 -3.81
CA GLN A 472 -2.47 -36.38 -2.64
C GLN A 472 -1.58 -37.54 -3.06
N GLN A 473 -0.66 -37.89 -2.17
CA GLN A 473 0.26 -38.99 -2.40
C GLN A 473 -0.20 -40.21 -1.61
N THR A 474 -0.27 -41.36 -2.28
CA THR A 474 -0.67 -42.62 -1.66
C THR A 474 0.49 -43.59 -1.77
N GLY A 475 1.39 -43.54 -0.79
CA GLY A 475 2.55 -44.43 -0.79
C GLY A 475 3.44 -44.25 -2.00
N GLY A 476 3.74 -43.00 -2.36
CA GLY A 476 4.54 -42.71 -3.53
C GLY A 476 3.76 -42.58 -4.83
N LYS A 477 2.45 -42.82 -4.80
CA LYS A 477 1.61 -42.66 -5.97
C LYS A 477 0.65 -41.49 -5.76
N TYR A 478 0.52 -40.65 -6.77
CA TYR A 478 -0.31 -39.45 -6.69
C TYR A 478 -1.68 -39.69 -7.29
N SER A 479 -2.68 -39.00 -6.74
CA SER A 479 -4.05 -39.14 -7.20
C SER A 479 -4.84 -37.92 -6.75
N TYR A 480 -6.02 -37.76 -7.34
CA TYR A 480 -6.94 -36.69 -6.99
C TYR A 480 -8.06 -37.25 -6.13
N LEU A 481 -8.35 -36.58 -5.01
CA LEU A 481 -9.41 -36.96 -4.11
C LEU A 481 -10.44 -35.83 -4.01
N LYS A 482 -11.71 -36.18 -4.18
CA LYS A 482 -12.78 -35.19 -4.07
C LYS A 482 -12.89 -34.73 -2.63
N VAL A 483 -12.62 -33.46 -2.38
CA VAL A 483 -12.60 -32.92 -1.03
C VAL A 483 -13.63 -31.82 -0.89
N GLY A 484 -14.70 -31.90 -1.66
CA GLY A 484 -15.77 -30.94 -1.56
C GLY A 484 -16.57 -30.88 -2.84
N HIS A 485 -17.41 -29.85 -2.92
CA HIS A 485 -18.22 -29.60 -4.09
C HIS A 485 -18.74 -28.16 -4.03
N TRP A 486 -19.44 -27.75 -5.07
CA TRP A 486 -19.98 -26.39 -5.13
C TRP A 486 -21.21 -26.43 -6.05
N ALA A 487 -22.40 -26.45 -5.44
CA ALA A 487 -23.64 -26.26 -6.18
C ALA A 487 -24.09 -24.81 -6.18
N GLU A 488 -24.32 -24.25 -4.99
CA GLU A 488 -24.43 -22.81 -4.81
C GLU A 488 -23.62 -22.30 -3.63
N THR A 489 -23.28 -23.15 -2.67
CA THR A 489 -22.38 -22.82 -1.57
C THR A 489 -21.34 -23.93 -1.46
N LEU A 490 -20.10 -23.56 -1.22
CA LEU A 490 -19.04 -24.55 -1.11
C LEU A 490 -19.22 -25.35 0.17
N SER A 491 -18.87 -26.63 0.11
CA SER A 491 -18.90 -27.52 1.27
C SER A 491 -17.64 -28.37 1.22
N LEU A 492 -16.58 -27.90 1.88
CA LEU A 492 -15.27 -28.53 1.79
C LEU A 492 -15.02 -29.40 3.01
N ASP A 493 -14.37 -30.55 2.78
CA ASP A 493 -13.98 -31.48 3.84
C ASP A 493 -12.52 -31.20 4.18
N VAL A 494 -12.30 -30.15 4.97
CA VAL A 494 -10.95 -29.65 5.24
C VAL A 494 -10.09 -30.67 5.97
N ASP A 495 -10.70 -31.63 6.68
CA ASP A 495 -9.91 -32.61 7.42
C ASP A 495 -9.20 -33.57 6.48
N SER A 496 -9.74 -33.82 5.31
CA SER A 496 -9.17 -34.76 4.35
C SER A 496 -8.19 -34.11 3.38
N ILE A 497 -8.05 -32.79 3.41
CA ILE A 497 -7.17 -32.10 2.48
C ILE A 497 -5.72 -32.34 2.88
N HIS A 498 -4.89 -32.72 1.91
CA HIS A 498 -3.45 -32.82 2.08
C HIS A 498 -2.82 -31.54 1.56
N TRP A 499 -2.26 -30.73 2.46
CA TRP A 499 -1.69 -29.46 2.07
C TRP A 499 -0.26 -29.63 1.59
N SER A 500 0.23 -28.64 0.86
CA SER A 500 1.55 -28.73 0.24
C SER A 500 2.66 -28.75 1.28
N ARG A 501 2.58 -27.87 2.28
CA ARG A 501 3.59 -27.79 3.33
C ARG A 501 3.09 -28.38 4.65
N ASN A 502 2.28 -29.43 4.59
CA ASN A 502 1.78 -30.17 5.75
C ASN A 502 0.98 -29.31 6.71
N SER A 503 0.63 -28.08 6.32
CA SER A 503 -0.17 -27.19 7.15
C SER A 503 -0.96 -26.27 6.24
N VAL A 504 -2.04 -25.71 6.80
CA VAL A 504 -2.92 -24.83 6.04
C VAL A 504 -2.13 -23.63 5.58
N PRO A 505 -2.07 -23.36 4.27
CA PRO A 505 -1.32 -22.21 3.79
C PRO A 505 -1.98 -20.90 4.21
N THR A 506 -1.15 -19.88 4.41
CA THR A 506 -1.61 -18.54 4.70
C THR A 506 -1.11 -17.61 3.61
N SER A 507 -2.03 -16.85 3.02
CA SER A 507 -1.70 -15.92 1.95
C SER A 507 -2.29 -14.57 2.34
N GLN A 508 -1.55 -13.82 3.14
CA GLN A 508 -1.95 -12.50 3.59
C GLN A 508 -0.87 -11.49 3.21
N CYS A 509 -1.31 -10.30 2.78
CA CYS A 509 -0.36 -9.29 2.35
C CYS A 509 0.54 -8.85 3.50
N SER A 510 -0.04 -8.67 4.68
CA SER A 510 0.73 -8.26 5.86
C SER A 510 0.30 -9.11 7.05
N ASP A 511 1.24 -9.29 7.97
CA ASP A 511 0.99 -10.11 9.14
C ASP A 511 0.01 -9.39 10.07
N PRO A 512 -0.73 -10.15 10.89
CA PRO A 512 -1.63 -9.51 11.86
C PRO A 512 -0.85 -8.68 12.86
N CYS A 513 -1.44 -7.56 13.27
CA CYS A 513 -0.76 -6.63 14.17
C CYS A 513 -0.88 -7.09 15.62
N ALA A 514 0.15 -6.79 16.39
CA ALA A 514 0.16 -7.14 17.80
C ALA A 514 -0.84 -6.28 18.56
N PRO A 515 -1.28 -6.74 19.73
CA PRO A 515 -2.21 -5.93 20.53
C PRO A 515 -1.67 -4.55 20.85
N ASN A 516 -0.36 -4.41 21.00
CA ASN A 516 0.25 -3.10 21.20
C ASN A 516 0.38 -2.30 19.91
N GLU A 517 0.07 -2.91 18.77
CA GLU A 517 0.29 -2.29 17.47
C GLU A 517 -1.05 -1.94 16.81
N MET A 518 -1.03 -0.86 16.05
CA MET A 518 -2.18 -0.40 15.27
C MET A 518 -1.93 -0.65 13.78
N LYS A 519 -2.89 -0.23 12.96
CA LYS A 519 -2.77 -0.37 11.52
C LYS A 519 -3.67 0.65 10.84
N ASN A 520 -3.38 0.92 9.57
CA ASN A 520 -4.16 1.86 8.78
C ASN A 520 -4.25 1.36 7.35
N MET A 521 -5.29 1.80 6.65
CA MET A 521 -5.55 1.41 5.28
C MET A 521 -5.06 2.49 4.34
N GLN A 522 -4.11 2.15 3.48
CA GLN A 522 -3.73 3.05 2.41
C GLN A 522 -4.83 3.07 1.34
N PRO A 523 -4.91 4.15 0.56
CA PRO A 523 -6.02 4.26 -0.41
C PRO A 523 -6.01 3.13 -1.42
N GLY A 524 -7.15 2.46 -1.54
CA GLY A 524 -7.33 1.40 -2.52
C GLY A 524 -6.83 0.03 -2.11
N ASP A 525 -6.38 -0.14 -0.88
CA ASP A 525 -5.87 -1.42 -0.40
C ASP A 525 -6.69 -1.91 0.77
N VAL A 526 -6.87 -3.23 0.86
CA VAL A 526 -7.64 -3.87 1.90
C VAL A 526 -6.79 -4.87 2.69
N CYS A 527 -6.09 -5.75 1.98
CA CYS A 527 -5.35 -6.82 2.62
C CYS A 527 -3.98 -6.40 3.12
N CYS A 528 -3.50 -5.21 2.75
CA CYS A 528 -2.17 -4.74 3.11
C CYS A 528 -2.28 -3.67 4.19
N TRP A 529 -1.49 -3.82 5.24
CA TRP A 529 -1.43 -2.82 6.30
C TRP A 529 -0.01 -2.78 6.85
N ILE A 530 0.17 -1.94 7.88
CA ILE A 530 1.43 -1.84 8.61
C ILE A 530 1.12 -1.93 10.09
N CYS A 531 2.09 -2.42 10.84
CA CYS A 531 1.94 -2.64 12.28
C CYS A 531 2.76 -1.58 13.02
N ILE A 532 2.11 -0.47 13.35
CA ILE A 532 2.73 0.60 14.12
C ILE A 532 2.38 0.39 15.58
N PRO A 533 3.35 0.16 16.46
CA PRO A 533 3.04 0.04 17.89
C PRO A 533 2.66 1.39 18.48
N CYS A 534 1.46 1.46 19.06
CA CYS A 534 1.02 2.69 19.69
C CYS A 534 1.81 2.95 20.96
N GLU A 535 2.04 4.22 21.26
CA GLU A 535 2.82 4.60 22.42
C GLU A 535 2.07 4.24 23.70
N PRO A 536 2.80 3.99 24.80
CA PRO A 536 2.16 3.41 26.00
C PRO A 536 1.15 4.30 26.70
N TYR A 537 0.84 5.48 26.16
CA TYR A 537 -0.21 6.31 26.73
C TYR A 537 -1.44 6.45 25.86
N GLU A 538 -1.33 6.22 24.56
CA GLU A 538 -2.49 6.18 23.68
C GLU A 538 -3.25 4.86 23.87
N TYR A 539 -4.47 4.82 23.37
CA TYR A 539 -5.27 3.60 23.47
C TYR A 539 -6.05 3.38 22.18
N LEU A 540 -6.40 2.11 21.95
CA LEU A 540 -7.02 1.67 20.70
C LEU A 540 -8.53 1.70 20.85
N VAL A 541 -9.17 2.73 20.29
CA VAL A 541 -10.61 2.66 20.06
C VAL A 541 -10.90 1.55 19.05
N ASP A 542 -10.10 1.48 18.00
CA ASP A 542 -10.15 0.40 17.02
C ASP A 542 -8.74 0.21 16.48
N GLU A 543 -8.56 -0.89 15.73
CA GLU A 543 -7.27 -1.14 15.12
C GLU A 543 -6.90 -0.07 14.09
N PHE A 544 -7.90 0.69 13.61
CA PHE A 544 -7.64 1.67 12.57
C PHE A 544 -7.02 2.95 13.10
N THR A 545 -7.26 3.31 14.36
CA THR A 545 -6.76 4.55 14.91
C THR A 545 -6.58 4.42 16.42
N CYS A 546 -5.53 5.04 16.96
CA CYS A 546 -5.31 5.10 18.39
C CYS A 546 -4.87 6.51 18.76
N MET A 547 -5.36 6.99 19.90
CA MET A 547 -5.02 8.32 20.40
C MET A 547 -4.96 8.29 21.92
N ASP A 548 -4.48 9.38 22.49
CA ASP A 548 -4.13 9.43 23.91
C ASP A 548 -5.36 9.30 24.79
N CYS A 549 -5.15 8.72 25.97
CA CYS A 549 -6.17 8.69 27.02
C CYS A 549 -6.20 10.04 27.72
N GLY A 550 -6.95 10.12 28.82
CA GLY A 550 -6.98 11.32 29.63
C GLY A 550 -5.70 11.48 30.42
N PRO A 551 -5.44 12.68 30.92
CA PRO A 551 -4.25 12.89 31.75
C PRO A 551 -4.31 12.04 33.01
N GLY A 552 -3.18 11.44 33.36
CA GLY A 552 -3.14 10.54 34.51
C GLY A 552 -4.06 9.35 34.37
N GLN A 553 -4.19 8.80 33.18
CA GLN A 553 -5.10 7.70 32.91
C GLN A 553 -4.38 6.66 32.04
N TRP A 554 -4.03 5.53 32.64
CA TRP A 554 -3.32 4.50 31.91
C TRP A 554 -4.27 3.79 30.93
N PRO A 555 -3.79 3.45 29.73
CA PRO A 555 -4.62 2.77 28.73
C PRO A 555 -4.80 1.27 28.98
N THR A 556 -5.12 0.92 30.23
CA THR A 556 -5.42 -0.45 30.63
C THR A 556 -4.36 -1.45 30.22
N ALA A 557 -4.73 -2.74 30.17
CA ALA A 557 -3.84 -3.81 29.73
C ALA A 557 -4.16 -4.32 28.35
N ASP A 558 -5.45 -4.46 28.03
CA ASP A 558 -5.88 -4.81 26.68
C ASP A 558 -5.64 -3.68 25.68
N LEU A 559 -5.37 -2.47 26.18
CA LEU A 559 -5.02 -1.27 25.43
C LEU A 559 -6.24 -0.69 24.71
N SER A 560 -7.38 -1.38 24.75
CA SER A 560 -8.60 -0.88 24.13
C SER A 560 -9.41 0.03 25.04
N GLY A 561 -8.97 0.24 26.28
CA GLY A 561 -9.64 1.15 27.19
C GLY A 561 -8.65 2.03 27.93
N CYS A 562 -9.12 2.83 28.89
CA CYS A 562 -8.26 3.64 29.73
C CYS A 562 -8.76 3.58 31.16
N TYR A 563 -7.85 3.50 32.13
CA TYR A 563 -8.18 3.57 33.54
C TYR A 563 -7.21 4.51 34.24
N ASN A 564 -7.71 5.19 35.27
CA ASN A 564 -6.93 6.22 35.94
C ASN A 564 -5.67 5.64 36.56
N LEU A 565 -4.56 6.37 36.40
CA LEU A 565 -3.30 5.93 36.98
C LEU A 565 -3.40 5.91 38.50
N PRO A 566 -2.80 4.92 39.16
CA PRO A 566 -2.86 4.87 40.62
C PRO A 566 -2.12 6.04 41.25
N GLU A 567 -2.62 6.48 42.40
CA GLU A 567 -1.99 7.54 43.16
C GLU A 567 -0.84 7.00 43.99
N ASP A 568 0.25 7.76 44.05
CA ASP A 568 1.44 7.36 44.79
C ASP A 568 1.61 8.24 46.01
N TYR A 569 1.99 7.62 47.13
CA TYR A 569 2.23 8.33 48.37
C TYR A 569 3.30 7.59 49.16
N ILE A 570 3.94 8.31 50.08
CA ILE A 570 5.04 7.74 50.86
C ILE A 570 4.43 6.82 51.91
N LYS A 571 4.65 5.51 51.73
CA LYS A 571 4.11 4.51 52.64
C LYS A 571 5.04 4.33 53.83
N TRP A 572 4.82 3.26 54.61
CA TRP A 572 5.64 2.97 55.77
C TRP A 572 7.06 2.55 55.40
N GLU A 573 7.34 2.31 54.12
CA GLU A 573 8.67 1.89 53.70
C GLU A 573 9.72 2.98 53.85
N ASP A 574 9.31 4.23 54.12
CA ASP A 574 10.27 5.31 54.30
C ASP A 574 11.00 5.16 55.62
N ALA A 575 12.19 4.54 55.58
CA ALA A 575 12.95 4.33 56.80
C ALA A 575 13.42 5.64 57.41
N TRP A 576 13.84 6.59 56.57
CA TRP A 576 14.29 7.89 57.08
C TRP A 576 13.16 8.62 57.80
N ALA A 577 11.95 8.59 57.22
CA ALA A 577 10.81 9.20 57.89
C ALA A 577 10.49 8.49 59.20
N ILE A 578 10.56 7.16 59.20
CA ILE A 578 10.33 6.40 60.43
C ILE A 578 11.38 6.74 61.48
N GLY A 579 12.66 6.83 61.05
CA GLY A 579 13.72 7.23 61.95
C GLY A 579 13.56 8.60 62.55
N PRO A 580 13.20 9.63 61.78
CA PRO A 580 12.87 10.92 62.39
C PRO A 580 11.69 10.85 63.35
N VAL A 581 10.72 9.97 63.09
CA VAL A 581 9.60 9.81 64.01
C VAL A 581 10.08 9.32 65.38
N THR A 582 11.00 8.35 65.38
CA THR A 582 11.59 7.89 66.64
C THR A 582 12.36 9.01 67.32
N ILE A 583 13.08 9.82 66.54
CA ILE A 583 13.79 10.97 67.11
C ILE A 583 12.78 11.96 67.70
N ALA A 584 11.68 12.20 66.99
CA ALA A 584 10.64 13.08 67.53
C ALA A 584 10.04 12.51 68.80
N CYS A 585 9.80 11.20 68.82
CA CYS A 585 9.35 10.55 70.05
C CYS A 585 10.42 10.62 71.12
N LEU A 586 11.69 10.46 70.73
CA LEU A 586 12.78 10.57 71.69
C LEU A 586 12.85 11.97 72.28
N GLY A 587 12.62 13.00 71.47
CA GLY A 587 12.58 14.36 71.98
C GLY A 587 11.47 14.57 72.99
N PHE A 588 10.31 13.95 72.75
CA PHE A 588 9.23 14.01 73.72
C PHE A 588 9.61 13.33 75.03
N LEU A 589 10.35 12.21 74.94
CA LEU A 589 10.81 11.53 76.15
C LEU A 589 11.75 12.41 76.95
N CYS A 590 12.64 13.14 76.27
CA CYS A 590 13.55 14.04 76.97
C CYS A 590 12.78 15.15 77.69
N THR A 591 11.74 15.69 77.06
CA THR A 591 10.90 16.69 77.71
C THR A 591 10.19 16.10 78.92
N CYS A 592 9.70 14.86 78.79
CA CYS A 592 9.06 14.20 79.93
C CYS A 592 10.04 13.98 81.07
N ILE A 593 11.29 13.65 80.75
CA ILE A 593 12.31 13.49 81.78
C ILE A 593 12.56 14.83 82.48
N VAL A 594 12.56 15.93 81.70
CA VAL A 594 12.70 17.26 82.31
C VAL A 594 11.53 17.56 83.23
N ILE A 595 10.31 17.22 82.79
CA ILE A 595 9.13 17.43 83.63
C ILE A 595 9.21 16.57 84.88
N THR A 596 9.62 15.30 84.72
CA THR A 596 9.72 14.41 85.87
C THR A 596 10.80 14.87 86.85
N VAL A 597 11.82 15.58 86.37
CA VAL A 597 12.86 16.09 87.26
C VAL A 597 12.28 17.10 88.23
N PHE A 598 11.43 18.00 87.75
CA PHE A 598 10.80 18.99 88.61
C PHE A 598 9.62 18.39 89.34
N ILE A 599 9.23 19.05 90.43
CA ILE A 599 8.11 18.59 91.25
C ILE A 599 8.56 17.51 92.23
N SER A 610 10.44 34.23 86.58
CA SER A 610 10.35 32.78 86.44
C SER A 610 8.94 32.37 86.02
N GLY A 611 8.30 31.56 86.86
CA GLY A 611 6.96 31.09 86.59
C GLY A 611 6.95 29.74 85.88
N ARG A 612 5.85 29.02 86.08
CA ARG A 612 5.67 27.70 85.47
C ARG A 612 5.02 27.75 84.10
N GLU A 613 4.59 28.94 83.65
CA GLU A 613 3.96 29.04 82.34
C GLU A 613 4.94 28.71 81.22
N LEU A 614 6.20 29.13 81.37
CA LEU A 614 7.20 28.87 80.34
C LEU A 614 7.44 27.37 80.16
N CYS A 615 7.49 26.62 81.27
CA CYS A 615 7.73 25.19 81.18
C CYS A 615 6.59 24.49 80.44
N TYR A 616 5.35 24.86 80.74
CA TYR A 616 4.21 24.26 80.04
C TYR A 616 4.19 24.66 78.58
N ILE A 617 4.44 25.94 78.28
CA ILE A 617 4.42 26.40 76.90
C ILE A 617 5.55 25.75 76.10
N LEU A 618 6.74 25.67 76.68
CA LEU A 618 7.87 25.05 75.98
C LEU A 618 7.60 23.57 75.72
N LEU A 619 7.03 22.87 76.70
CA LEU A 619 6.73 21.44 76.52
C LEU A 619 5.72 21.23 75.41
N PHE A 620 4.68 22.06 75.36
CA PHE A 620 3.62 21.88 74.36
C PHE A 620 4.17 22.07 72.95
N GLY A 621 5.00 23.08 72.74
CA GLY A 621 5.55 23.32 71.41
C GLY A 621 6.46 22.21 70.93
N VAL A 622 7.34 21.73 71.81
CA VAL A 622 8.27 20.66 71.43
C VAL A 622 7.52 19.38 71.12
N SER A 623 6.55 19.02 71.96
CA SER A 623 5.75 17.83 71.71
C SER A 623 4.94 17.96 70.43
N LEU A 624 4.37 19.15 70.20
CA LEU A 624 3.61 19.38 68.98
C LEU A 624 4.48 19.23 67.74
N SER A 625 5.70 19.77 67.79
CA SER A 625 6.61 19.63 66.65
C SER A 625 6.96 18.18 66.39
N TYR A 626 7.26 17.42 67.46
CA TYR A 626 7.55 16.00 67.29
C TYR A 626 6.31 15.24 66.82
N CYS A 627 5.15 15.56 67.39
CA CYS A 627 3.92 14.87 67.01
C CYS A 627 3.52 15.18 65.57
N MET A 628 3.72 16.43 65.14
CA MET A 628 3.33 16.82 63.78
C MET A 628 4.11 16.06 62.72
N THR A 629 5.35 15.68 63.02
CA THR A 629 6.14 14.93 62.06
C THR A 629 5.51 13.58 61.76
N PHE A 630 5.03 12.88 62.80
CA PHE A 630 4.34 11.62 62.58
C PHE A 630 3.04 11.82 61.82
N PHE A 631 2.27 12.86 62.16
CA PHE A 631 1.02 13.12 61.48
C PHE A 631 1.25 13.49 60.02
N PHE A 632 2.27 14.30 59.75
CA PHE A 632 2.56 14.69 58.37
C PHE A 632 3.04 13.52 57.53
N ILE A 633 3.72 12.55 58.15
CA ILE A 633 4.22 11.38 57.43
C ILE A 633 3.15 10.34 57.16
N ALA A 634 1.91 10.60 57.57
CA ALA A 634 0.83 9.65 57.35
C ALA A 634 0.36 9.70 55.90
N LYS A 635 -0.66 8.92 55.59
CA LYS A 635 -1.19 8.88 54.23
C LYS A 635 -1.95 10.17 53.94
N PRO A 636 -1.58 10.91 52.89
CA PRO A 636 -2.32 12.14 52.58
C PRO A 636 -3.76 11.85 52.19
N SER A 637 -4.65 12.74 52.59
CA SER A 637 -6.07 12.64 52.30
C SER A 637 -6.62 14.03 52.06
N PRO A 638 -7.71 14.15 51.32
CA PRO A 638 -8.33 15.47 51.13
C PRO A 638 -9.06 15.94 52.37
N VAL A 639 -9.59 14.99 53.14
CA VAL A 639 -10.28 15.34 54.38
C VAL A 639 -9.30 15.87 55.41
N ILE A 640 -8.09 15.31 55.46
CA ILE A 640 -7.09 15.69 56.45
C ILE A 640 -6.06 16.67 55.88
N CYS A 641 -6.39 17.35 54.78
CA CYS A 641 -5.45 18.30 54.20
C CYS A 641 -5.18 19.47 55.14
N ALA A 642 -6.20 19.95 55.85
CA ALA A 642 -6.02 21.06 56.77
C ALA A 642 -5.21 20.66 58.01
N LEU A 643 -5.22 19.37 58.38
CA LEU A 643 -4.44 18.93 59.53
C LEU A 643 -2.96 19.15 59.29
N ARG A 644 -2.47 18.83 58.09
CA ARG A 644 -1.08 19.11 57.75
C ARG A 644 -0.82 20.61 57.77
N ARG A 645 -1.74 21.41 57.23
CA ARG A 645 -1.64 22.85 57.36
C ARG A 645 -1.75 23.27 58.82
N LEU A 646 -2.64 22.63 59.57
CA LEU A 646 -2.73 22.89 61.01
C LEU A 646 -1.48 22.41 61.74
N GLY A 647 -0.84 21.34 61.23
CA GLY A 647 0.37 20.86 61.85
C GLY A 647 1.48 21.89 61.85
N LEU A 648 1.61 22.64 60.75
CA LEU A 648 2.57 23.74 60.72
C LEU A 648 2.23 24.81 61.73
N GLY A 649 0.94 25.12 61.89
CA GLY A 649 0.53 26.10 62.89
C GLY A 649 0.81 25.66 64.31
N THR A 650 0.71 24.36 64.58
CA THR A 650 0.97 23.87 65.94
C THR A 650 2.40 24.15 66.35
N SER A 651 3.36 23.93 65.46
CA SER A 651 4.73 24.33 65.73
C SER A 651 4.85 25.86 65.79
N PHE A 652 4.12 26.56 64.94
CA PHE A 652 4.16 28.02 64.95
C PHE A 652 3.60 28.57 66.26
N ALA A 653 2.54 27.95 66.78
CA ALA A 653 2.00 28.38 68.07
C ALA A 653 3.00 28.17 69.19
N ILE A 654 3.74 27.05 69.16
CA ILE A 654 4.76 26.80 70.16
C ILE A 654 5.86 27.85 70.08
N CYS A 655 6.27 28.21 68.86
CA CYS A 655 7.30 29.23 68.69
C CYS A 655 6.83 30.58 69.23
N TYR A 656 5.56 30.92 69.00
CA TYR A 656 5.02 32.16 69.54
C TYR A 656 5.02 32.15 71.06
N SER A 657 4.71 31.00 71.66
CA SER A 657 4.68 30.90 73.12
C SER A 657 6.06 31.15 73.71
N ALA A 658 7.11 30.63 73.07
CA ALA A 658 8.46 30.88 73.56
C ALA A 658 8.81 32.35 73.49
N LEU A 659 8.44 33.03 72.40
CA LEU A 659 8.67 34.46 72.30
C LEU A 659 7.86 35.23 73.34
N LEU A 660 6.61 34.82 73.56
CA LEU A 660 5.77 35.51 74.54
C LEU A 660 6.30 35.32 75.96
N THR A 661 6.70 34.10 76.31
CA THR A 661 7.22 33.86 77.65
C THR A 661 8.54 34.59 77.87
N LYS A 662 9.41 34.60 76.87
CA LYS A 662 10.70 35.28 77.01
C LYS A 662 10.52 36.78 77.13
N THR A 663 9.61 37.36 76.36
CA THR A 663 9.39 38.80 76.39
C THR A 663 8.83 39.26 77.73
N LYS A 681 1.00 40.75 86.89
CA LYS A 681 2.42 40.74 86.54
C LYS A 681 2.77 39.52 85.70
N PHE A 682 3.57 38.63 86.27
CA PHE A 682 3.95 37.41 85.55
C PHE A 682 2.74 36.51 85.29
N ILE A 683 1.86 36.39 86.29
CA ILE A 683 0.67 35.56 86.11
C ILE A 683 -0.24 36.17 85.05
N SER A 684 -0.43 37.48 85.09
CA SER A 684 -1.24 38.15 84.07
C SER A 684 -0.67 37.99 82.67
N PRO A 685 0.63 38.18 82.43
CA PRO A 685 1.16 38.01 81.08
C PRO A 685 1.00 36.61 80.52
N SER A 686 0.90 35.58 81.36
CA SER A 686 0.72 34.23 80.86
C SER A 686 -0.62 34.08 80.15
N SER A 687 -1.68 34.68 80.71
CA SER A 687 -2.99 34.62 80.05
C SER A 687 -2.96 35.35 78.72
N GLN A 688 -2.30 36.50 78.66
CA GLN A 688 -2.19 37.26 77.42
C GLN A 688 -1.10 36.75 76.50
N VAL A 689 -0.23 35.86 76.97
CA VAL A 689 0.83 35.33 76.12
C VAL A 689 0.29 34.24 75.19
N PHE A 690 -0.29 33.18 75.78
CA PHE A 690 -0.88 32.13 74.96
C PHE A 690 -2.05 32.65 74.15
N ILE A 691 -2.89 33.49 74.76
CA ILE A 691 -4.00 34.09 74.03
C ILE A 691 -3.49 35.02 72.94
N CYS A 692 -2.38 35.71 73.20
CA CYS A 692 -1.81 36.60 72.20
C CYS A 692 -1.34 35.83 70.96
N LEU A 693 -0.89 34.58 71.14
CA LEU A 693 -0.49 33.77 69.99
C LEU A 693 -1.66 33.41 69.10
N GLY A 694 -2.88 33.39 69.64
CA GLY A 694 -4.07 33.07 68.88
C GLY A 694 -4.51 31.63 68.97
N LEU A 695 -3.64 30.72 69.41
CA LEU A 695 -3.96 29.30 69.53
C LEU A 695 -4.33 28.68 68.18
N ILE A 696 -3.78 29.22 67.10
CA ILE A 696 -4.06 28.72 65.75
C ILE A 696 -5.54 28.91 65.42
N LEU A 697 -6.17 29.92 66.02
CA LEU A 697 -7.58 30.21 65.81
C LEU A 697 -8.47 29.01 66.14
N VAL A 698 -8.11 28.28 67.20
CA VAL A 698 -8.83 27.08 67.61
C VAL A 698 -8.75 26.05 66.48
N GLN A 699 -7.60 25.98 65.82
CA GLN A 699 -7.41 25.08 64.69
C GLN A 699 -8.23 25.50 63.48
N ILE A 700 -8.37 26.81 63.28
CA ILE A 700 -9.15 27.34 62.17
C ILE A 700 -10.62 26.99 62.38
N VAL A 701 -11.07 27.07 63.64
CA VAL A 701 -12.43 26.71 64.01
C VAL A 701 -12.59 25.19 63.88
N MET A 702 -11.70 24.44 64.52
CA MET A 702 -11.76 22.98 64.55
C MET A 702 -11.62 22.35 63.17
N VAL A 703 -10.95 23.05 62.25
CA VAL A 703 -10.75 22.54 60.90
C VAL A 703 -12.07 22.44 60.14
N ILE A 708 -10.88 18.56 53.31
CA ILE A 708 -10.72 19.38 54.51
C ILE A 708 -9.35 20.05 54.54
N LEU A 709 -9.25 21.22 53.91
CA LEU A 709 -8.02 21.98 53.86
C LEU A 709 -8.35 23.37 53.33
N GLU A 710 -7.30 24.17 53.09
CA GLU A 710 -7.52 25.48 52.47
C GLU A 710 -8.14 25.34 51.09
N THR A 711 -7.64 24.40 50.29
CA THR A 711 -8.29 24.01 49.06
C THR A 711 -9.31 22.93 49.36
N PRO A 712 -10.57 23.09 48.98
CA PRO A 712 -11.58 22.08 49.35
C PRO A 712 -11.28 20.68 48.84
N GLY A 713 -10.65 20.57 47.67
CA GLY A 713 -10.33 19.28 47.09
C GLY A 713 -8.81 19.08 47.00
N THR A 714 -8.40 17.82 47.01
CA THR A 714 -7.00 17.45 46.85
C THR A 714 -6.78 16.97 45.42
N ARG A 715 -5.84 17.62 44.73
CA ARG A 715 -5.60 17.36 43.32
C ARG A 715 -4.62 16.20 43.13
N ARG A 716 -4.92 15.36 42.15
CA ARG A 716 -3.98 14.30 41.76
C ARG A 716 -2.90 14.92 40.88
N TYR A 717 -1.68 14.99 41.40
CA TYR A 717 -0.58 15.61 40.67
C TYR A 717 -0.25 14.77 39.44
N THR A 718 -0.39 15.38 38.26
CA THR A 718 -0.14 14.70 36.99
C THR A 718 0.79 15.55 36.16
N LEU A 719 1.84 14.93 35.64
CA LEU A 719 2.79 15.63 34.78
C LEU A 719 2.44 15.40 33.32
N PRO A 720 2.90 16.29 32.43
CA PRO A 720 2.66 16.06 30.99
C PRO A 720 3.20 14.71 30.51
N GLU A 721 4.32 14.27 31.06
CA GLU A 721 4.84 12.93 30.81
C GLU A 721 4.26 12.01 31.88
N LYS A 722 3.32 11.16 31.48
CA LYS A 722 2.62 10.30 32.43
C LYS A 722 3.59 9.36 33.12
N ARG A 723 4.17 8.42 32.37
CA ARG A 723 5.18 7.49 32.87
C ARG A 723 4.68 6.73 34.09
N GLU A 724 3.37 6.50 34.18
CA GLU A 724 2.75 5.80 35.31
C GLU A 724 3.15 6.44 36.63
N THR A 725 3.01 7.77 36.69
CA THR A 725 3.43 8.54 37.86
C THR A 725 2.36 9.57 38.18
N VAL A 726 1.63 9.35 39.27
CA VAL A 726 0.61 10.29 39.75
C VAL A 726 0.80 10.48 41.25
N ILE A 727 0.79 11.73 41.69
CA ILE A 727 1.03 12.09 43.07
C ILE A 727 -0.23 12.75 43.63
N LEU A 728 -0.47 12.55 44.93
CA LEU A 728 -1.56 13.21 45.64
C LEU A 728 -1.10 14.58 46.09
N LYS A 729 -1.72 15.63 45.56
CA LYS A 729 -1.37 17.01 45.87
C LYS A 729 -2.56 17.69 46.55
N CYS A 730 -2.35 18.14 47.78
CA CYS A 730 -3.40 18.85 48.49
C CYS A 730 -3.64 20.22 47.87
N ASN A 731 -4.80 20.81 48.20
CA ASN A 731 -5.14 22.12 47.64
C ASN A 731 -4.14 23.18 48.06
N VAL A 732 -3.69 23.15 49.32
CA VAL A 732 -2.72 24.12 49.79
C VAL A 732 -1.37 23.86 49.12
N LYS A 733 -0.75 24.93 48.63
CA LYS A 733 0.53 24.84 47.94
C LYS A 733 1.72 24.96 48.87
N ASP A 734 1.49 25.04 50.18
CA ASP A 734 2.58 25.17 51.15
C ASP A 734 3.32 26.49 51.02
N SER A 735 2.55 27.57 50.93
CA SER A 735 3.11 28.92 50.84
C SER A 735 2.62 29.85 51.95
N SER A 736 1.36 29.70 52.38
CA SER A 736 0.82 30.52 53.45
C SER A 736 1.17 29.98 54.84
N MET A 737 1.79 28.80 54.92
CA MET A 737 2.19 28.26 56.22
C MET A 737 3.29 29.09 56.88
N LEU A 738 4.03 29.89 56.11
CA LEU A 738 5.07 30.74 56.67
C LEU A 738 4.52 32.02 57.27
N ILE A 739 3.22 32.28 57.16
CA ILE A 739 2.62 33.48 57.73
C ILE A 739 2.09 33.22 59.13
N SER A 740 1.29 32.16 59.30
CA SER A 740 0.77 31.83 60.62
C SER A 740 1.89 31.48 61.58
N LEU A 741 2.83 30.65 61.14
CA LEU A 741 4.00 30.33 61.95
C LEU A 741 5.01 31.47 61.99
N THR A 742 5.01 32.34 60.98
CA THR A 742 5.94 33.47 60.96
C THR A 742 5.64 34.49 62.04
N TYR A 743 4.43 34.48 62.60
CA TYR A 743 4.12 35.38 63.70
C TYR A 743 4.98 35.07 64.92
N ASP A 744 5.19 33.79 65.21
CA ASP A 744 6.08 33.39 66.28
C ASP A 744 7.55 33.43 65.89
N VAL A 745 7.86 33.63 64.60
CA VAL A 745 9.24 33.71 64.15
C VAL A 745 9.77 35.14 64.13
N VAL A 746 8.93 36.14 64.36
CA VAL A 746 9.37 37.52 64.38
C VAL A 746 9.79 38.01 65.76
N LEU A 747 9.31 37.36 66.83
CA LEU A 747 9.71 37.76 68.18
C LEU A 747 11.17 37.44 68.47
N VAL A 748 11.78 36.54 67.69
CA VAL A 748 13.20 36.23 67.89
C VAL A 748 14.07 37.43 67.56
N ILE A 749 13.68 38.23 66.56
CA ILE A 749 14.45 39.42 66.20
C ILE A 749 14.48 40.40 67.37
N LEU A 750 13.34 40.57 68.05
CA LEU A 750 13.30 41.46 69.21
C LEU A 750 14.20 40.95 70.34
N CYS A 751 14.34 39.63 70.45
CA CYS A 751 15.23 39.05 71.45
C CYS A 751 16.69 39.03 71.01
N THR A 752 16.98 39.41 69.77
CA THR A 752 18.37 39.45 69.31
C THR A 752 19.17 40.48 70.08
N VAL A 753 18.60 41.66 70.33
CA VAL A 753 19.27 42.70 71.11
C VAL A 753 19.15 42.49 72.61
N TYR A 754 18.35 41.51 73.04
CA TYR A 754 18.19 41.26 74.47
C TYR A 754 19.48 40.74 75.08
N ALA A 755 19.80 41.22 76.27
CA ALA A 755 21.00 40.80 76.98
C ALA A 755 20.79 40.99 78.47
N PHE A 756 21.64 40.33 79.26
CA PHE A 756 21.55 40.41 80.71
C PHE A 756 20.29 39.71 81.21
N LYS A 757 19.63 40.28 82.22
CA LYS A 757 18.43 39.71 82.81
C LYS A 757 18.69 38.35 83.45
N THR A 758 19.91 38.14 83.96
CA THR A 758 20.28 36.88 84.59
C THR A 758 19.60 36.72 85.94
N GLU A 767 18.75 33.09 85.93
CA GLU A 767 19.70 33.23 84.83
C GLU A 767 18.98 33.20 83.49
N ALA A 768 18.41 34.33 83.09
CA ALA A 768 17.68 34.45 81.84
C ALA A 768 18.58 34.78 80.65
N LYS A 769 19.85 35.10 80.89
CA LYS A 769 20.75 35.43 79.78
C LYS A 769 20.98 34.22 78.88
N PHE A 770 21.15 33.04 79.46
CA PHE A 770 21.41 31.85 78.67
C PHE A 770 20.21 31.46 77.82
N ILE A 771 18.99 31.66 78.35
CA ILE A 771 17.79 31.30 77.62
C ILE A 771 17.67 32.10 76.33
N GLY A 772 17.95 33.40 76.39
CA GLY A 772 17.84 34.23 75.19
C GLY A 772 18.79 33.81 74.09
N PHE A 773 20.03 33.45 74.45
CA PHE A 773 21.01 33.05 73.46
C PHE A 773 20.57 31.78 72.74
N THR A 774 20.04 30.80 73.48
CA THR A 774 19.58 29.56 72.88
C THR A 774 18.40 29.81 71.93
N MET A 775 17.48 30.68 72.33
CA MET A 775 16.32 30.98 71.49
C MET A 775 16.74 31.63 70.18
N TYR A 776 17.71 32.55 70.24
CA TYR A 776 18.19 33.20 69.02
C TYR A 776 18.85 32.18 68.10
N THR A 777 19.65 31.27 68.65
CA THR A 777 20.27 30.23 67.84
C THR A 777 19.23 29.29 67.26
N THR A 778 18.21 28.95 68.03
CA THR A 778 17.17 28.05 67.55
C THR A 778 16.41 28.65 66.38
N CYS A 779 16.10 29.93 66.44
CA CYS A 779 15.42 30.59 65.33
C CYS A 779 16.28 30.62 64.07
N ILE A 780 17.60 30.71 64.24
CA ILE A 780 18.50 30.75 63.08
C ILE A 780 18.43 29.43 62.32
N ILE A 781 18.41 28.30 63.03
CA ILE A 781 18.38 27.00 62.38
C ILE A 781 17.09 26.81 61.60
N TRP A 782 15.98 27.35 62.12
CA TRP A 782 14.70 27.21 61.44
C TRP A 782 14.70 27.93 60.10
N LEU A 783 15.36 29.09 60.02
CA LEU A 783 15.39 29.86 58.78
C LEU A 783 16.09 29.09 57.67
N ALA A 784 17.20 28.42 57.99
CA ALA A 784 17.92 27.65 56.98
C ALA A 784 17.10 26.49 56.47
N PHE A 785 16.36 25.82 57.35
CA PHE A 785 15.55 24.68 56.94
C PHE A 785 14.45 25.09 55.97
N LEU A 786 13.83 26.24 56.22
CA LEU A 786 12.76 26.70 55.34
C LEU A 786 13.21 26.90 53.90
N PRO A 787 14.37 27.52 53.63
CA PRO A 787 14.83 27.63 52.25
C PRO A 787 15.07 26.28 51.57
N ILE A 788 15.50 25.27 52.33
CA ILE A 788 15.74 23.96 51.75
C ILE A 788 14.43 23.37 51.20
N PHE A 789 13.35 23.47 51.98
CA PHE A 789 12.05 23.00 51.50
C PHE A 789 11.57 23.82 50.32
N TYR A 790 11.77 25.14 50.37
CA TYR A 790 11.37 26.00 49.26
C TYR A 790 12.16 25.66 47.99
N VAL A 791 13.45 25.36 48.13
CA VAL A 791 14.26 25.00 46.98
C VAL A 791 13.74 23.72 46.34
N THR A 792 13.39 22.72 47.16
CA THR A 792 12.86 21.45 46.67
C THR A 792 11.36 21.58 46.36
N SER A 793 11.04 22.53 45.48
CA SER A 793 9.65 22.70 45.06
C SER A 793 9.14 21.47 44.33
N SER A 794 9.96 20.92 43.43
CA SER A 794 9.61 19.68 42.75
C SER A 794 10.04 18.49 43.61
N ASP A 795 9.78 17.29 43.11
CA ASP A 795 10.08 16.05 43.83
C ASP A 795 9.34 16.01 45.17
N TYR A 796 8.02 15.96 45.08
CA TYR A 796 7.17 16.02 46.26
C TYR A 796 7.49 14.87 47.23
N ARG A 797 7.76 13.68 46.69
CA ARG A 797 8.13 12.56 47.55
C ARG A 797 9.42 12.86 48.30
N VAL A 798 10.43 13.40 47.59
CA VAL A 798 11.65 13.82 48.25
C VAL A 798 11.39 15.07 49.10
N GLN A 799 10.65 16.04 48.56
CA GLN A 799 10.34 17.26 49.29
C GLN A 799 9.46 16.99 50.50
N THR A 800 8.71 15.88 50.51
CA THR A 800 7.91 15.55 51.67
C THR A 800 8.78 15.29 52.89
N THR A 801 9.91 14.60 52.69
CA THR A 801 10.84 14.36 53.79
C THR A 801 11.45 15.65 54.32
N THR A 802 11.44 16.73 53.53
CA THR A 802 11.98 17.99 53.99
C THR A 802 11.20 18.53 55.19
N MET A 803 9.87 18.41 55.15
CA MET A 803 9.05 18.85 56.27
C MET A 803 9.37 18.06 57.52
N CYS A 804 9.55 16.74 57.38
CA CYS A 804 9.90 15.91 58.53
C CYS A 804 11.25 16.32 59.12
N ILE A 805 12.23 16.59 58.26
CA ILE A 805 13.54 17.04 58.74
C ILE A 805 13.41 18.39 59.44
N SER A 806 12.63 19.31 58.86
CA SER A 806 12.44 20.61 59.48
C SER A 806 11.72 20.48 60.82
N VAL A 807 10.71 19.61 60.89
CA VAL A 807 9.99 19.42 62.14
C VAL A 807 10.92 18.85 63.22
N SER A 808 11.72 17.85 62.85
CA SER A 808 12.67 17.29 63.81
C SER A 808 13.71 18.32 64.23
N LEU A 809 14.20 19.12 63.28
CA LEU A 809 15.18 20.15 63.60
C LEU A 809 14.60 21.20 64.55
N SER A 810 13.34 21.59 64.31
CA SER A 810 12.72 22.58 65.18
C SER A 810 12.56 22.06 66.60
N GLY A 811 12.18 20.78 66.74
CA GLY A 811 12.06 20.20 68.07
C GLY A 811 13.39 20.15 68.80
N PHE A 812 14.47 19.88 68.08
CA PHE A 812 15.79 19.85 68.70
C PHE A 812 16.18 21.21 69.23
N VAL A 813 15.88 22.27 68.48
CA VAL A 813 16.21 23.62 68.93
C VAL A 813 15.40 24.01 70.16
N VAL A 814 14.10 23.74 70.13
CA VAL A 814 13.24 24.07 71.26
C VAL A 814 13.63 23.24 72.48
N LEU A 815 13.84 21.93 72.28
CA LEU A 815 14.21 21.08 73.40
C LEU A 815 15.64 21.35 73.85
N GLY A 816 16.56 21.54 72.91
CA GLY A 816 17.95 21.78 73.28
C GLY A 816 18.16 23.10 73.99
N CYS A 817 17.48 24.15 73.54
CA CYS A 817 17.66 25.48 74.09
C CYS A 817 16.69 25.76 75.24
N LEU A 818 15.39 25.68 74.97
CA LEU A 818 14.39 25.96 76.00
C LEU A 818 14.49 24.96 77.15
N PHE A 819 14.63 23.68 76.83
CA PHE A 819 14.75 22.66 77.86
C PHE A 819 16.17 22.56 78.43
N ALA A 820 17.14 23.17 77.77
CA ALA A 820 18.51 23.11 78.26
C ALA A 820 18.68 23.73 79.65
N PRO A 821 18.12 24.92 79.94
CA PRO A 821 18.26 25.46 81.30
C PRO A 821 17.68 24.56 82.38
N LYS A 822 16.56 23.89 82.09
CA LYS A 822 15.99 22.97 83.06
C LYS A 822 16.85 21.72 83.23
N VAL A 823 17.41 21.22 82.14
CA VAL A 823 18.25 20.03 82.21
C VAL A 823 19.53 20.32 82.99
N HIS A 824 20.14 21.48 82.76
CA HIS A 824 21.37 21.85 83.45
C HIS A 824 21.13 22.35 84.87
N ILE A 825 19.87 22.58 85.26
CA ILE A 825 19.53 23.06 86.60
C ILE A 825 18.86 21.98 87.43
N VAL A 826 17.71 21.47 86.96
CA VAL A 826 17.02 20.40 87.69
C VAL A 826 17.83 19.11 87.63
N LEU A 827 18.30 18.74 86.45
CA LEU A 827 19.09 17.53 86.29
C LEU A 827 20.58 17.79 86.52
N PHE A 828 21.08 18.93 86.03
CA PHE A 828 22.48 19.27 86.24
C PHE A 828 22.80 19.49 87.71
N GLN A 829 21.91 20.17 88.43
CA GLN A 829 22.07 20.42 89.85
C GLN A 829 21.15 19.50 90.64
N PRO A 830 21.67 18.60 91.47
CA PRO A 830 20.80 17.69 92.23
C PRO A 830 20.02 18.37 93.34
N GLN A 831 20.24 19.67 93.59
CA GLN A 831 19.51 20.36 94.64
C GLN A 831 18.01 20.40 94.34
N LYS A 832 17.65 20.65 93.08
CA LYS A 832 16.25 20.70 92.69
C LYS A 832 15.64 19.31 92.66
N ARG B 30 -27.08 -7.32 -48.91
CA ARG B 30 -27.72 -7.02 -50.19
C ARG B 30 -27.23 -5.69 -50.74
N ARG B 31 -26.68 -4.85 -49.86
CA ARG B 31 -26.12 -3.56 -50.25
C ARG B 31 -24.61 -3.69 -50.35
N GLU B 32 -24.07 -3.37 -51.53
CA GLU B 32 -22.65 -3.58 -51.79
C GLU B 32 -22.24 -2.73 -52.99
N ILE B 33 -20.93 -2.68 -53.23
CA ILE B 33 -20.36 -2.05 -54.40
C ILE B 33 -19.60 -3.11 -55.19
N LYS B 34 -19.97 -3.30 -56.44
CA LYS B 34 -19.29 -4.23 -57.33
C LYS B 34 -18.94 -3.52 -58.63
N ILE B 35 -17.67 -3.57 -59.01
CA ILE B 35 -17.19 -2.98 -60.25
C ILE B 35 -16.42 -4.04 -61.01
N GLU B 36 -16.77 -4.23 -62.28
CA GLU B 36 -16.11 -5.24 -63.09
C GLU B 36 -14.66 -4.86 -63.36
N GLY B 37 -13.79 -5.86 -63.36
CA GLY B 37 -12.39 -5.63 -63.64
C GLY B 37 -11.65 -6.93 -63.80
N ASP B 38 -10.45 -6.83 -64.38
CA ASP B 38 -9.62 -8.02 -64.54
C ASP B 38 -9.22 -8.60 -63.20
N LEU B 39 -8.87 -7.74 -62.24
CA LEU B 39 -8.58 -8.16 -60.88
C LEU B 39 -9.46 -7.35 -59.94
N VAL B 40 -10.12 -8.04 -59.01
CA VAL B 40 -11.07 -7.42 -58.10
C VAL B 40 -10.47 -7.41 -56.70
N LEU B 41 -10.55 -6.27 -56.03
CA LEU B 41 -10.05 -6.11 -54.66
C LEU B 41 -11.23 -5.95 -53.72
N GLY B 42 -11.25 -6.77 -52.67
CA GLY B 42 -12.28 -6.64 -51.66
C GLY B 42 -11.97 -5.52 -50.67
N GLY B 43 -13.03 -4.97 -50.08
CA GLY B 43 -12.86 -3.90 -49.13
C GLY B 43 -13.91 -3.90 -48.04
N LEU B 44 -13.47 -3.87 -46.79
CA LEU B 44 -14.37 -3.86 -45.64
C LEU B 44 -14.24 -2.51 -44.94
N PHE B 45 -15.37 -1.81 -44.82
CA PHE B 45 -15.39 -0.49 -44.20
C PHE B 45 -16.55 -0.40 -43.22
N PRO B 46 -16.33 0.20 -42.05
CA PRO B 46 -17.43 0.39 -41.10
C PRO B 46 -18.33 1.54 -41.53
N ILE B 47 -19.02 1.33 -42.65
CA ILE B 47 -19.76 2.41 -43.29
C ILE B 47 -20.89 2.87 -42.38
N ASN B 48 -21.61 1.94 -41.78
CA ASN B 48 -22.70 2.25 -40.87
C ASN B 48 -22.29 1.87 -39.45
N GLU B 49 -22.53 2.77 -38.51
CA GLU B 49 -22.17 2.52 -37.12
C GLU B 49 -22.98 1.35 -36.56
N LYS B 50 -22.40 0.65 -35.58
CA LYS B 50 -23.07 -0.48 -34.97
C LYS B 50 -24.40 -0.05 -34.36
N GLY B 51 -25.45 -0.84 -34.62
CA GLY B 51 -26.76 -0.55 -34.11
C GLY B 51 -26.95 -1.01 -32.68
N THR B 52 -28.19 -0.88 -32.22
CA THR B 52 -28.56 -1.26 -30.86
C THR B 52 -28.76 -2.76 -30.79
N GLY B 53 -29.36 -3.25 -29.70
CA GLY B 53 -29.62 -4.66 -29.57
C GLY B 53 -30.56 -5.19 -30.64
N THR B 54 -31.60 -4.42 -30.96
CA THR B 54 -32.58 -4.86 -31.95
C THR B 54 -32.02 -4.79 -33.36
N GLU B 55 -31.36 -3.69 -33.70
CA GLU B 55 -30.87 -3.44 -35.06
C GLU B 55 -29.38 -3.73 -35.12
N GLU B 56 -28.98 -4.61 -36.04
CA GLU B 56 -27.57 -4.92 -36.20
C GLU B 56 -26.77 -3.71 -36.68
N CYS B 57 -27.32 -2.94 -37.60
CA CYS B 57 -26.63 -1.82 -38.23
C CYS B 57 -27.37 -0.53 -37.95
N GLY B 58 -26.69 0.43 -37.34
CA GLY B 58 -27.31 1.67 -36.93
C GLY B 58 -27.13 2.84 -37.88
N ARG B 59 -26.64 3.96 -37.37
CA ARG B 59 -26.45 5.15 -38.18
C ARG B 59 -25.22 4.97 -39.07
N ILE B 60 -25.02 5.94 -39.96
CA ILE B 60 -23.90 5.92 -40.90
C ILE B 60 -22.68 6.54 -40.23
N ASN B 61 -21.50 6.01 -40.54
CA ASN B 61 -20.24 6.52 -40.01
C ASN B 61 -19.71 7.52 -41.03
N GLU B 62 -19.97 8.81 -40.79
CA GLU B 62 -19.67 9.83 -41.78
C GLU B 62 -18.18 9.94 -42.04
N ASP B 63 -17.36 9.88 -40.99
CA ASP B 63 -15.92 10.10 -41.13
C ASP B 63 -15.17 8.81 -41.40
N ARG B 64 -15.29 7.83 -40.51
CA ARG B 64 -14.47 6.63 -40.56
C ARG B 64 -15.12 5.50 -41.36
N GLY B 65 -16.27 5.75 -41.99
CA GLY B 65 -16.91 4.72 -42.77
C GLY B 65 -17.16 5.07 -44.22
N ILE B 66 -17.29 6.36 -44.52
CA ILE B 66 -17.62 6.83 -45.86
C ILE B 66 -16.41 7.49 -46.53
N GLN B 67 -15.70 8.33 -45.79
CA GLN B 67 -14.48 8.92 -46.33
C GLN B 67 -13.47 7.85 -46.69
N ARG B 68 -13.32 6.85 -45.82
CA ARG B 68 -12.45 5.73 -46.12
C ARG B 68 -12.97 4.94 -47.31
N LEU B 69 -14.29 4.72 -47.38
CA LEU B 69 -14.87 3.98 -48.50
C LEU B 69 -14.61 4.72 -49.81
N GLU B 70 -14.81 6.03 -49.82
CA GLU B 70 -14.52 6.80 -51.03
C GLU B 70 -13.03 6.88 -51.29
N ALA B 71 -12.22 6.81 -50.24
CA ALA B 71 -10.77 6.79 -50.42
C ALA B 71 -10.32 5.55 -51.20
N MET B 72 -10.89 4.39 -50.86
CA MET B 72 -10.60 3.19 -51.63
C MET B 72 -11.09 3.33 -53.07
N LEU B 73 -12.30 3.85 -53.25
CA LEU B 73 -12.81 4.07 -54.60
C LEU B 73 -11.99 5.11 -55.35
N PHE B 74 -11.53 6.15 -54.64
CA PHE B 74 -10.69 7.16 -55.27
C PHE B 74 -9.37 6.57 -55.72
N ALA B 75 -8.76 5.72 -54.89
CA ALA B 75 -7.49 5.11 -55.27
C ALA B 75 -7.65 4.19 -56.47
N ILE B 76 -8.72 3.39 -56.49
CA ILE B 76 -8.94 2.46 -57.59
C ILE B 76 -9.16 3.22 -58.89
N ASP B 77 -9.85 4.36 -58.83
CA ASP B 77 -10.01 5.19 -60.02
C ASP B 77 -8.65 5.69 -60.51
N GLU B 78 -7.77 6.10 -59.60
CA GLU B 78 -6.47 6.62 -59.99
C GLU B 78 -5.56 5.50 -60.47
N ILE B 79 -5.64 4.32 -59.85
CA ILE B 79 -4.81 3.19 -60.26
C ILE B 79 -5.12 2.79 -61.70
N ASN B 80 -6.40 2.75 -62.05
CA ASN B 80 -6.77 2.49 -63.43
C ASN B 80 -6.50 3.69 -64.34
N LYS B 81 -6.42 4.90 -63.78
CA LYS B 81 -6.19 6.08 -64.61
C LYS B 81 -4.77 6.11 -65.16
N ASP B 82 -3.78 5.90 -64.31
CA ASP B 82 -2.39 6.03 -64.73
C ASP B 82 -1.94 4.77 -65.46
N ASN B 83 -0.84 4.90 -66.20
CA ASN B 83 -0.32 3.85 -67.05
C ASN B 83 0.99 3.25 -66.52
N TYR B 84 1.38 3.61 -65.31
CA TYR B 84 2.59 3.06 -64.72
C TYR B 84 2.31 2.02 -63.63
N LEU B 85 1.06 1.86 -63.21
CA LEU B 85 0.67 0.87 -62.21
C LEU B 85 -0.42 -0.01 -62.84
N LEU B 86 -0.02 -1.20 -63.27
CA LEU B 86 -0.92 -2.13 -63.94
C LEU B 86 -1.66 -1.48 -65.11
N PRO B 87 -0.94 -0.98 -66.12
CA PRO B 87 -1.62 -0.33 -67.25
C PRO B 87 -2.52 -1.26 -68.04
N GLY B 88 -2.15 -2.53 -68.16
CA GLY B 88 -2.93 -3.50 -68.90
C GLY B 88 -3.97 -4.24 -68.11
N VAL B 89 -4.12 -3.91 -66.82
CA VAL B 89 -5.08 -4.56 -65.94
C VAL B 89 -5.98 -3.49 -65.34
N LYS B 90 -7.29 -3.71 -65.41
CA LYS B 90 -8.26 -2.83 -64.78
C LYS B 90 -8.63 -3.41 -63.43
N LEU B 91 -8.57 -2.58 -62.40
CA LEU B 91 -8.82 -3.02 -61.03
C LEU B 91 -10.30 -2.85 -60.71
N GLY B 92 -10.96 -3.94 -60.33
CA GLY B 92 -12.31 -3.90 -59.85
C GLY B 92 -12.37 -3.94 -58.33
N VAL B 93 -13.55 -3.68 -57.80
CA VAL B 93 -13.74 -3.62 -56.35
C VAL B 93 -15.00 -4.40 -55.98
N HIS B 94 -14.94 -5.05 -54.82
CA HIS B 94 -16.11 -5.66 -54.17
C HIS B 94 -16.08 -5.15 -52.74
N ILE B 95 -16.68 -3.99 -52.51
CA ILE B 95 -16.64 -3.32 -51.22
C ILE B 95 -17.93 -3.63 -50.45
N LEU B 96 -17.78 -3.98 -49.18
CA LEU B 96 -18.90 -4.32 -48.32
C LEU B 96 -18.89 -3.43 -47.09
N ASP B 97 -19.85 -3.66 -46.20
CA ASP B 97 -20.00 -2.92 -44.97
C ASP B 97 -19.91 -3.88 -43.80
N THR B 98 -19.15 -3.51 -42.77
CA THR B 98 -18.97 -4.35 -41.61
C THR B 98 -19.91 -4.01 -40.46
N CYS B 99 -20.62 -2.89 -40.54
CA CYS B 99 -21.50 -2.40 -39.47
C CYS B 99 -20.75 -2.27 -38.14
N SER B 100 -19.42 -2.21 -38.19
CA SER B 100 -18.55 -2.13 -37.01
C SER B 100 -18.68 -3.36 -36.12
N ARG B 101 -19.15 -4.48 -36.67
CA ARG B 101 -19.29 -5.71 -35.92
C ARG B 101 -18.52 -6.83 -36.61
N ASP B 102 -17.78 -7.60 -35.82
CA ASP B 102 -17.03 -8.73 -36.37
C ASP B 102 -17.97 -9.81 -36.91
N THR B 103 -19.07 -10.08 -36.19
CA THR B 103 -20.02 -11.09 -36.65
C THR B 103 -20.65 -10.68 -37.97
N TYR B 104 -21.03 -9.40 -38.11
CA TYR B 104 -21.57 -8.93 -39.37
C TYR B 104 -20.49 -8.89 -40.44
N ALA B 105 -19.25 -8.53 -40.07
CA ALA B 105 -18.17 -8.50 -41.04
C ALA B 105 -17.88 -9.89 -41.60
N LEU B 106 -17.90 -10.91 -40.75
CA LEU B 106 -17.71 -12.27 -41.22
C LEU B 106 -18.84 -12.69 -42.16
N GLU B 107 -20.06 -12.25 -41.88
CA GLU B 107 -21.19 -12.57 -42.75
C GLU B 107 -20.97 -12.03 -44.16
N GLN B 108 -20.56 -10.76 -44.27
CA GLN B 108 -20.34 -10.16 -45.58
C GLN B 108 -19.09 -10.75 -46.24
N SER B 109 -18.05 -11.03 -45.46
CA SER B 109 -16.77 -11.46 -46.01
C SER B 109 -16.87 -12.78 -46.77
N LEU B 110 -17.94 -13.54 -46.57
CA LEU B 110 -18.10 -14.79 -47.31
C LEU B 110 -18.28 -14.56 -48.80
N GLU B 111 -18.74 -13.37 -49.19
CA GLU B 111 -18.88 -13.06 -50.62
C GLU B 111 -17.53 -13.02 -51.32
N PHE B 112 -16.46 -12.66 -50.61
CA PHE B 112 -15.13 -12.69 -51.21
C PHE B 112 -14.67 -14.11 -51.47
N VAL B 113 -15.26 -15.09 -50.78
CA VAL B 113 -14.76 -16.46 -50.80
C VAL B 113 -15.76 -17.43 -51.38
N ARG B 114 -16.96 -16.98 -51.76
CA ARG B 114 -17.95 -17.89 -52.33
C ARG B 114 -17.43 -18.54 -53.60
N ALA B 115 -16.86 -17.75 -54.51
CA ALA B 115 -16.33 -18.29 -55.75
C ALA B 115 -15.02 -19.02 -55.56
N SER B 116 -14.39 -18.91 -54.40
CA SER B 116 -13.09 -19.51 -54.16
C SER B 116 -13.17 -20.95 -53.67
N LEU B 117 -14.37 -21.48 -53.49
CA LEU B 117 -14.50 -22.88 -53.09
C LEU B 117 -14.08 -23.81 -54.23
N THR B 118 -13.79 -25.05 -53.87
CA THR B 118 -13.33 -26.03 -54.85
C THR B 118 -14.40 -26.34 -55.89
N LYS B 119 -15.68 -26.18 -55.53
CA LYS B 119 -16.80 -26.43 -56.44
C LYS B 119 -16.75 -27.82 -57.06
N LEU B 140 -16.13 -13.80 -57.51
CA LEU B 140 -15.42 -12.90 -58.40
C LEU B 140 -13.92 -13.18 -58.39
N LEU B 141 -13.52 -14.17 -57.59
CA LEU B 141 -12.11 -14.55 -57.43
C LEU B 141 -11.28 -13.34 -56.97
N ILE B 142 -11.60 -12.88 -55.76
CA ILE B 142 -10.96 -11.68 -55.23
C ILE B 142 -9.47 -11.91 -55.07
N ALA B 143 -8.67 -11.00 -55.62
CA ALA B 143 -7.22 -11.13 -55.51
C ALA B 143 -6.73 -10.76 -54.12
N GLY B 144 -7.27 -9.69 -53.55
CA GLY B 144 -6.88 -9.27 -52.21
C GLY B 144 -7.98 -8.45 -51.57
N VAL B 145 -7.89 -8.32 -50.26
CA VAL B 145 -8.91 -7.65 -49.45
C VAL B 145 -8.25 -6.50 -48.72
N ILE B 146 -8.79 -5.29 -48.90
CA ILE B 146 -8.39 -4.16 -48.08
C ILE B 146 -9.12 -4.29 -46.76
N GLY B 147 -8.39 -4.68 -45.71
CA GLY B 147 -8.99 -5.25 -44.52
C GLY B 147 -9.80 -4.26 -43.71
N GLY B 148 -10.36 -4.77 -42.63
CA GLY B 148 -11.29 -4.01 -41.83
C GLY B 148 -10.62 -2.89 -41.06
N SER B 149 -11.46 -2.00 -40.54
CA SER B 149 -11.02 -0.84 -39.79
C SER B 149 -11.03 -1.08 -38.28
N TYR B 150 -11.45 -2.25 -37.84
CA TYR B 150 -11.49 -2.58 -36.42
C TYR B 150 -10.67 -3.84 -36.19
N SER B 151 -9.93 -3.86 -35.08
CA SER B 151 -9.05 -4.99 -34.80
C SER B 151 -9.84 -6.29 -34.68
N SER B 152 -10.99 -6.25 -34.02
CA SER B 152 -11.85 -7.43 -33.95
C SER B 152 -12.35 -7.82 -35.33
N VAL B 153 -12.68 -6.84 -36.17
CA VAL B 153 -13.14 -7.12 -37.52
C VAL B 153 -12.00 -7.69 -38.35
N SER B 154 -10.82 -7.07 -38.29
CA SER B 154 -9.69 -7.55 -39.07
C SER B 154 -9.25 -8.94 -38.62
N ILE B 155 -9.23 -9.18 -37.31
CA ILE B 155 -8.85 -10.49 -36.80
C ILE B 155 -9.85 -11.55 -37.25
N GLN B 156 -11.15 -11.23 -37.18
CA GLN B 156 -12.17 -12.19 -37.57
C GLN B 156 -12.07 -12.55 -39.05
N VAL B 157 -11.85 -11.54 -39.90
CA VAL B 157 -11.80 -11.81 -41.34
C VAL B 157 -10.45 -12.40 -41.73
N ALA B 158 -9.38 -12.12 -40.97
CA ALA B 158 -8.09 -12.70 -41.28
C ALA B 158 -8.09 -14.20 -41.01
N ASN B 159 -8.83 -14.64 -40.00
CA ASN B 159 -8.90 -16.07 -39.70
C ASN B 159 -9.55 -16.85 -40.83
N LEU B 160 -10.42 -16.21 -41.60
CA LEU B 160 -11.10 -16.86 -42.71
C LEU B 160 -10.29 -16.80 -44.00
N LEU B 161 -9.71 -15.63 -44.32
CA LEU B 161 -8.99 -15.47 -45.57
C LEU B 161 -7.71 -16.29 -45.61
N ARG B 162 -7.07 -16.49 -44.45
CA ARG B 162 -5.81 -17.23 -44.43
C ARG B 162 -5.99 -18.67 -44.91
N LEU B 163 -7.19 -19.23 -44.76
CA LEU B 163 -7.43 -20.60 -45.22
C LEU B 163 -7.36 -20.68 -46.73
N PHE B 164 -7.87 -19.66 -47.43
CA PHE B 164 -7.95 -19.67 -48.89
C PHE B 164 -6.84 -18.88 -49.55
N GLN B 165 -5.83 -18.45 -48.78
CA GLN B 165 -4.65 -17.77 -49.33
C GLN B 165 -5.04 -16.50 -50.08
N ILE B 166 -5.73 -15.60 -49.38
CA ILE B 166 -6.09 -14.30 -49.91
C ILE B 166 -5.39 -13.25 -49.06
N PRO B 167 -4.38 -12.54 -49.58
CA PRO B 167 -3.67 -11.55 -48.78
C PRO B 167 -4.59 -10.40 -48.41
N GLN B 168 -4.39 -9.87 -47.20
CA GLN B 168 -5.25 -8.84 -46.65
C GLN B 168 -4.38 -7.67 -46.18
N ILE B 169 -4.68 -6.48 -46.68
CA ILE B 169 -4.03 -5.25 -46.24
C ILE B 169 -5.06 -4.45 -45.46
N SER B 170 -4.75 -4.14 -44.21
CA SER B 170 -5.72 -3.51 -43.32
C SER B 170 -5.18 -2.19 -42.77
N TYR B 171 -5.66 -1.09 -43.33
CA TYR B 171 -5.52 0.21 -42.70
C TYR B 171 -6.16 0.18 -41.31
N ALA B 172 -5.65 1.05 -40.43
CA ALA B 172 -6.37 1.44 -39.23
C ALA B 172 -6.52 0.33 -38.19
N SER B 173 -6.05 -0.87 -38.48
CA SER B 173 -6.10 -1.94 -37.49
C SER B 173 -4.77 -2.06 -36.77
N THR B 174 -4.74 -1.71 -35.49
CA THR B 174 -3.49 -1.55 -34.77
C THR B 174 -3.29 -2.56 -33.65
N SER B 175 -4.05 -3.66 -33.64
CA SER B 175 -3.88 -4.65 -32.58
C SER B 175 -2.52 -5.31 -32.69
N ALA B 176 -1.84 -5.47 -31.55
CA ALA B 176 -0.54 -6.11 -31.55
C ALA B 176 -0.63 -7.61 -31.79
N LYS B 177 -1.83 -8.19 -31.64
CA LYS B 177 -2.01 -9.61 -31.94
C LYS B 177 -1.83 -9.90 -33.43
N LEU B 178 -2.17 -8.94 -34.29
CA LEU B 178 -2.09 -9.16 -35.72
C LEU B 178 -0.66 -9.20 -36.24
N SER B 179 0.32 -8.86 -35.42
CA SER B 179 1.72 -8.98 -35.80
C SER B 179 2.25 -10.41 -35.63
N ASP B 180 1.45 -11.31 -35.08
CA ASP B 180 1.83 -12.71 -34.94
C ASP B 180 1.64 -13.39 -36.29
N LYS B 181 2.68 -13.33 -37.12
CA LYS B 181 2.60 -13.86 -38.47
C LYS B 181 2.42 -15.37 -38.53
N SER B 182 2.62 -16.08 -37.43
CA SER B 182 2.37 -17.51 -37.39
C SER B 182 0.88 -17.84 -37.34
N ARG B 183 0.04 -16.91 -36.89
CA ARG B 183 -1.40 -17.11 -36.86
C ARG B 183 -2.12 -16.40 -37.99
N TYR B 184 -1.75 -15.16 -38.29
CA TYR B 184 -2.29 -14.41 -39.42
C TYR B 184 -1.17 -14.27 -40.44
N ASP B 185 -1.02 -15.27 -41.29
CA ASP B 185 0.10 -15.36 -42.22
C ASP B 185 -0.19 -14.73 -43.57
N TYR B 186 -1.36 -14.14 -43.75
CA TYR B 186 -1.72 -13.45 -44.99
C TYR B 186 -2.25 -12.07 -44.68
N PHE B 187 -1.70 -11.43 -43.66
CA PHE B 187 -2.19 -10.15 -43.15
C PHE B 187 -1.04 -9.17 -43.09
N ALA B 188 -1.25 -7.98 -43.64
CA ALA B 188 -0.31 -6.88 -43.52
C ALA B 188 -1.09 -5.60 -43.32
N ARG B 189 -0.45 -4.60 -42.72
CA ARG B 189 -1.12 -3.35 -42.42
C ARG B 189 -0.21 -2.18 -42.75
N THR B 190 -0.83 -1.08 -43.18
CA THR B 190 -0.12 0.17 -43.41
C THR B 190 -0.07 1.03 -42.15
N VAL B 191 -0.42 0.48 -41.00
CA VAL B 191 -0.41 1.20 -39.73
C VAL B 191 0.42 0.42 -38.73
N PRO B 192 1.05 1.09 -37.77
CA PRO B 192 1.87 0.38 -36.79
C PRO B 192 1.03 -0.43 -35.83
N PRO B 193 1.62 -1.38 -35.12
CA PRO B 193 0.88 -2.09 -34.08
C PRO B 193 0.64 -1.22 -32.85
N ASP B 194 -0.08 -1.75 -31.86
CA ASP B 194 -0.28 -1.02 -30.62
C ASP B 194 0.86 -1.23 -29.63
N PHE B 195 1.80 -2.12 -29.94
CA PHE B 195 2.98 -2.27 -29.10
C PHE B 195 3.79 -0.98 -29.06
N TYR B 196 3.72 -0.17 -30.12
CA TYR B 196 4.40 1.12 -30.12
C TYR B 196 3.54 2.21 -29.49
N GLN B 197 2.22 2.15 -29.69
CA GLN B 197 1.34 3.15 -29.07
C GLN B 197 1.34 3.02 -27.55
N ALA B 198 1.50 1.81 -27.02
CA ALA B 198 1.60 1.65 -25.58
C ALA B 198 2.86 2.32 -25.05
N LYS B 199 3.95 2.26 -25.82
CA LYS B 199 5.16 2.98 -25.42
C LYS B 199 4.93 4.49 -25.41
N ALA B 200 4.24 5.01 -26.42
CA ALA B 200 4.05 6.44 -26.51
C ALA B 200 3.14 6.97 -25.41
N MET B 201 2.43 6.10 -24.71
CA MET B 201 1.61 6.53 -23.59
C MET B 201 2.39 6.56 -22.29
N ALA B 202 3.07 5.45 -21.97
CA ALA B 202 3.87 5.40 -20.76
C ALA B 202 4.96 6.45 -20.78
N GLU B 203 5.47 6.80 -21.96
CA GLU B 203 6.44 7.88 -22.06
C GLU B 203 5.80 9.23 -21.72
N ILE B 204 4.60 9.48 -22.22
CA ILE B 204 3.88 10.71 -21.88
C ILE B 204 3.53 10.71 -20.39
N LEU B 205 3.10 9.56 -19.88
CA LEU B 205 2.80 9.43 -18.46
C LEU B 205 4.06 9.45 -17.61
N ARG B 206 5.25 9.40 -18.23
CA ARG B 206 6.51 9.57 -17.52
C ARG B 206 7.09 10.96 -17.67
N PHE B 207 6.89 11.60 -18.83
CA PHE B 207 7.37 12.97 -19.00
C PHE B 207 6.74 13.89 -17.96
N PHE B 208 5.42 13.88 -17.86
CA PHE B 208 4.74 14.40 -16.69
C PHE B 208 4.66 13.28 -15.66
N ASN B 209 5.09 13.56 -14.43
CA ASN B 209 5.22 12.49 -13.46
C ASN B 209 3.85 11.98 -13.01
N TRP B 210 3.11 11.38 -13.94
CA TRP B 210 1.80 10.81 -13.65
C TRP B 210 1.97 9.34 -13.32
N THR B 211 2.45 9.07 -12.11
CA THR B 211 2.75 7.71 -11.72
C THR B 211 1.53 6.97 -11.17
N TYR B 212 0.43 7.66 -10.89
CA TYR B 212 -0.79 7.05 -10.38
C TYR B 212 -1.92 7.35 -11.35
N VAL B 213 -2.24 6.39 -12.21
CA VAL B 213 -3.21 6.61 -13.28
C VAL B 213 -4.24 5.51 -13.25
N SER B 214 -5.39 5.78 -13.88
CA SER B 214 -6.45 4.81 -14.04
C SER B 214 -6.61 4.49 -15.53
N THR B 215 -6.95 3.23 -15.82
CA THR B 215 -7.04 2.77 -17.19
C THR B 215 -8.46 2.31 -17.49
N VAL B 216 -8.99 2.77 -18.61
CA VAL B 216 -10.27 2.31 -19.15
C VAL B 216 -10.02 1.79 -20.56
N ALA B 217 -10.47 0.57 -20.84
CA ALA B 217 -10.19 -0.07 -22.11
C ALA B 217 -11.45 -0.71 -22.66
N SER B 218 -11.67 -0.56 -23.97
CA SER B 218 -12.79 -1.23 -24.61
C SER B 218 -12.57 -2.74 -24.64
N GLU B 219 -13.68 -3.47 -24.57
CA GLU B 219 -13.61 -4.92 -24.69
C GLU B 219 -13.38 -5.31 -26.14
N GLY B 220 -12.64 -6.41 -26.33
CA GLY B 220 -12.31 -6.87 -27.66
C GLY B 220 -10.85 -7.20 -27.82
N ASP B 221 -10.25 -6.79 -28.94
CA ASP B 221 -8.83 -6.98 -29.17
C ASP B 221 -8.04 -5.68 -29.18
N TYR B 222 -8.64 -4.59 -29.67
CA TYR B 222 -7.95 -3.31 -29.66
C TYR B 222 -7.71 -2.82 -28.23
N GLY B 223 -8.71 -2.95 -27.37
CA GLY B 223 -8.61 -2.46 -26.01
C GLY B 223 -7.96 -3.42 -25.05
N GLU B 224 -8.32 -4.70 -25.12
CA GLU B 224 -7.76 -5.68 -24.20
C GLU B 224 -6.26 -5.84 -24.40
N THR B 225 -5.83 -6.01 -25.65
CA THR B 225 -4.40 -6.13 -25.93
C THR B 225 -3.70 -4.78 -25.88
N GLY B 226 -4.38 -3.71 -26.29
CA GLY B 226 -3.76 -2.39 -26.23
C GLY B 226 -3.43 -1.97 -24.82
N ILE B 227 -4.35 -2.21 -23.88
CA ILE B 227 -4.08 -1.90 -22.48
C ILE B 227 -3.20 -2.95 -21.82
N GLU B 228 -3.13 -4.16 -22.38
CA GLU B 228 -2.23 -5.18 -21.84
C GLU B 228 -0.78 -4.80 -22.10
N ALA B 229 -0.50 -4.20 -23.25
CA ALA B 229 0.85 -3.73 -23.54
C ALA B 229 1.19 -2.45 -22.79
N PHE B 230 0.19 -1.60 -22.54
CA PHE B 230 0.45 -0.36 -21.82
C PHE B 230 0.83 -0.62 -20.37
N GLU B 231 0.12 -1.52 -19.69
CA GLU B 231 0.46 -1.83 -18.31
C GLU B 231 1.84 -2.47 -18.22
N GLN B 232 2.27 -3.17 -19.27
CA GLN B 232 3.64 -3.65 -19.33
C GLN B 232 4.63 -2.49 -19.46
N GLU B 233 4.30 -1.51 -20.29
CA GLU B 233 5.16 -0.33 -20.43
C GLU B 233 5.04 0.60 -19.24
N ALA B 234 3.94 0.52 -18.48
CA ALA B 234 3.82 1.32 -17.27
C ALA B 234 4.65 0.77 -16.13
N ARG B 235 4.78 -0.56 -16.04
CA ARG B 235 5.58 -1.16 -14.98
C ARG B 235 7.05 -0.79 -15.12
N LEU B 236 7.57 -0.78 -16.35
CA LEU B 236 8.97 -0.45 -16.56
C LEU B 236 9.28 0.98 -16.12
N ARG B 237 8.37 1.91 -16.42
CA ARG B 237 8.57 3.31 -16.07
C ARG B 237 8.03 3.66 -14.69
N ASN B 238 7.82 2.65 -13.83
CA ASN B 238 7.41 2.86 -12.44
C ASN B 238 6.12 3.68 -12.37
N ILE B 239 5.09 3.20 -13.05
CA ILE B 239 3.78 3.83 -13.06
C ILE B 239 2.78 2.85 -12.47
N CYS B 240 1.99 3.31 -11.51
CA CYS B 240 1.03 2.48 -10.81
C CYS B 240 -0.37 2.71 -11.38
N ILE B 241 -1.08 1.63 -11.66
CA ILE B 241 -2.43 1.70 -12.19
C ILE B 241 -3.39 1.79 -11.01
N ALA B 242 -4.08 2.93 -10.88
CA ALA B 242 -5.03 3.10 -9.79
C ALA B 242 -6.16 2.07 -9.89
N THR B 243 -6.79 1.98 -11.05
CA THR B 243 -7.80 0.96 -11.28
C THR B 243 -7.92 0.72 -12.78
N ALA B 244 -8.17 -0.53 -13.14
CA ALA B 244 -8.33 -0.93 -14.53
C ALA B 244 -9.77 -1.38 -14.74
N GLU B 245 -10.44 -0.77 -15.72
CA GLU B 245 -11.84 -1.05 -15.98
C GLU B 245 -12.06 -1.26 -17.47
N LYS B 246 -13.11 -2.01 -17.79
CA LYS B 246 -13.44 -2.36 -19.17
C LYS B 246 -14.89 -1.98 -19.45
N VAL B 247 -15.13 -1.49 -20.67
CA VAL B 247 -16.47 -1.09 -21.09
C VAL B 247 -16.78 -1.78 -22.41
N GLY B 248 -18.06 -1.97 -22.68
CA GLY B 248 -18.47 -2.60 -23.93
C GLY B 248 -19.96 -2.87 -23.92
N ARG B 249 -20.40 -3.64 -24.91
CA ARG B 249 -21.79 -4.02 -25.03
C ARG B 249 -22.08 -5.41 -24.48
N SER B 250 -21.08 -6.09 -23.92
CA SER B 250 -21.32 -7.37 -23.28
C SER B 250 -22.04 -7.18 -21.96
N ASN B 251 -22.64 -8.27 -21.47
CA ASN B 251 -23.42 -8.19 -20.23
C ASN B 251 -22.52 -8.07 -19.01
N ILE B 252 -21.29 -8.59 -19.08
CA ILE B 252 -20.38 -8.51 -17.94
C ILE B 252 -19.96 -7.07 -17.69
N ARG B 253 -19.80 -6.29 -18.76
CA ARG B 253 -19.27 -4.94 -18.63
C ARG B 253 -20.19 -4.04 -17.83
N LYS B 254 -19.59 -3.19 -17.00
CA LYS B 254 -20.35 -2.23 -16.24
C LYS B 254 -20.90 -1.14 -17.15
N SER B 255 -21.89 -0.40 -16.64
CA SER B 255 -22.44 0.71 -17.40
C SER B 255 -21.43 1.86 -17.43
N TYR B 256 -21.64 2.77 -18.38
CA TYR B 256 -20.75 3.91 -18.51
C TYR B 256 -20.81 4.81 -17.28
N ASP B 257 -22.00 4.97 -16.70
CA ASP B 257 -22.09 5.70 -15.44
C ASP B 257 -21.38 4.96 -14.32
N SER B 258 -21.50 3.63 -14.30
CA SER B 258 -20.86 2.86 -13.24
C SER B 258 -19.35 2.95 -13.31
N VAL B 259 -18.78 2.85 -14.51
CA VAL B 259 -17.32 2.94 -14.64
C VAL B 259 -16.86 4.37 -14.36
N ILE B 260 -17.71 5.37 -14.62
CA ILE B 260 -17.36 6.74 -14.26
C ILE B 260 -17.24 6.87 -12.75
N ARG B 261 -18.13 6.22 -12.01
CA ARG B 261 -18.07 6.26 -10.55
C ARG B 261 -16.77 5.66 -10.04
N GLU B 262 -16.34 4.54 -10.63
CA GLU B 262 -15.11 3.91 -10.20
C GLU B 262 -13.90 4.80 -10.45
N LEU B 263 -13.92 5.59 -11.52
CA LEU B 263 -12.86 6.56 -11.74
C LEU B 263 -12.88 7.63 -10.66
N LEU B 264 -14.07 8.08 -10.25
CA LEU B 264 -14.19 9.09 -9.22
C LEU B 264 -13.89 8.57 -7.83
N GLN B 265 -13.98 7.25 -7.63
CA GLN B 265 -13.75 6.68 -6.31
C GLN B 265 -12.33 6.97 -5.82
N LYS B 266 -11.36 7.03 -6.75
CA LYS B 266 -9.97 7.31 -6.42
C LYS B 266 -9.63 8.70 -6.94
N PRO B 267 -9.84 9.76 -6.14
CA PRO B 267 -9.62 11.12 -6.65
C PRO B 267 -8.16 11.49 -6.80
N ASN B 268 -7.23 10.71 -6.25
CA ASN B 268 -5.81 11.01 -6.41
C ASN B 268 -5.39 10.90 -7.86
N ALA B 269 -5.88 9.88 -8.57
CA ALA B 269 -5.55 9.66 -9.97
C ALA B 269 -6.49 10.51 -10.83
N ARG B 270 -6.09 11.74 -11.12
CA ARG B 270 -6.91 12.66 -11.88
C ARG B 270 -6.74 12.52 -13.38
N VAL B 271 -5.91 11.59 -13.84
CA VAL B 271 -5.70 11.33 -15.25
C VAL B 271 -5.98 9.85 -15.54
N VAL B 272 -6.70 9.60 -16.62
CA VAL B 272 -7.03 8.24 -17.03
C VAL B 272 -6.64 8.06 -18.49
N VAL B 273 -6.18 6.85 -18.82
CA VAL B 273 -5.75 6.51 -20.18
C VAL B 273 -6.83 5.69 -20.85
N LEU B 274 -7.24 6.10 -22.04
CA LEU B 274 -8.38 5.53 -22.75
C LEU B 274 -7.88 4.73 -23.95
N PHE B 275 -7.83 3.40 -23.81
CA PHE B 275 -7.62 2.51 -24.95
C PHE B 275 -8.98 1.97 -25.41
N MET B 276 -9.82 2.88 -25.90
CA MET B 276 -11.20 2.57 -26.19
C MET B 276 -11.54 2.90 -27.64
N ARG B 277 -12.58 2.26 -28.15
CA ARG B 277 -13.05 2.46 -29.50
C ARG B 277 -13.76 3.81 -29.64
N SER B 278 -14.13 4.14 -30.88
CA SER B 278 -14.73 5.43 -31.15
C SER B 278 -16.08 5.60 -30.45
N ASP B 279 -16.91 4.56 -30.47
CA ASP B 279 -18.24 4.68 -29.88
C ASP B 279 -18.18 4.69 -28.36
N ASP B 280 -17.34 3.83 -27.77
CA ASP B 280 -17.21 3.82 -26.32
C ASP B 280 -16.66 5.15 -25.81
N SER B 281 -15.67 5.71 -26.50
CA SER B 281 -15.13 7.01 -26.10
C SER B 281 -16.18 8.10 -26.19
N ARG B 282 -17.06 8.02 -27.19
CA ARG B 282 -18.17 8.96 -27.28
C ARG B 282 -19.11 8.80 -26.10
N GLU B 283 -19.40 7.56 -25.70
CA GLU B 283 -20.38 7.32 -24.65
C GLU B 283 -19.81 7.54 -23.26
N LEU B 284 -18.53 7.18 -23.04
CA LEU B 284 -17.93 7.39 -21.73
C LEU B 284 -17.86 8.87 -21.39
N ILE B 285 -17.52 9.70 -22.37
CA ILE B 285 -17.49 11.14 -22.13
C ILE B 285 -18.90 11.64 -21.83
N ALA B 286 -19.92 11.04 -22.44
CA ALA B 286 -21.30 11.39 -22.10
C ALA B 286 -21.61 11.03 -20.65
N ALA B 287 -21.14 9.87 -20.19
CA ALA B 287 -21.39 9.47 -18.82
C ALA B 287 -20.69 10.39 -17.82
N ALA B 288 -19.60 11.03 -18.22
CA ALA B 288 -18.95 12.00 -17.36
C ALA B 288 -19.67 13.35 -17.36
N ASN B 289 -20.48 13.61 -18.38
CA ASN B 289 -21.27 14.84 -18.38
C ASN B 289 -22.47 14.73 -17.45
N ARG B 290 -23.09 13.55 -17.38
CA ARG B 290 -24.22 13.35 -16.47
C ARG B 290 -23.80 13.54 -15.02
N VAL B 291 -22.67 12.96 -14.63
CA VAL B 291 -22.15 13.17 -13.28
C VAL B 291 -21.48 14.54 -13.17
N ASN B 292 -21.17 15.18 -14.30
CA ASN B 292 -20.49 16.48 -14.32
C ASN B 292 -19.09 16.37 -13.73
N ALA B 293 -18.46 15.21 -13.92
CA ALA B 293 -17.09 15.00 -13.46
C ALA B 293 -16.10 15.68 -14.41
N SER B 294 -14.82 15.52 -14.12
CA SER B 294 -13.78 16.09 -14.98
C SER B 294 -12.46 15.40 -14.67
N PHE B 295 -11.81 14.87 -15.69
CA PHE B 295 -10.49 14.26 -15.60
C PHE B 295 -9.59 14.86 -16.67
N THR B 296 -8.37 14.33 -16.75
CA THR B 296 -7.49 14.59 -17.89
C THR B 296 -7.47 13.31 -18.72
N TRP B 297 -7.80 13.43 -20.00
CA TRP B 297 -7.99 12.27 -20.86
C TRP B 297 -6.73 12.04 -21.69
N VAL B 298 -6.11 10.88 -21.50
CA VAL B 298 -5.01 10.42 -22.33
C VAL B 298 -5.55 9.30 -23.21
N ALA B 299 -5.67 9.56 -24.51
CA ALA B 299 -6.44 8.70 -25.39
C ALA B 299 -5.57 8.10 -26.48
N SER B 300 -6.11 7.05 -27.11
CA SER B 300 -5.44 6.32 -28.17
C SER B 300 -6.04 6.70 -29.52
N ASP B 301 -5.62 5.98 -30.57
CA ASP B 301 -6.13 6.26 -31.92
C ASP B 301 -7.61 5.94 -32.03
N GLY B 302 -8.15 5.16 -31.10
CA GLY B 302 -9.58 4.92 -31.08
C GLY B 302 -10.34 6.21 -30.88
N TRP B 303 -9.89 7.01 -29.92
CA TRP B 303 -10.40 8.38 -29.79
C TRP B 303 -9.79 9.26 -30.88
N GLY B 304 -8.46 9.34 -30.91
CA GLY B 304 -7.80 10.06 -31.98
C GLY B 304 -8.12 11.54 -31.96
N ALA B 305 -8.26 12.10 -33.16
CA ALA B 305 -8.50 13.53 -33.31
C ALA B 305 -9.88 13.79 -33.88
N GLN B 306 -10.90 13.11 -33.36
CA GLN B 306 -12.26 13.24 -33.86
C GLN B 306 -13.01 14.30 -33.06
N GLU B 307 -13.64 15.23 -33.77
CA GLU B 307 -14.51 16.19 -33.11
C GLU B 307 -15.83 15.57 -32.72
N SER B 308 -16.27 14.53 -33.44
CA SER B 308 -17.60 13.96 -33.22
C SER B 308 -17.70 13.23 -31.90
N ILE B 309 -16.59 12.75 -31.35
CA ILE B 309 -16.64 12.02 -30.09
C ILE B 309 -17.07 12.94 -28.96
N VAL B 310 -16.56 14.18 -28.95
CA VAL B 310 -16.82 15.11 -27.85
C VAL B 310 -17.96 16.06 -28.18
N LYS B 311 -18.75 15.77 -29.21
CA LYS B 311 -19.82 16.67 -29.64
C LYS B 311 -20.87 16.77 -28.55
N GLY B 312 -20.98 17.95 -27.93
CA GLY B 312 -21.94 18.19 -26.88
C GLY B 312 -21.42 18.01 -25.47
N SER B 313 -20.33 17.27 -25.30
CA SER B 313 -19.72 17.05 -23.99
C SER B 313 -18.28 17.58 -23.97
N GLU B 314 -18.03 18.68 -24.67
CA GLU B 314 -16.69 19.26 -24.71
C GLU B 314 -16.24 19.75 -23.34
N HIS B 315 -17.17 20.03 -22.44
CA HIS B 315 -16.82 20.58 -21.13
C HIS B 315 -15.96 19.62 -20.33
N VAL B 316 -16.32 18.33 -20.32
CA VAL B 316 -15.54 17.37 -19.57
C VAL B 316 -14.32 16.91 -20.36
N ALA B 317 -14.42 16.83 -21.67
CA ALA B 317 -13.32 16.37 -22.50
C ALA B 317 -12.29 17.46 -22.78
N TYR B 318 -12.49 18.67 -22.28
CA TYR B 318 -11.53 19.74 -22.50
C TYR B 318 -10.18 19.38 -21.90
N GLY B 319 -9.12 19.79 -22.58
CA GLY B 319 -7.78 19.48 -22.15
C GLY B 319 -7.44 18.00 -22.24
N ALA B 320 -7.83 17.36 -23.34
CA ALA B 320 -7.56 15.94 -23.54
C ALA B 320 -6.25 15.75 -24.27
N ILE B 321 -5.57 14.64 -23.99
CA ILE B 321 -4.34 14.26 -24.68
C ILE B 321 -4.65 13.02 -25.49
N THR B 322 -4.58 13.13 -26.81
CA THR B 322 -4.94 12.03 -27.68
C THR B 322 -3.77 11.65 -28.57
N LEU B 323 -3.69 10.37 -28.89
CA LEU B 323 -2.58 9.81 -29.66
C LEU B 323 -3.12 9.33 -31.00
N GLU B 324 -3.00 10.17 -32.02
CA GLU B 324 -3.36 9.81 -33.38
C GLU B 324 -2.13 9.40 -34.15
N LEU B 325 -2.30 8.42 -35.05
CA LEU B 325 -1.20 7.96 -35.88
C LEU B 325 -0.72 9.08 -36.78
N ALA B 326 0.58 9.09 -37.05
CA ALA B 326 1.19 10.15 -37.84
C ALA B 326 0.69 10.07 -39.28
N SER B 327 -0.02 11.10 -39.71
CA SER B 327 -0.63 11.08 -41.03
C SER B 327 -0.71 12.49 -41.58
N HIS B 328 -0.86 12.57 -42.91
CA HIS B 328 -0.99 13.82 -43.62
C HIS B 328 -2.23 13.77 -44.50
N PRO B 329 -2.89 14.91 -44.70
CA PRO B 329 -4.05 14.92 -45.61
C PRO B 329 -3.65 14.60 -47.04
N VAL B 330 -4.54 13.92 -47.74
CA VAL B 330 -4.37 13.64 -49.17
C VAL B 330 -5.09 14.75 -49.92
N ARG B 331 -4.34 15.73 -50.41
CA ARG B 331 -4.95 16.92 -51.01
C ARG B 331 -5.77 16.57 -52.24
N GLN B 332 -5.28 15.62 -53.05
CA GLN B 332 -6.05 15.20 -54.22
C GLN B 332 -7.35 14.53 -53.82
N PHE B 333 -7.40 13.92 -52.64
CA PHE B 333 -8.61 13.21 -52.22
C PHE B 333 -9.75 14.17 -51.90
N ASP B 334 -9.47 15.22 -51.12
CA ASP B 334 -10.53 16.15 -50.74
C ASP B 334 -11.11 16.85 -51.96
N ARG B 335 -10.32 17.05 -53.01
CA ARG B 335 -10.87 17.53 -54.26
C ARG B 335 -11.89 16.54 -54.82
N TYR B 336 -11.56 15.25 -54.77
CA TYR B 336 -12.49 14.22 -55.22
C TYR B 336 -13.71 14.14 -54.33
N PHE B 337 -13.53 14.23 -53.01
CA PHE B 337 -14.64 14.09 -52.08
C PHE B 337 -15.61 15.26 -52.19
N GLN B 338 -15.09 16.49 -52.17
CA GLN B 338 -15.95 17.67 -52.18
C GLN B 338 -16.73 17.81 -53.48
N SER B 339 -16.29 17.15 -54.56
CA SER B 339 -17.03 17.20 -55.82
C SER B 339 -18.22 16.25 -55.84
N LEU B 340 -18.37 15.39 -54.84
CA LEU B 340 -19.44 14.41 -54.83
C LEU B 340 -20.78 15.06 -54.55
N ASN B 341 -21.81 14.58 -55.23
CA ASN B 341 -23.20 14.96 -54.99
C ASN B 341 -24.05 13.70 -55.01
N PRO B 342 -25.21 13.72 -54.34
CA PRO B 342 -26.07 12.53 -54.32
C PRO B 342 -26.65 12.16 -55.68
N TYR B 343 -26.33 12.89 -56.74
CA TYR B 343 -26.87 12.60 -58.07
C TYR B 343 -25.88 11.89 -58.97
N ASN B 344 -24.57 12.14 -58.81
CA ASN B 344 -23.57 11.51 -59.67
C ASN B 344 -22.89 10.31 -59.03
N ASN B 345 -22.84 10.24 -57.71
CA ASN B 345 -22.21 9.12 -57.01
C ASN B 345 -23.19 7.94 -56.90
N HIS B 346 -23.68 7.52 -58.06
CA HIS B 346 -24.65 6.43 -58.11
C HIS B 346 -24.02 5.10 -57.76
N ARG B 347 -22.71 4.94 -58.02
CA ARG B 347 -22.03 3.69 -57.70
C ARG B 347 -21.98 3.43 -56.21
N ASN B 348 -22.18 4.46 -55.38
CA ASN B 348 -22.12 4.29 -53.94
C ASN B 348 -23.54 4.21 -53.39
N PRO B 349 -23.99 3.04 -52.93
CA PRO B 349 -25.37 2.95 -52.41
C PRO B 349 -25.56 3.69 -51.09
N TRP B 350 -24.61 3.55 -50.16
CA TRP B 350 -24.75 4.22 -48.87
C TRP B 350 -24.65 5.73 -48.95
N PHE B 351 -24.21 6.28 -50.09
CA PHE B 351 -24.00 7.72 -50.18
C PHE B 351 -25.30 8.49 -50.03
N ARG B 352 -26.39 7.97 -50.62
CA ARG B 352 -27.67 8.66 -50.50
C ARG B 352 -28.10 8.77 -49.04
N ASP B 353 -27.96 7.70 -48.27
CA ASP B 353 -28.23 7.77 -46.84
C ASP B 353 -27.23 8.68 -46.14
N PHE B 354 -25.97 8.63 -46.56
CA PHE B 354 -24.94 9.48 -45.96
C PHE B 354 -25.27 10.95 -46.17
N TRP B 355 -25.78 11.30 -47.36
CA TRP B 355 -26.13 12.68 -47.63
C TRP B 355 -27.22 13.19 -46.70
N GLU B 356 -28.23 12.35 -46.43
CA GLU B 356 -29.32 12.75 -45.56
C GLU B 356 -28.83 12.96 -44.13
N GLN B 357 -28.10 11.98 -43.60
CA GLN B 357 -27.67 12.05 -42.20
C GLN B 357 -26.70 13.20 -41.97
N LYS B 358 -25.81 13.46 -42.93
CA LYS B 358 -24.83 14.52 -42.76
C LYS B 358 -25.50 15.89 -42.63
N PHE B 359 -26.50 16.15 -43.46
CA PHE B 359 -27.14 17.46 -43.50
C PHE B 359 -28.50 17.48 -42.83
N GLN B 360 -28.91 16.39 -42.20
CA GLN B 360 -30.17 16.32 -41.45
C GLN B 360 -31.36 16.75 -42.30
N CYS B 361 -31.36 16.32 -43.57
CA CYS B 361 -32.45 16.62 -44.48
C CYS B 361 -32.92 15.31 -45.11
N SER B 362 -33.97 15.42 -45.95
CA SER B 362 -34.62 14.26 -46.53
C SER B 362 -34.46 14.28 -48.05
N LEU B 363 -34.00 13.16 -48.60
CA LEU B 363 -33.93 13.04 -50.05
C LEU B 363 -35.31 12.70 -50.63
N GLN B 364 -35.89 11.59 -50.19
CA GLN B 364 -37.21 11.17 -50.66
C GLN B 364 -38.26 11.23 -49.56
N ASN B 365 -38.08 10.50 -48.45
CA ASN B 365 -39.11 10.47 -47.42
C ASN B 365 -38.54 10.42 -45.99
N LYS B 366 -37.30 10.87 -45.78
CA LYS B 366 -36.73 10.82 -44.43
C LYS B 366 -37.52 11.69 -43.46
N ARG B 367 -37.90 12.90 -43.88
CA ARG B 367 -38.73 13.80 -43.09
C ARG B 367 -40.18 13.78 -43.56
N ASN B 368 -40.65 12.63 -44.04
CA ASN B 368 -41.98 12.46 -44.65
C ASN B 368 -42.18 13.31 -45.89
N HIS B 369 -41.11 13.92 -46.42
CA HIS B 369 -41.18 14.75 -47.61
C HIS B 369 -39.83 14.71 -48.31
N ARG B 370 -39.70 15.50 -49.39
CA ARG B 370 -38.50 15.48 -50.21
C ARG B 370 -38.05 16.90 -50.56
N GLN B 371 -38.22 17.85 -49.65
CA GLN B 371 -37.87 19.24 -49.92
C GLN B 371 -36.81 19.81 -49.00
N VAL B 372 -36.49 19.13 -47.89
CA VAL B 372 -35.53 19.69 -46.94
C VAL B 372 -34.12 19.72 -47.53
N CYS B 373 -33.76 18.70 -48.30
CA CYS B 373 -32.43 18.64 -48.88
C CYS B 373 -32.30 19.65 -50.02
N ASP B 374 -31.45 20.65 -49.83
CA ASP B 374 -31.25 21.67 -50.85
C ASP B 374 -30.54 21.07 -52.06
N LYS B 375 -30.98 21.49 -53.25
CA LYS B 375 -30.33 21.02 -54.48
C LYS B 375 -28.94 21.64 -54.63
N HIS B 376 -28.77 22.88 -54.21
CA HIS B 376 -27.50 23.58 -54.35
C HIS B 376 -26.52 23.26 -53.22
N LEU B 377 -26.98 22.61 -52.17
CA LEU B 377 -26.11 22.27 -51.05
C LEU B 377 -25.07 21.23 -51.47
N ALA B 378 -23.84 21.39 -50.96
CA ALA B 378 -22.77 20.49 -51.33
C ALA B 378 -21.71 20.49 -50.22
N ILE B 379 -20.87 19.47 -50.24
CA ILE B 379 -19.79 19.34 -49.27
C ILE B 379 -18.69 20.34 -49.62
N ASP B 380 -18.23 21.08 -48.62
CA ASP B 380 -17.15 22.06 -48.80
C ASP B 380 -16.32 22.10 -47.54
N SER B 381 -15.31 22.98 -47.53
CA SER B 381 -14.40 23.07 -46.40
C SER B 381 -15.09 23.57 -45.13
N SER B 382 -16.30 24.13 -45.24
CA SER B 382 -16.99 24.64 -44.07
C SER B 382 -17.36 23.51 -43.11
N ASN B 383 -17.79 22.37 -43.63
CA ASN B 383 -18.30 21.28 -42.80
C ASN B 383 -17.55 19.97 -43.00
N TYR B 384 -16.40 19.99 -43.66
CA TYR B 384 -15.71 18.77 -44.03
C TYR B 384 -14.25 18.85 -43.61
N GLU B 385 -13.78 17.81 -42.92
CA GLU B 385 -12.39 17.68 -42.54
C GLU B 385 -11.97 16.23 -42.74
N GLN B 386 -10.80 16.02 -43.32
CA GLN B 386 -10.37 14.67 -43.68
C GLN B 386 -10.19 13.80 -42.45
N GLU B 387 -10.60 12.54 -42.58
CA GLU B 387 -10.27 11.55 -41.57
C GLU B 387 -8.76 11.36 -41.51
N SER B 388 -8.26 11.11 -40.30
CA SER B 388 -6.81 11.04 -40.11
C SER B 388 -6.19 9.89 -40.90
N LYS B 389 -6.81 8.71 -40.86
CA LYS B 389 -6.29 7.53 -41.54
C LYS B 389 -6.80 7.41 -42.96
N ILE B 390 -6.61 8.44 -43.77
CA ILE B 390 -7.01 8.38 -45.18
C ILE B 390 -5.84 7.97 -46.07
N MET B 391 -4.63 8.44 -45.77
CA MET B 391 -3.48 7.99 -46.55
C MET B 391 -3.24 6.50 -46.34
N PHE B 392 -3.44 6.02 -45.11
CA PHE B 392 -3.24 4.60 -44.81
C PHE B 392 -4.23 3.73 -45.57
N VAL B 393 -5.32 4.31 -46.07
CA VAL B 393 -6.23 3.57 -46.94
C VAL B 393 -5.73 3.60 -48.37
N VAL B 394 -5.30 4.77 -48.83
CA VAL B 394 -4.76 4.89 -50.18
C VAL B 394 -3.49 4.07 -50.33
N ASN B 395 -2.62 4.12 -49.33
CA ASN B 395 -1.42 3.29 -49.35
C ASN B 395 -1.77 1.80 -49.32
N ALA B 396 -2.81 1.43 -48.59
CA ALA B 396 -3.24 0.04 -48.55
C ALA B 396 -3.69 -0.42 -49.93
N VAL B 397 -4.45 0.41 -50.64
CA VAL B 397 -4.89 0.04 -51.99
C VAL B 397 -3.70 -0.03 -52.94
N TYR B 398 -2.79 0.94 -52.85
CA TYR B 398 -1.63 0.94 -53.73
C TYR B 398 -0.67 -0.19 -53.41
N ALA B 399 -0.60 -0.61 -52.15
CA ALA B 399 0.26 -1.75 -51.80
C ALA B 399 -0.20 -3.00 -52.52
N MET B 400 -1.51 -3.21 -52.61
CA MET B 400 -2.03 -4.33 -53.37
C MET B 400 -1.72 -4.19 -54.86
N ALA B 401 -1.87 -2.99 -55.41
CA ALA B 401 -1.61 -2.78 -56.83
C ALA B 401 -0.14 -2.99 -57.16
N HIS B 402 0.76 -2.49 -56.31
CA HIS B 402 2.18 -2.67 -56.54
C HIS B 402 2.59 -4.13 -56.45
N ALA B 403 1.99 -4.87 -55.52
CA ALA B 403 2.29 -6.30 -55.41
C ALA B 403 1.88 -7.05 -56.68
N LEU B 404 0.71 -6.74 -57.22
CA LEU B 404 0.28 -7.37 -58.46
C LEU B 404 1.09 -6.88 -59.65
N HIS B 405 1.42 -5.58 -59.66
CA HIS B 405 2.16 -5.02 -60.78
C HIS B 405 3.55 -5.64 -60.88
N LYS B 406 4.23 -5.81 -59.74
CA LYS B 406 5.52 -6.50 -59.77
C LYS B 406 5.35 -7.95 -60.17
N MET B 407 4.30 -8.62 -59.67
CA MET B 407 4.05 -10.00 -60.07
C MET B 407 3.72 -10.09 -61.55
N GLN B 408 2.96 -9.13 -62.07
CA GLN B 408 2.62 -9.16 -63.50
C GLN B 408 3.86 -8.99 -64.36
N ARG B 409 4.77 -8.10 -63.94
CA ARG B 409 6.02 -7.93 -64.67
C ARG B 409 6.92 -9.15 -64.60
N THR B 410 6.64 -10.08 -63.69
CA THR B 410 7.43 -11.30 -63.56
C THR B 410 6.79 -12.46 -64.32
N LEU B 411 5.52 -12.75 -64.04
CA LEU B 411 4.86 -13.90 -64.66
C LEU B 411 4.46 -13.62 -66.11
N CYS B 412 4.13 -12.37 -66.44
CA CYS B 412 3.67 -12.00 -67.77
C CYS B 412 4.50 -10.82 -68.28
N PRO B 413 5.76 -11.06 -68.65
CA PRO B 413 6.61 -9.95 -69.10
C PRO B 413 6.39 -9.58 -70.55
N ASN B 414 5.89 -10.54 -71.34
CA ASN B 414 5.70 -10.29 -72.78
C ASN B 414 4.58 -9.29 -73.02
N THR B 415 3.46 -9.41 -72.30
CA THR B 415 2.30 -8.58 -72.51
C THR B 415 1.96 -7.80 -71.24
N THR B 416 1.42 -6.61 -71.42
CA THR B 416 0.97 -5.80 -70.29
C THR B 416 -0.34 -6.30 -69.70
N LYS B 417 -1.10 -7.09 -70.45
CA LYS B 417 -2.35 -7.65 -69.97
C LYS B 417 -2.11 -8.91 -69.14
N LEU B 418 -3.18 -9.44 -68.56
CA LEU B 418 -3.07 -10.67 -67.79
C LEU B 418 -2.76 -11.83 -68.73
N CYS B 419 -1.84 -12.69 -68.30
CA CYS B 419 -1.45 -13.86 -69.06
C CYS B 419 -2.05 -15.12 -68.46
N ASP B 420 -1.75 -16.26 -69.07
CA ASP B 420 -2.31 -17.53 -68.62
C ASP B 420 -1.82 -17.91 -67.22
N ALA B 421 -0.68 -17.37 -66.79
CA ALA B 421 -0.19 -17.68 -65.45
C ALA B 421 -1.08 -17.09 -64.36
N MET B 422 -1.84 -16.04 -64.68
CA MET B 422 -2.72 -15.38 -63.72
C MET B 422 -4.19 -15.71 -63.95
N LYS B 423 -4.48 -16.71 -64.78
CA LYS B 423 -5.86 -17.19 -64.85
C LYS B 423 -6.28 -17.77 -63.51
N ILE B 424 -5.38 -18.49 -62.84
CA ILE B 424 -5.55 -18.89 -61.46
C ILE B 424 -4.42 -18.25 -60.66
N LEU B 425 -4.78 -17.49 -59.62
CA LEU B 425 -3.83 -16.69 -58.88
C LEU B 425 -3.31 -17.45 -57.66
N ASP B 426 -2.03 -17.25 -57.35
CA ASP B 426 -1.40 -17.85 -56.18
C ASP B 426 -1.32 -16.79 -55.09
N GLY B 427 -2.09 -16.99 -54.01
CA GLY B 427 -2.08 -16.03 -52.92
C GLY B 427 -0.75 -16.01 -52.18
N LYS B 428 -0.16 -17.17 -51.93
CA LYS B 428 1.10 -17.23 -51.19
C LYS B 428 2.22 -16.54 -51.93
N LYS B 429 2.31 -16.75 -53.25
CA LYS B 429 3.31 -16.06 -54.04
C LYS B 429 3.08 -14.55 -54.04
N LEU B 430 1.81 -14.12 -54.13
CA LEU B 430 1.51 -12.70 -54.14
C LEU B 430 1.89 -12.04 -52.82
N TYR B 431 1.64 -12.72 -51.71
CA TYR B 431 1.89 -12.13 -50.39
C TYR B 431 3.37 -12.23 -50.00
N LYS B 432 3.91 -13.45 -49.99
CA LYS B 432 5.25 -13.67 -49.45
C LYS B 432 6.32 -12.98 -50.28
N GLU B 433 6.22 -13.06 -51.61
CA GLU B 433 7.30 -12.59 -52.46
C GLU B 433 7.18 -11.11 -52.83
N TYR B 434 5.99 -10.66 -53.22
CA TYR B 434 5.82 -9.30 -53.73
C TYR B 434 5.25 -8.35 -52.69
N LEU B 435 4.13 -8.72 -52.05
CA LEU B 435 3.45 -7.82 -51.13
C LEU B 435 4.28 -7.58 -49.88
N LEU B 436 4.81 -8.65 -49.28
CA LEU B 436 5.55 -8.51 -48.03
C LEU B 436 6.89 -7.81 -48.20
N LYS B 437 7.35 -7.61 -49.43
CA LYS B 437 8.60 -6.92 -49.70
C LYS B 437 8.38 -5.73 -50.63
N ILE B 438 7.19 -5.14 -50.57
CA ILE B 438 6.88 -4.00 -51.43
C ILE B 438 7.63 -2.77 -50.92
N ASN B 439 7.90 -1.83 -51.84
CA ASN B 439 8.62 -0.62 -51.50
C ASN B 439 8.35 0.41 -52.59
N PHE B 440 7.68 1.50 -52.25
CA PHE B 440 7.40 2.54 -53.23
C PHE B 440 7.10 3.84 -52.50
N THR B 441 7.24 4.94 -53.24
CA THR B 441 6.90 6.25 -52.69
C THR B 441 5.39 6.38 -52.57
N ALA B 442 4.93 6.88 -51.43
CA ALA B 442 3.50 7.00 -51.17
C ALA B 442 2.87 7.93 -52.19
N PRO B 443 1.84 7.49 -52.91
CA PRO B 443 1.25 8.34 -53.95
C PRO B 443 0.45 9.48 -53.34
N PHE B 444 0.27 10.53 -54.14
CA PHE B 444 -0.48 11.74 -53.77
C PHE B 444 0.13 12.46 -52.57
N ASN B 445 1.38 12.17 -52.25
CA ASN B 445 2.07 12.79 -51.14
C ASN B 445 3.39 13.36 -51.63
N PRO B 446 3.70 14.62 -51.31
CA PRO B 446 4.99 15.19 -51.75
C PRO B 446 6.16 14.40 -51.19
N ASN B 447 7.19 14.24 -52.01
CA ASN B 447 8.36 13.45 -51.65
C ASN B 447 9.29 14.25 -50.72
N LYS B 448 8.72 14.63 -49.58
CA LYS B 448 9.41 15.43 -48.58
C LYS B 448 10.10 14.58 -47.51
N GLY B 449 10.03 13.26 -47.61
CA GLY B 449 10.53 12.37 -46.59
C GLY B 449 9.52 12.08 -45.48
N ALA B 450 8.67 13.06 -45.16
CA ALA B 450 7.59 12.82 -44.21
C ALA B 450 6.61 11.80 -44.77
N ASP B 451 6.34 11.86 -46.08
CA ASP B 451 5.54 10.82 -46.72
C ASP B 451 6.20 9.45 -46.57
N SER B 452 7.53 9.42 -46.60
CA SER B 452 8.33 8.22 -46.35
C SER B 452 7.93 7.13 -47.35
N ILE B 453 8.07 5.87 -46.94
CA ILE B 453 7.83 4.73 -47.82
C ILE B 453 6.62 3.97 -47.30
N VAL B 454 6.08 3.13 -48.17
CA VAL B 454 4.95 2.26 -47.83
C VAL B 454 5.44 0.85 -47.49
N LYS B 455 6.72 0.72 -47.16
CA LYS B 455 7.29 -0.59 -46.88
C LYS B 455 6.64 -1.22 -45.65
N PHE B 456 6.49 -2.54 -45.70
CA PHE B 456 6.16 -3.34 -44.54
C PHE B 456 7.44 -3.90 -43.94
N ASP B 457 7.45 -4.09 -42.63
CA ASP B 457 8.58 -4.71 -41.96
C ASP B 457 8.39 -6.22 -41.97
N THR B 458 9.23 -6.94 -41.24
CA THR B 458 9.18 -8.40 -41.25
C THR B 458 7.88 -8.94 -40.67
N PHE B 459 7.13 -8.12 -39.93
CA PHE B 459 5.86 -8.52 -39.37
C PHE B 459 4.67 -8.01 -40.18
N GLY B 460 4.93 -7.43 -41.35
CA GLY B 460 3.84 -6.87 -42.14
C GLY B 460 3.15 -5.71 -41.46
N ASP B 461 3.91 -4.83 -40.83
CA ASP B 461 3.38 -3.68 -40.11
C ASP B 461 4.02 -2.40 -40.63
N GLY B 462 3.52 -1.26 -40.16
CA GLY B 462 4.07 0.03 -40.52
C GLY B 462 5.01 0.58 -39.46
N MET B 463 5.47 1.79 -39.69
CA MET B 463 6.37 2.46 -38.77
C MET B 463 5.61 3.08 -37.61
N GLY B 464 6.16 2.93 -36.41
CA GLY B 464 5.47 3.39 -35.22
C GLY B 464 5.66 4.87 -34.95
N ARG B 465 4.99 5.72 -35.72
CA ARG B 465 5.03 7.16 -35.54
C ARG B 465 3.65 7.66 -35.19
N TYR B 466 3.56 8.44 -34.11
CA TYR B 466 2.29 8.96 -33.63
C TYR B 466 2.36 10.48 -33.49
N ASN B 467 1.19 11.10 -33.51
CA ASN B 467 1.05 12.50 -33.17
C ASN B 467 0.32 12.62 -31.85
N VAL B 468 0.53 13.74 -31.16
CA VAL B 468 -0.13 14.02 -29.88
C VAL B 468 -0.97 15.26 -30.06
N PHE B 469 -2.25 15.17 -29.74
CA PHE B 469 -3.19 16.26 -29.90
C PHE B 469 -3.71 16.70 -28.55
N ASN B 470 -4.19 17.94 -28.50
CA ASN B 470 -4.77 18.51 -27.29
C ASN B 470 -6.08 19.17 -27.65
N LEU B 471 -7.10 18.93 -26.83
CA LEU B 471 -8.42 19.51 -27.05
C LEU B 471 -8.47 20.88 -26.41
N GLN B 472 -8.61 21.92 -27.23
CA GLN B 472 -8.55 23.29 -26.76
C GLN B 472 -9.77 24.05 -27.24
N GLN B 473 -10.10 25.13 -26.52
CA GLN B 473 -11.22 25.98 -26.86
C GLN B 473 -10.70 27.24 -27.53
N THR B 474 -11.31 27.60 -28.66
CA THR B 474 -10.94 28.79 -29.43
C THR B 474 -12.17 29.69 -29.47
N GLY B 475 -12.32 30.54 -28.46
CA GLY B 475 -13.45 31.45 -28.41
C GLY B 475 -14.79 30.75 -28.38
N GLY B 476 -14.93 29.70 -27.57
CA GLY B 476 -16.15 28.93 -27.51
C GLY B 476 -16.22 27.78 -28.49
N LYS B 477 -15.23 27.63 -29.37
CA LYS B 477 -15.18 26.54 -30.33
C LYS B 477 -14.01 25.61 -29.97
N TYR B 478 -14.28 24.31 -30.00
CA TYR B 478 -13.28 23.32 -29.61
C TYR B 478 -12.59 22.75 -30.84
N SER B 479 -11.32 22.38 -30.67
CA SER B 479 -10.53 21.81 -31.76
C SER B 479 -9.35 21.06 -31.16
N TYR B 480 -8.70 20.26 -32.01
CA TYR B 480 -7.52 19.51 -31.63
C TYR B 480 -6.28 20.20 -32.20
N LEU B 481 -5.27 20.39 -31.36
CA LEU B 481 -4.02 20.99 -31.76
C LEU B 481 -2.88 20.00 -31.55
N LYS B 482 -2.05 19.82 -32.57
CA LYS B 482 -0.89 18.93 -32.46
C LYS B 482 0.11 19.54 -31.49
N VAL B 483 0.34 18.87 -30.38
CA VAL B 483 1.21 19.39 -29.33
C VAL B 483 2.38 18.45 -29.11
N GLY B 484 2.77 17.72 -30.15
CA GLY B 484 3.91 16.84 -30.04
C GLY B 484 3.84 15.75 -31.09
N HIS B 485 4.74 14.77 -30.94
CA HIS B 485 4.78 13.61 -31.81
C HIS B 485 5.57 12.52 -31.11
N TRP B 486 5.65 11.36 -31.76
CA TRP B 486 6.37 10.23 -31.18
C TRP B 486 6.82 9.35 -32.34
N ALA B 487 8.10 9.45 -32.72
CA ALA B 487 8.71 8.53 -33.66
C ALA B 487 9.43 7.39 -32.94
N GLU B 488 10.42 7.73 -32.12
CA GLU B 488 10.96 6.81 -31.12
C GLU B 488 11.10 7.44 -29.75
N THR B 489 11.16 8.76 -29.64
CA THR B 489 11.14 9.48 -28.38
C THR B 489 10.11 10.60 -28.49
N LEU B 490 9.36 10.80 -27.42
CA LEU B 490 8.34 11.84 -27.43
C LEU B 490 9.01 13.21 -27.43
N SER B 491 8.38 14.16 -28.12
CA SER B 491 8.83 15.55 -28.16
C SER B 491 7.58 16.42 -28.03
N LEU B 492 7.24 16.80 -26.80
CA LEU B 492 6.00 17.51 -26.52
C LEU B 492 6.26 18.99 -26.35
N ASP B 493 5.34 19.81 -26.87
CA ASP B 493 5.40 21.26 -26.74
C ASP B 493 4.49 21.66 -25.58
N VAL B 494 5.03 21.50 -24.36
CA VAL B 494 4.23 21.66 -23.15
C VAL B 494 3.70 23.08 -22.99
N ASP B 495 4.36 24.07 -23.59
CA ASP B 495 3.92 25.45 -23.44
C ASP B 495 2.58 25.68 -24.14
N SER B 496 2.30 24.94 -25.21
CA SER B 496 1.08 25.11 -25.98
C SER B 496 -0.08 24.26 -25.48
N ILE B 497 0.15 23.38 -24.51
CA ILE B 497 -0.91 22.50 -24.02
C ILE B 497 -1.88 23.30 -23.18
N HIS B 498 -3.17 23.13 -23.45
CA HIS B 498 -4.24 23.69 -22.62
C HIS B 498 -4.72 22.58 -21.67
N TRP B 499 -4.42 22.74 -20.39
CA TRP B 499 -4.79 21.72 -19.43
C TRP B 499 -6.24 21.88 -18.98
N SER B 500 -6.79 20.82 -18.39
CA SER B 500 -8.20 20.81 -18.03
C SER B 500 -8.50 21.80 -16.91
N ARG B 501 -7.66 21.82 -15.87
CA ARG B 501 -7.85 22.71 -14.73
C ARG B 501 -6.88 23.89 -14.74
N ASN B 502 -6.53 24.38 -15.92
CA ASN B 502 -5.67 25.55 -16.11
C ASN B 502 -4.28 25.37 -15.50
N SER B 503 -3.93 24.16 -15.08
CA SER B 503 -2.62 23.89 -14.52
C SER B 503 -2.26 22.43 -14.80
N VAL B 504 -0.96 22.15 -14.76
CA VAL B 504 -0.47 20.80 -15.05
C VAL B 504 -1.06 19.82 -14.04
N PRO B 505 -1.77 18.79 -14.49
CA PRO B 505 -2.34 17.84 -13.54
C PRO B 505 -1.26 17.04 -12.84
N THR B 506 -1.56 16.66 -11.60
CA THR B 506 -0.69 15.79 -10.82
C THR B 506 -1.47 14.53 -10.46
N SER B 507 -0.91 13.38 -10.78
CA SER B 507 -1.53 12.09 -10.49
C SER B 507 -0.51 11.25 -9.75
N GLN B 508 -0.44 11.45 -8.44
CA GLN B 508 0.46 10.71 -7.56
C GLN B 508 -0.37 10.01 -6.48
N CYS B 509 0.03 8.79 -6.15
CA CYS B 509 -0.71 8.03 -5.14
C CYS B 509 -0.67 8.71 -3.79
N SER B 510 0.49 9.24 -3.41
CA SER B 510 0.66 9.90 -2.13
C SER B 510 1.44 11.20 -2.33
N ASP B 511 1.16 12.17 -1.47
CA ASP B 511 1.84 13.46 -1.56
C ASP B 511 3.30 13.32 -1.18
N PRO B 512 4.16 14.21 -1.70
CA PRO B 512 5.57 14.19 -1.30
C PRO B 512 5.72 14.46 0.19
N CYS B 513 6.69 13.80 0.80
CA CYS B 513 6.89 13.92 2.24
C CYS B 513 7.68 15.17 2.57
N ALA B 514 7.35 15.76 3.73
CA ALA B 514 8.05 16.94 4.19
C ALA B 514 9.48 16.60 4.57
N PRO B 515 10.37 17.60 4.59
CA PRO B 515 11.76 17.31 5.00
C PRO B 515 11.86 16.67 6.37
N ASN B 516 10.96 17.01 7.29
CA ASN B 516 10.92 16.38 8.60
C ASN B 516 10.29 14.99 8.57
N GLU B 517 9.73 14.58 7.44
CA GLU B 517 8.98 13.33 7.33
C GLU B 517 9.74 12.30 6.50
N MET B 518 9.57 11.04 6.87
CA MET B 518 10.15 9.90 6.17
C MET B 518 9.06 9.15 5.41
N LYS B 519 9.48 8.08 4.72
CA LYS B 519 8.55 7.25 3.98
C LYS B 519 9.14 5.86 3.81
N ASN B 520 8.26 4.89 3.54
CA ASN B 520 8.67 3.51 3.33
C ASN B 520 7.82 2.89 2.24
N MET B 521 8.37 1.86 1.60
CA MET B 521 7.72 1.16 0.51
C MET B 521 7.07 -0.11 1.05
N GLN B 522 5.75 -0.20 0.93
CA GLN B 522 5.06 -1.45 1.21
C GLN B 522 5.34 -2.45 0.08
N PRO B 523 5.24 -3.75 0.36
CA PRO B 523 5.60 -4.75 -0.66
C PRO B 523 4.73 -4.63 -1.90
N GLY B 524 5.40 -4.53 -3.05
CA GLY B 524 4.72 -4.49 -4.33
C GLY B 524 4.21 -3.13 -4.76
N ASP B 525 4.52 -2.06 -4.02
CA ASP B 525 4.06 -0.73 -4.36
C ASP B 525 5.25 0.19 -4.58
N VAL B 526 5.09 1.13 -5.50
CA VAL B 526 6.14 2.10 -5.84
C VAL B 526 5.66 3.53 -5.64
N CYS B 527 4.47 3.86 -6.17
CA CYS B 527 3.98 5.22 -6.16
C CYS B 527 3.28 5.60 -4.86
N CYS B 528 2.99 4.64 -3.99
CA CYS B 528 2.27 4.89 -2.75
C CYS B 528 3.22 4.82 -1.56
N TRP B 529 3.15 5.83 -0.70
CA TRP B 529 3.96 5.85 0.52
C TRP B 529 3.15 6.54 1.62
N ILE B 530 3.79 6.68 2.77
CA ILE B 530 3.24 7.41 3.91
C ILE B 530 4.28 8.39 4.39
N CYS B 531 3.82 9.47 5.01
CA CYS B 531 4.70 10.53 5.49
C CYS B 531 4.73 10.50 7.01
N ILE B 532 5.69 9.75 7.55
CA ILE B 532 5.90 9.66 8.99
C ILE B 532 6.95 10.70 9.37
N PRO B 533 6.62 11.69 10.20
CA PRO B 533 7.64 12.66 10.65
C PRO B 533 8.60 12.01 11.63
N CYS B 534 9.89 12.04 11.31
CA CYS B 534 10.88 11.47 12.20
C CYS B 534 11.05 12.33 13.44
N GLU B 535 11.34 11.69 14.56
CA GLU B 535 11.47 12.39 15.82
C GLU B 535 12.70 13.30 15.79
N PRO B 536 12.68 14.39 16.57
CA PRO B 536 13.71 15.43 16.42
C PRO B 536 15.13 15.03 16.79
N TYR B 537 15.36 13.76 17.14
CA TYR B 537 16.72 13.29 17.39
C TYR B 537 17.24 12.30 16.36
N GLU B 538 16.36 11.63 15.61
CA GLU B 538 16.79 10.79 14.50
C GLU B 538 17.16 11.66 13.30
N TYR B 539 17.85 11.04 12.34
CA TYR B 539 18.24 11.76 11.13
C TYR B 539 18.06 10.87 9.91
N LEU B 540 17.90 11.52 8.76
CA LEU B 540 17.57 10.86 7.51
C LEU B 540 18.85 10.54 6.75
N VAL B 541 19.30 9.28 6.82
CA VAL B 541 20.28 8.82 5.85
C VAL B 541 19.69 8.85 4.45
N ASP B 542 18.45 8.41 4.32
CA ASP B 542 17.68 8.52 3.09
C ASP B 542 16.21 8.65 3.47
N GLU B 543 15.38 8.97 2.48
CA GLU B 543 13.95 9.07 2.72
C GLU B 543 13.34 7.73 3.12
N PHE B 544 14.06 6.62 2.86
CA PHE B 544 13.52 5.29 3.13
C PHE B 544 13.64 4.90 4.60
N THR B 545 14.61 5.43 5.32
CA THR B 545 14.84 5.05 6.71
C THR B 545 15.51 6.20 7.46
N CYS B 546 15.12 6.38 8.72
CA CYS B 546 15.77 7.34 9.60
C CYS B 546 15.99 6.70 10.96
N MET B 547 17.16 6.99 11.55
CA MET B 547 17.50 6.47 12.87
C MET B 547 18.28 7.52 13.64
N ASP B 548 18.50 7.23 14.92
CA ASP B 548 19.03 8.22 15.86
C ASP B 548 20.46 8.61 15.52
N CYS B 549 20.81 9.85 15.85
CA CYS B 549 22.19 10.33 15.77
C CYS B 549 22.94 9.83 17.00
N GLY B 550 24.17 10.31 17.18
CA GLY B 550 24.93 10.01 18.36
C GLY B 550 24.39 10.74 19.58
N PRO B 551 24.77 10.28 20.78
CA PRO B 551 24.35 10.99 21.99
C PRO B 551 24.90 12.40 22.02
N GLY B 552 24.05 13.34 22.43
CA GLY B 552 24.44 14.75 22.41
C GLY B 552 24.80 15.26 21.03
N GLN B 553 24.09 14.83 20.00
CA GLN B 553 24.38 15.19 18.62
C GLN B 553 23.07 15.53 17.92
N TRP B 554 22.86 16.82 17.67
CA TRP B 554 21.62 17.24 17.01
C TRP B 554 21.65 16.84 15.54
N PRO B 555 20.52 16.40 14.98
CA PRO B 555 20.45 16.02 13.56
C PRO B 555 20.36 17.21 12.60
N THR B 556 21.22 18.20 12.80
CA THR B 556 21.36 19.36 11.92
C THR B 556 20.02 20.05 11.64
N ALA B 557 19.97 20.83 10.56
CA ALA B 557 18.76 21.52 10.14
C ALA B 557 18.10 20.86 8.93
N ASP B 558 18.90 20.45 7.94
CA ASP B 558 18.38 19.68 6.81
C ASP B 558 17.94 18.28 7.23
N LEU B 559 18.33 17.84 8.42
CA LEU B 559 17.95 16.58 9.06
C LEU B 559 18.64 15.39 8.39
N SER B 560 19.36 15.60 7.29
CA SER B 560 20.09 14.53 6.63
C SER B 560 21.46 14.28 7.24
N GLY B 561 21.87 15.09 8.22
CA GLY B 561 23.13 14.88 8.91
C GLY B 561 22.99 15.01 10.42
N CYS B 562 24.09 14.96 11.15
CA CYS B 562 24.09 15.17 12.59
C CYS B 562 25.28 16.03 12.98
N TYR B 563 25.07 16.94 13.93
CA TYR B 563 26.14 17.75 14.49
C TYR B 563 26.00 17.79 16.00
N ASN B 564 27.14 17.87 16.68
CA ASN B 564 27.16 17.78 18.13
C ASN B 564 26.36 18.92 18.77
N LEU B 565 25.58 18.58 19.79
CA LEU B 565 24.80 19.59 20.49
C LEU B 565 25.73 20.58 21.18
N PRO B 566 25.38 21.87 21.18
CA PRO B 566 26.24 22.86 21.84
C PRO B 566 26.30 22.65 23.34
N GLU B 567 27.45 22.98 23.91
CA GLU B 567 27.64 22.89 25.35
C GLU B 567 27.06 24.12 26.04
N ASP B 568 26.42 23.91 27.18
CA ASP B 568 25.79 24.97 27.95
C ASP B 568 26.56 25.20 29.24
N TYR B 569 26.75 26.47 29.58
CA TYR B 569 27.43 26.84 30.82
C TYR B 569 26.86 28.17 31.30
N ILE B 570 27.06 28.44 32.58
CA ILE B 570 26.51 29.64 33.20
C ILE B 570 27.35 30.84 32.75
N LYS B 571 26.75 31.70 31.93
CA LYS B 571 27.42 32.88 31.41
C LYS B 571 27.31 34.02 32.41
N TRP B 572 27.64 35.23 31.97
CA TRP B 572 27.56 36.41 32.83
C TRP B 572 26.13 36.80 33.17
N GLU B 573 25.13 36.20 32.52
CA GLU B 573 23.74 36.53 32.77
C GLU B 573 23.27 36.12 34.16
N ASP B 574 24.05 35.33 34.89
CA ASP B 574 23.67 34.90 36.24
C ASP B 574 23.79 36.08 37.21
N ALA B 575 22.68 36.77 37.44
CA ALA B 575 22.69 37.92 38.34
C ALA B 575 23.00 37.50 39.77
N TRP B 576 22.44 36.38 40.22
CA TRP B 576 22.69 35.90 41.58
C TRP B 576 24.16 35.59 41.79
N ALA B 577 24.80 34.94 40.81
CA ALA B 577 26.23 34.68 40.91
C ALA B 577 27.03 35.98 40.91
N ILE B 578 26.63 36.93 40.07
CA ILE B 578 27.30 38.23 40.04
C ILE B 578 27.14 38.94 41.37
N GLY B 579 25.93 38.92 41.94
CA GLY B 579 25.67 39.49 43.23
C GLY B 579 26.48 38.90 44.36
N PRO B 580 26.59 37.57 44.46
CA PRO B 580 27.51 36.99 45.44
C PRO B 580 28.97 37.39 45.22
N VAL B 581 29.37 37.60 43.97
CA VAL B 581 30.74 38.04 43.69
C VAL B 581 30.99 39.41 44.30
N THR B 582 30.03 40.32 44.17
CA THR B 582 30.16 41.63 44.81
C THR B 582 30.20 41.50 46.33
N ILE B 583 29.38 40.59 46.88
CA ILE B 583 29.42 40.33 48.31
C ILE B 583 30.78 39.77 48.72
N ALA B 584 31.31 38.84 47.92
CA ALA B 584 32.64 38.31 48.19
C ALA B 584 33.70 39.40 48.10
N CYS B 585 33.59 40.27 47.11
CA CYS B 585 34.48 41.44 47.05
C CYS B 585 34.25 42.37 48.22
N LEU B 586 32.99 42.53 48.63
CA LEU B 586 32.69 43.37 49.79
C LEU B 586 33.31 42.80 51.05
N GLY B 587 33.29 41.47 51.20
CA GLY B 587 33.95 40.85 52.34
C GLY B 587 35.45 41.11 52.35
N PHE B 588 36.07 41.10 51.18
CA PHE B 588 37.49 41.42 51.08
C PHE B 588 37.75 42.86 51.50
N LEU B 589 36.85 43.77 51.14
CA LEU B 589 36.99 45.17 51.54
C LEU B 589 36.91 45.32 53.05
N CYS B 590 36.01 44.56 53.69
CA CYS B 590 35.91 44.61 55.15
C CYS B 590 37.20 44.13 55.80
N THR B 591 37.80 43.06 55.26
CA THR B 591 39.09 42.59 55.79
C THR B 591 40.18 43.64 55.58
N CYS B 592 40.18 44.30 54.42
CA CYS B 592 41.16 45.36 54.16
C CYS B 592 40.98 46.52 55.14
N ILE B 593 39.73 46.86 55.45
CA ILE B 593 39.46 47.91 56.44
C ILE B 593 39.99 47.48 57.81
N VAL B 594 39.84 46.21 58.14
CA VAL B 594 40.39 45.70 59.40
C VAL B 594 41.91 45.81 59.41
N ILE B 595 42.55 45.46 58.29
CA ILE B 595 44.00 45.58 58.20
C ILE B 595 44.43 47.04 58.29
N THR B 596 43.70 47.93 57.60
CA THR B 596 44.04 49.34 57.63
C THR B 596 43.84 49.94 59.02
N VAL B 597 42.95 49.37 59.82
CA VAL B 597 42.74 49.86 61.18
C VAL B 597 43.99 49.65 62.02
N PHE B 598 44.61 48.48 61.90
CA PHE B 598 45.82 48.19 62.64
C PHE B 598 47.04 48.82 61.94
N ILE B 599 48.11 48.97 62.70
CA ILE B 599 49.34 49.56 62.18
C ILE B 599 49.26 51.08 62.20
N SER B 610 48.84 36.07 71.58
CA SER B 610 48.42 36.93 70.46
C SER B 610 49.19 36.59 69.19
N GLY B 611 49.97 37.55 68.71
CA GLY B 611 50.75 37.37 67.50
C GLY B 611 50.03 37.85 66.26
N ARG B 612 50.82 38.21 65.25
CA ARG B 612 50.29 38.69 63.98
C ARG B 612 50.04 37.58 62.97
N GLU B 613 50.42 36.33 63.29
CA GLU B 613 50.20 35.23 62.37
C GLU B 613 48.72 34.97 62.14
N LEU B 614 47.91 35.09 63.20
CA LEU B 614 46.48 34.83 63.07
C LEU B 614 45.81 35.82 62.13
N CYS B 615 46.20 37.10 62.22
CA CYS B 615 45.60 38.11 61.35
C CYS B 615 45.91 37.83 59.89
N TYR B 616 47.16 37.46 59.58
CA TYR B 616 47.52 37.13 58.21
C TYR B 616 46.82 35.86 57.74
N ILE B 617 46.79 34.84 58.59
CA ILE B 617 46.14 33.58 58.22
C ILE B 617 44.65 33.78 58.02
N LEU B 618 44.01 34.53 58.93
CA LEU B 618 42.57 34.77 58.80
C LEU B 618 42.26 35.56 57.53
N LEU B 619 43.08 36.57 57.22
CA LEU B 619 42.84 37.37 56.03
C LEU B 619 42.98 36.54 54.76
N PHE B 620 43.98 35.66 54.71
CA PHE B 620 44.22 34.86 53.51
C PHE B 620 43.04 33.92 53.22
N GLY B 621 42.51 33.27 54.26
CA GLY B 621 41.41 32.35 54.07
C GLY B 621 40.14 33.05 53.60
N VAL B 622 39.81 34.18 54.22
CA VAL B 622 38.59 34.90 53.84
C VAL B 622 38.69 35.42 52.41
N SER B 623 39.84 36.00 52.06
CA SER B 623 40.03 36.50 50.69
C SER B 623 39.99 35.37 49.68
N LEU B 624 40.61 34.23 50.02
CA LEU B 624 40.59 33.08 49.12
C LEU B 624 39.17 32.57 48.91
N SER B 625 38.38 32.52 49.98
CA SER B 625 36.99 32.08 49.85
C SER B 625 36.19 33.01 48.96
N TYR B 626 36.34 34.32 49.14
CA TYR B 626 35.67 35.27 48.26
C TYR B 626 36.20 35.19 46.84
N CYS B 627 37.52 35.05 46.69
CA CYS B 627 38.12 34.98 45.35
C CYS B 627 37.71 33.70 44.64
N MET B 628 37.62 32.58 45.37
CA MET B 628 37.28 31.31 44.75
C MET B 628 35.88 31.34 44.15
N THR B 629 34.96 32.11 44.74
CA THR B 629 33.61 32.20 44.19
C THR B 629 33.62 32.80 42.79
N PHE B 630 34.41 33.87 42.59
CA PHE B 630 34.53 34.45 41.26
C PHE B 630 35.18 33.48 40.28
N PHE B 631 36.23 32.79 40.72
CA PHE B 631 36.90 31.83 39.85
C PHE B 631 35.98 30.67 39.49
N PHE B 632 35.21 30.18 40.46
CA PHE B 632 34.30 29.06 40.20
C PHE B 632 33.18 29.47 39.26
N ILE B 633 32.75 30.74 39.32
CA ILE B 633 31.65 31.21 38.47
C ILE B 633 32.10 31.51 37.04
N ALA B 634 33.37 31.29 36.72
CA ALA B 634 33.88 31.53 35.37
C ALA B 634 33.45 30.40 34.43
N LYS B 635 33.87 30.50 33.18
CA LYS B 635 33.51 29.50 32.19
C LYS B 635 34.29 28.22 32.46
N PRO B 636 33.62 27.08 32.67
CA PRO B 636 34.36 25.84 32.92
C PRO B 636 35.18 25.42 31.71
N SER B 637 36.34 24.85 32.00
CA SER B 637 37.24 24.35 30.98
C SER B 637 37.91 23.08 31.48
N PRO B 638 38.36 22.22 30.58
CA PRO B 638 39.08 21.01 31.02
C PRO B 638 40.47 21.33 31.55
N VAL B 639 41.08 22.38 30.99
CA VAL B 639 42.41 22.81 31.44
C VAL B 639 42.34 23.37 32.86
N ILE B 640 41.27 24.09 33.18
CA ILE B 640 41.12 24.74 34.48
C ILE B 640 40.22 23.93 35.41
N CYS B 641 40.05 22.64 35.15
CA CYS B 641 39.22 21.80 36.01
C CYS B 641 39.81 21.68 37.41
N ALA B 642 41.14 21.57 37.50
CA ALA B 642 41.79 21.45 38.80
C ALA B 642 41.74 22.74 39.60
N LEU B 643 41.62 23.89 38.93
CA LEU B 643 41.53 25.15 39.65
C LEU B 643 40.28 25.20 40.53
N ARG B 644 39.15 24.73 39.99
CA ARG B 644 37.94 24.64 40.80
C ARG B 644 38.13 23.66 41.95
N ARG B 645 38.76 22.51 41.68
CA ARG B 645 39.14 21.60 42.76
C ARG B 645 40.14 22.27 43.69
N LEU B 646 41.10 23.00 43.13
CA LEU B 646 42.03 23.77 43.96
C LEU B 646 41.32 24.90 44.70
N GLY B 647 40.27 25.46 44.11
CA GLY B 647 39.52 26.51 44.79
C GLY B 647 38.91 26.04 46.10
N LEU B 648 38.39 24.81 46.12
CA LEU B 648 37.88 24.24 47.36
C LEU B 648 38.99 24.09 48.39
N GLY B 649 40.18 23.65 47.95
CA GLY B 649 41.30 23.52 48.86
C GLY B 649 41.76 24.85 49.43
N THR B 650 41.68 25.92 48.64
CA THR B 650 42.11 27.23 49.13
C THR B 650 41.27 27.67 50.32
N SER B 651 39.95 27.47 50.25
CA SER B 651 39.11 27.71 51.42
C SER B 651 39.43 26.73 52.54
N PHE B 652 39.71 25.47 52.19
CA PHE B 652 40.06 24.47 53.19
C PHE B 652 41.37 24.82 53.89
N ALA B 653 42.34 25.34 53.13
CA ALA B 653 43.61 25.74 53.74
C ALA B 653 43.40 26.90 54.72
N ILE B 654 42.53 27.84 54.37
CA ILE B 654 42.23 28.94 55.28
C ILE B 654 41.58 28.43 56.56
N CYS B 655 40.66 27.47 56.41
CA CYS B 655 40.01 26.90 57.59
C CYS B 655 41.00 26.18 58.48
N TYR B 656 41.98 25.48 57.88
CA TYR B 656 43.00 24.82 58.66
C TYR B 656 43.86 25.83 59.41
N SER B 657 44.16 26.97 58.77
CA SER B 657 44.97 27.99 59.43
C SER B 657 44.27 28.54 60.67
N ALA B 658 42.96 28.75 60.59
CA ALA B 658 42.21 29.22 61.75
C ALA B 658 42.26 28.22 62.90
N LEU B 659 42.12 26.93 62.59
CA LEU B 659 42.24 25.91 63.62
C LEU B 659 43.65 25.86 64.20
N LEU B 660 44.67 25.98 63.35
CA LEU B 660 46.05 25.93 63.83
C LEU B 660 46.37 27.14 64.71
N THR B 661 45.95 28.34 64.28
CA THR B 661 46.22 29.53 65.07
C THR B 661 45.49 29.50 66.40
N LYS B 662 44.22 29.05 66.39
CA LYS B 662 43.44 29.00 67.63
C LYS B 662 44.01 27.98 68.60
N THR B 663 44.44 26.83 68.11
CA THR B 663 44.99 25.78 68.96
C THR B 663 46.31 26.20 69.58
N LYS B 681 58.00 29.23 70.71
CA LYS B 681 56.70 29.44 71.34
C LYS B 681 55.65 29.83 70.31
N PHE B 682 55.11 31.05 70.45
CA PHE B 682 54.10 31.53 69.51
C PHE B 682 54.69 31.69 68.11
N ILE B 683 55.91 32.22 68.01
CA ILE B 683 56.55 32.38 66.71
C ILE B 683 56.82 31.02 66.08
N SER B 684 57.33 30.07 66.86
CA SER B 684 57.57 28.73 66.35
C SER B 684 56.31 28.04 65.88
N PRO B 685 55.20 28.07 66.61
CA PRO B 685 53.98 27.40 66.13
C PRO B 685 53.43 27.98 64.84
N SER B 686 53.73 29.24 64.52
CA SER B 686 53.24 29.82 63.28
C SER B 686 53.85 29.11 62.07
N SER B 687 55.15 28.80 62.14
CA SER B 687 55.80 28.07 61.05
C SER B 687 55.22 26.67 60.88
N GLN B 688 54.95 25.99 62.00
CA GLN B 688 54.38 24.66 61.96
C GLN B 688 52.87 24.66 61.78
N VAL B 689 52.22 25.82 61.91
CA VAL B 689 50.77 25.89 61.72
C VAL B 689 50.41 25.91 60.24
N PHE B 690 50.92 26.90 59.51
CA PHE B 690 50.68 26.96 58.07
C PHE B 690 51.29 25.76 57.35
N ILE B 691 52.50 25.38 57.76
CA ILE B 691 53.13 24.19 57.17
C ILE B 691 52.34 22.93 57.53
N CYS B 692 51.78 22.89 58.74
CA CYS B 692 50.98 21.74 59.16
C CYS B 692 49.75 21.56 58.29
N LEU B 693 49.16 22.66 57.82
CA LEU B 693 48.00 22.57 56.94
C LEU B 693 48.35 21.95 55.59
N GLY B 694 49.61 22.03 55.16
CA GLY B 694 50.05 21.46 53.91
C GLY B 694 50.08 22.42 52.75
N LEU B 695 49.39 23.56 52.85
CA LEU B 695 49.35 24.56 51.78
C LEU B 695 48.75 24.01 50.49
N ILE B 696 47.86 23.04 50.61
CA ILE B 696 47.20 22.42 49.46
C ILE B 696 48.24 21.71 48.59
N LEU B 697 49.33 21.26 49.22
CA LEU B 697 50.41 20.57 48.51
C LEU B 697 50.99 21.42 47.38
N VAL B 698 51.10 22.72 47.62
CA VAL B 698 51.61 23.66 46.62
C VAL B 698 50.66 23.65 45.42
N GLN B 699 49.36 23.54 45.69
CA GLN B 699 48.35 23.47 44.64
C GLN B 699 48.44 22.16 43.85
N ILE B 700 48.75 21.06 44.55
CA ILE B 700 48.89 19.76 43.92
C ILE B 700 50.09 19.79 42.97
N VAL B 701 51.16 20.47 43.39
CA VAL B 701 52.34 20.63 42.56
C VAL B 701 52.02 21.57 41.40
N MET B 702 51.48 22.76 41.72
CA MET B 702 51.19 23.78 40.72
C MET B 702 50.15 23.34 39.71
N VAL B 703 49.27 22.41 40.10
CA VAL B 703 48.23 21.92 39.20
C VAL B 703 48.81 21.16 38.03
N ILE B 708 43.09 19.65 32.72
CA ILE B 708 43.83 19.94 33.94
C ILE B 708 42.92 19.84 35.16
N LEU B 709 42.78 18.62 35.69
CA LEU B 709 41.96 18.36 36.86
C LEU B 709 42.27 16.94 37.34
N GLU B 710 41.52 16.48 38.33
CA GLU B 710 41.67 15.10 38.78
C GLU B 710 41.35 14.12 37.65
N THR B 711 40.27 14.36 36.92
CA THR B 711 40.00 13.65 35.69
C THR B 711 40.71 14.36 34.55
N PRO B 712 41.53 13.67 33.76
CA PRO B 712 42.29 14.36 32.70
C PRO B 712 41.41 15.10 31.70
N GLY B 713 40.22 14.57 31.39
CA GLY B 713 39.32 15.18 30.44
C GLY B 713 38.03 15.62 31.10
N THR B 714 37.39 16.63 30.50
CA THR B 714 36.11 17.14 30.97
C THR B 714 35.01 16.58 30.07
N ARG B 715 34.04 15.90 30.67
CA ARG B 715 33.01 15.19 29.93
C ARG B 715 31.85 16.13 29.62
N ARG B 716 31.32 16.00 28.40
CA ARG B 716 30.11 16.72 28.02
C ARG B 716 28.91 15.97 28.59
N TYR B 717 28.25 16.56 29.59
CA TYR B 717 27.13 15.92 30.24
C TYR B 717 25.97 15.76 29.26
N THR B 718 25.58 14.52 29.00
CA THR B 718 24.49 14.21 28.08
C THR B 718 23.51 13.29 28.80
N LEU B 719 22.23 13.63 28.75
CA LEU B 719 21.20 12.81 29.36
C LEU B 719 20.45 12.05 28.26
N PRO B 720 19.95 10.84 28.56
CA PRO B 720 19.29 10.05 27.51
C PRO B 720 18.21 10.80 26.73
N GLU B 721 17.46 11.67 27.38
CA GLU B 721 16.59 12.61 26.67
C GLU B 721 17.43 13.82 26.27
N LYS B 722 17.77 13.91 24.98
CA LYS B 722 18.65 14.96 24.50
C LYS B 722 18.04 16.34 24.72
N ARG B 723 16.93 16.62 24.04
CA ARG B 723 16.16 17.85 24.22
C ARG B 723 17.03 19.09 24.00
N GLU B 724 18.06 18.98 23.18
CA GLU B 724 19.01 20.06 22.93
C GLU B 724 19.59 20.59 24.24
N THR B 725 20.10 19.68 25.06
CA THR B 725 20.62 20.03 26.38
C THR B 725 21.90 19.23 26.63
N VAL B 726 23.04 19.94 26.63
CA VAL B 726 24.34 19.34 26.92
C VAL B 726 25.08 20.24 27.90
N ILE B 727 25.63 19.66 28.95
CA ILE B 727 26.31 20.39 30.01
C ILE B 727 27.78 19.99 30.02
N LEU B 728 28.65 20.93 30.39
CA LEU B 728 30.08 20.66 30.57
C LEU B 728 30.29 20.11 31.97
N LYS B 729 30.77 18.87 32.05
CA LYS B 729 31.01 18.18 33.32
C LYS B 729 32.49 17.85 33.45
N CYS B 730 33.13 18.41 34.47
CA CYS B 730 34.53 18.12 34.70
C CYS B 730 34.72 16.68 35.19
N ASN B 731 35.95 16.20 35.08
CA ASN B 731 36.24 14.82 35.48
C ASN B 731 35.95 14.59 36.96
N VAL B 732 36.30 15.56 37.80
CA VAL B 732 36.05 15.44 39.23
C VAL B 732 34.54 15.49 39.49
N LYS B 733 34.05 14.56 40.30
CA LYS B 733 32.64 14.46 40.62
C LYS B 733 32.24 15.29 41.83
N ASP B 734 33.18 16.06 42.42
CA ASP B 734 32.90 16.87 43.59
C ASP B 734 32.57 16.02 44.81
N SER B 735 33.40 15.02 45.06
CA SER B 735 33.24 14.14 46.21
C SER B 735 34.47 14.11 47.11
N SER B 736 35.67 14.17 46.54
CA SER B 736 36.89 14.18 47.32
C SER B 736 37.26 15.57 47.84
N MET B 737 36.52 16.61 47.43
CA MET B 737 36.80 17.96 47.91
C MET B 737 36.50 18.11 49.39
N LEU B 738 35.69 17.22 49.97
CA LEU B 738 35.40 17.26 51.39
C LEU B 738 36.48 16.64 52.25
N ILE B 739 37.50 16.04 51.64
CA ILE B 739 38.60 15.43 52.39
C ILE B 739 39.73 16.41 52.62
N SER B 740 40.21 17.05 51.55
CA SER B 740 41.29 18.03 51.70
C SER B 740 40.86 19.20 52.55
N LEU B 741 39.66 19.73 52.31
CA LEU B 741 39.12 20.79 53.15
C LEU B 741 38.61 20.27 54.49
N THR B 742 38.27 18.98 54.58
CA THR B 742 37.80 18.41 55.83
C THR B 742 38.89 18.35 56.89
N TYR B 743 40.16 18.42 56.49
CA TYR B 743 41.25 18.45 57.47
C TYR B 743 41.15 19.69 58.34
N ASP B 744 40.83 20.83 57.74
CA ASP B 744 40.62 22.07 58.49
C ASP B 744 39.24 22.13 59.14
N VAL B 745 38.35 21.21 58.81
CA VAL B 745 37.01 21.19 59.41
C VAL B 745 36.93 20.31 60.65
N VAL B 746 37.99 19.56 60.97
CA VAL B 746 38.00 18.71 62.16
C VAL B 746 38.56 19.41 63.39
N LEU B 747 39.38 20.46 63.22
CA LEU B 747 39.92 21.19 64.36
C LEU B 747 38.85 21.96 65.11
N VAL B 748 37.70 22.23 64.48
CA VAL B 748 36.62 22.93 65.17
C VAL B 748 36.04 22.08 66.29
N ILE B 749 35.99 20.75 66.10
CA ILE B 749 35.49 19.86 67.14
C ILE B 749 36.37 19.94 68.38
N LEU B 750 37.69 19.99 68.19
CA LEU B 750 38.59 20.13 69.33
C LEU B 750 38.38 21.45 70.06
N CYS B 751 37.99 22.49 69.34
CA CYS B 751 37.72 23.78 69.96
C CYS B 751 36.30 23.87 70.54
N THR B 752 35.47 22.85 70.35
CA THR B 752 34.13 22.87 70.92
C THR B 752 34.17 22.88 72.44
N VAL B 753 35.06 22.07 73.03
CA VAL B 753 35.21 22.03 74.48
C VAL B 753 36.12 23.13 75.00
N TYR B 754 36.73 23.91 74.12
CA TYR B 754 37.61 25.00 74.56
C TYR B 754 36.79 26.08 75.25
N ALA B 755 37.35 26.62 76.33
CA ALA B 755 36.69 27.67 77.08
C ALA B 755 37.75 28.48 77.82
N PHE B 756 37.35 29.69 78.23
CA PHE B 756 38.26 30.58 78.96
C PHE B 756 39.36 31.08 78.03
N LYS B 757 40.59 31.20 78.56
CA LYS B 757 41.71 31.70 77.79
C LYS B 757 41.53 33.15 77.35
N THR B 758 40.80 33.93 78.13
CA THR B 758 40.53 35.32 77.81
C THR B 758 41.77 36.18 77.99
N GLU B 767 41.56 38.52 75.11
CA GLU B 767 40.23 37.93 75.17
C GLU B 767 40.05 36.86 74.10
N ALA B 768 40.55 35.66 74.36
CA ALA B 768 40.46 34.56 73.41
C ALA B 768 39.17 33.75 73.56
N LYS B 769 38.37 34.02 74.60
CA LYS B 769 37.12 33.27 74.77
C LYS B 769 36.14 33.58 73.65
N PHE B 770 36.04 34.84 73.24
CA PHE B 770 35.09 35.22 72.19
C PHE B 770 35.47 34.62 70.85
N ILE B 771 36.77 34.51 70.56
CA ILE B 771 37.22 33.98 69.28
C ILE B 771 36.78 32.53 69.11
N GLY B 772 36.92 31.73 70.17
CA GLY B 772 36.56 30.33 70.07
C GLY B 772 35.09 30.11 69.80
N PHE B 773 34.22 30.91 70.44
CA PHE B 773 32.78 30.76 70.23
C PHE B 773 32.40 31.06 68.79
N THR B 774 32.98 32.12 68.21
CA THR B 774 32.67 32.46 66.82
C THR B 774 33.13 31.37 65.86
N MET B 775 34.32 30.80 66.10
CA MET B 775 34.83 29.75 65.23
C MET B 775 33.93 28.52 65.26
N TYR B 776 33.45 28.13 66.43
CA TYR B 776 32.54 26.99 66.52
C TYR B 776 31.25 27.24 65.77
N THR B 777 30.69 28.45 65.90
CA THR B 777 29.48 28.79 65.16
C THR B 777 29.74 28.82 63.66
N THR B 778 30.91 29.33 63.26
CA THR B 778 31.24 29.39 61.84
C THR B 778 31.32 28.00 61.23
N CYS B 779 31.93 27.05 61.94
CA CYS B 779 32.01 25.68 61.44
C CYS B 779 30.63 25.04 61.32
N ILE B 780 29.71 25.40 62.21
CA ILE B 780 28.36 24.83 62.15
C ILE B 780 27.65 25.23 60.86
N ILE B 781 27.79 26.50 60.46
CA ILE B 781 27.11 26.97 59.26
C ILE B 781 27.65 26.27 58.02
N TRP B 782 28.96 25.98 58.01
CA TRP B 782 29.56 25.32 56.85
C TRP B 782 29.00 23.92 56.67
N LEU B 783 28.72 23.21 57.77
CA LEU B 783 28.20 21.85 57.66
C LEU B 783 26.83 21.83 56.99
N ALA B 784 25.96 22.79 57.33
CA ALA B 784 24.64 22.85 56.73
C ALA B 784 24.71 23.12 55.24
N PHE B 785 25.62 24.01 54.82
CA PHE B 785 25.75 24.34 53.41
C PHE B 785 26.17 23.13 52.59
N LEU B 786 27.09 22.33 53.10
CA LEU B 786 27.55 21.13 52.39
C LEU B 786 26.42 20.17 52.07
N PRO B 787 25.51 19.85 53.00
CA PRO B 787 24.40 18.96 52.65
C PRO B 787 23.50 19.51 51.56
N ILE B 788 23.33 20.83 51.48
CA ILE B 788 22.49 21.42 50.44
C ILE B 788 23.06 21.14 49.07
N PHE B 789 24.38 21.31 48.90
CA PHE B 789 25.02 21.00 47.63
C PHE B 789 24.95 19.51 47.33
N TYR B 790 25.14 18.67 48.35
CA TYR B 790 25.05 17.22 48.14
C TYR B 790 23.64 16.81 47.72
N VAL B 791 22.62 17.43 48.31
CA VAL B 791 21.24 17.12 47.93
C VAL B 791 20.99 17.48 46.47
N THR B 792 21.47 18.64 46.04
CA THR B 792 21.30 19.08 44.66
C THR B 792 22.36 18.44 43.74
N SER B 793 22.38 17.11 43.76
CA SER B 793 23.28 16.38 42.88
C SER B 793 22.96 16.63 41.42
N SER B 794 21.68 16.61 41.05
CA SER B 794 21.25 16.94 39.72
C SER B 794 21.10 18.45 39.59
N ASP B 795 20.73 18.91 38.38
CA ASP B 795 20.59 20.33 38.09
C ASP B 795 21.92 21.06 38.33
N TYR B 796 22.89 20.71 37.50
CA TYR B 796 24.24 21.26 37.66
C TYR B 796 24.23 22.78 37.55
N ARG B 797 23.43 23.33 36.65
CA ARG B 797 23.32 24.79 36.54
C ARG B 797 22.78 25.37 37.85
N VAL B 798 21.74 24.76 38.40
CA VAL B 798 21.24 25.19 39.71
C VAL B 798 22.22 24.82 40.81
N GLN B 799 22.76 23.60 40.76
CA GLN B 799 23.72 23.16 41.77
C GLN B 799 25.03 23.93 41.70
N THR B 800 25.35 24.53 40.55
CA THR B 800 26.55 25.35 40.46
C THR B 800 26.48 26.55 41.39
N THR B 801 25.30 27.19 41.48
CA THR B 801 25.13 28.32 42.38
C THR B 801 25.25 27.90 43.84
N THR B 802 25.09 26.61 44.15
CA THR B 802 25.25 26.15 45.53
C THR B 802 26.66 26.38 46.03
N MET B 803 27.66 26.09 45.18
CA MET B 803 29.04 26.33 45.58
C MET B 803 29.30 27.81 45.84
N CYS B 804 28.74 28.69 45.01
CA CYS B 804 28.91 30.12 45.22
C CYS B 804 28.27 30.55 46.53
N ILE B 805 27.08 30.04 46.83
CA ILE B 805 26.43 30.36 48.10
C ILE B 805 27.26 29.84 49.27
N SER B 806 27.77 28.61 49.16
CA SER B 806 28.60 28.05 50.22
C SER B 806 29.88 28.85 50.40
N VAL B 807 30.51 29.26 49.29
CA VAL B 807 31.73 30.06 49.37
C VAL B 807 31.46 31.40 50.05
N SER B 808 30.37 32.06 49.67
CA SER B 808 30.01 33.32 50.31
C SER B 808 29.69 33.13 51.78
N LEU B 809 28.98 32.05 52.12
CA LEU B 809 28.64 31.79 53.51
C LEU B 809 29.88 31.54 54.34
N SER B 810 30.85 30.79 53.79
CA SER B 810 32.09 30.53 54.52
C SER B 810 32.86 31.81 54.80
N GLY B 811 32.93 32.70 53.81
CA GLY B 811 33.61 33.97 54.01
C GLY B 811 32.95 34.82 55.07
N PHE B 812 31.62 34.79 55.13
CA PHE B 812 30.91 35.55 56.16
C PHE B 812 31.25 35.04 57.55
N VAL B 813 31.34 33.72 57.72
CA VAL B 813 31.66 33.15 59.02
C VAL B 813 33.09 33.51 59.42
N VAL B 814 34.04 33.35 58.50
CA VAL B 814 35.44 33.66 58.82
C VAL B 814 35.61 35.15 59.08
N LEU B 815 35.02 35.99 58.23
CA LEU B 815 35.14 37.43 58.42
C LEU B 815 34.32 37.91 59.61
N GLY B 816 33.11 37.37 59.78
CA GLY B 816 32.27 37.80 60.88
C GLY B 816 32.82 37.41 62.24
N CYS B 817 33.39 36.21 62.34
CA CYS B 817 33.88 35.70 63.61
C CYS B 817 35.37 36.02 63.83
N LEU B 818 36.23 35.57 62.91
CA LEU B 818 37.65 35.82 63.05
C LEU B 818 37.97 37.31 63.01
N PHE B 819 37.36 38.04 62.08
CA PHE B 819 37.57 39.48 61.98
C PHE B 819 36.75 40.27 62.98
N ALA B 820 35.75 39.64 63.61
CA ALA B 820 34.93 40.36 64.58
C ALA B 820 35.73 40.89 65.77
N PRO B 821 36.63 40.11 66.39
CA PRO B 821 37.41 40.68 67.50
C PRO B 821 38.27 41.87 67.09
N LYS B 822 38.81 41.86 65.88
CA LYS B 822 39.61 43.00 65.42
C LYS B 822 38.72 44.22 65.17
N VAL B 823 37.54 44.01 64.59
CA VAL B 823 36.63 45.12 64.32
C VAL B 823 36.14 45.74 65.63
N HIS B 824 35.80 44.90 66.61
CA HIS B 824 35.32 45.39 67.91
C HIS B 824 36.43 45.93 68.79
N ILE B 825 37.69 45.72 68.43
CA ILE B 825 38.84 46.18 69.22
C ILE B 825 39.57 47.33 68.54
N VAL B 826 40.09 47.09 67.33
CA VAL B 826 40.77 48.15 66.59
C VAL B 826 39.79 49.22 66.15
N LEU B 827 38.65 48.80 65.59
CA LEU B 827 37.64 49.77 65.15
C LEU B 827 36.67 50.11 66.27
N PHE B 828 36.27 49.11 67.06
CA PHE B 828 35.36 49.37 68.18
C PHE B 828 36.00 50.28 69.22
N GLN B 829 37.27 50.05 69.53
CA GLN B 829 38.01 50.86 70.49
C GLN B 829 38.96 51.79 69.75
N PRO B 830 38.77 53.11 69.85
CA PRO B 830 39.67 54.03 69.13
C PRO B 830 41.07 54.10 69.69
N GLN B 831 41.36 53.42 70.80
CA GLN B 831 42.70 53.46 71.37
C GLN B 831 43.72 52.85 70.43
N LYS B 832 43.37 51.74 69.78
CA LYS B 832 44.26 51.09 68.83
C LYS B 832 44.37 51.88 67.53
#